data_3IPZ
# 
_entry.id   3IPZ 
# 
_audit_conform.dict_name       mmcif_pdbx.dic 
_audit_conform.dict_version    5.398 
_audit_conform.dict_location   http://mmcif.pdb.org/dictionaries/ascii/mmcif_pdbx.dic 
# 
loop_
_database_2.database_id 
_database_2.database_code 
_database_2.pdbx_database_accession 
_database_2.pdbx_DOI 
PDB   3IPZ         pdb_00003ipz 10.2210/pdb3ipz/pdb 
RCSB  RCSB054719   ?            ?                   
WWPDB D_1000054719 ?            ?                   
# 
loop_
_pdbx_audit_revision_history.ordinal 
_pdbx_audit_revision_history.data_content_type 
_pdbx_audit_revision_history.major_revision 
_pdbx_audit_revision_history.minor_revision 
_pdbx_audit_revision_history.revision_date 
1 'Structure model' 1 0 2010-06-16 
2 'Structure model' 1 1 2011-07-13 
3 'Structure model' 1 2 2023-09-06 
4 'Structure model' 1 3 2024-11-06 
# 
_pdbx_audit_revision_details.ordinal             1 
_pdbx_audit_revision_details.revision_ordinal    1 
_pdbx_audit_revision_details.data_content_type   'Structure model' 
_pdbx_audit_revision_details.provider            repository 
_pdbx_audit_revision_details.type                'Initial release' 
_pdbx_audit_revision_details.description         ? 
_pdbx_audit_revision_details.details             ? 
# 
loop_
_pdbx_audit_revision_group.ordinal 
_pdbx_audit_revision_group.revision_ordinal 
_pdbx_audit_revision_group.data_content_type 
_pdbx_audit_revision_group.group 
1 2 'Structure model' 'Version format compliance' 
2 3 'Structure model' 'Data collection'           
3 3 'Structure model' 'Database references'       
4 3 'Structure model' 'Refinement description'    
5 4 'Structure model' 'Structure summary'         
# 
loop_
_pdbx_audit_revision_category.ordinal 
_pdbx_audit_revision_category.revision_ordinal 
_pdbx_audit_revision_category.data_content_type 
_pdbx_audit_revision_category.category 
1 3 'Structure model' chem_comp_atom                
2 3 'Structure model' chem_comp_bond                
3 3 'Structure model' database_2                    
4 3 'Structure model' pdbx_initial_refinement_model 
5 4 'Structure model' pdbx_entry_details            
6 4 'Structure model' pdbx_modification_feature     
# 
loop_
_pdbx_audit_revision_item.ordinal 
_pdbx_audit_revision_item.revision_ordinal 
_pdbx_audit_revision_item.data_content_type 
_pdbx_audit_revision_item.item 
1 3 'Structure model' '_database_2.pdbx_DOI'                
2 3 'Structure model' '_database_2.pdbx_database_accession' 
# 
_pdbx_database_status.status_code                     REL 
_pdbx_database_status.entry_id                        3IPZ 
_pdbx_database_status.recvd_initial_deposition_date   2009-08-18 
_pdbx_database_status.deposit_site                    RCSB 
_pdbx_database_status.process_site                    RCSB 
_pdbx_database_status.status_code_sf                  REL 
_pdbx_database_status.status_code_mr                  ? 
_pdbx_database_status.SG_entry                        ? 
_pdbx_database_status.pdb_format_compatible           Y 
_pdbx_database_status.status_code_cs                  ? 
_pdbx_database_status.status_code_nmr_data            ? 
_pdbx_database_status.methods_development_category    ? 
# 
loop_
_audit_author.name 
_audit_author.pdbx_ordinal 
'Li, L.'    1 
'Cheng, N.' 2 
'Wang, X.'  3 
# 
_citation.id                        primary 
_citation.title                     'Structure of Arabidopsis chloroplastic monothiol glutaredoxin AtGRXcp.' 
_citation.journal_abbrev            'Acta Crystallogr.,Sect.D' 
_citation.journal_volume            66 
_citation.page_first                725 
_citation.page_last                 732 
_citation.year                      2010 
_citation.journal_id_ASTM           ABCRE6 
_citation.country                   DK 
_citation.journal_id_ISSN           0907-4449 
_citation.journal_id_CSD            0766 
_citation.book_publisher            ? 
_citation.pdbx_database_id_PubMed   20516625 
_citation.pdbx_database_id_DOI      10.1107/S0907444910013119 
# 
loop_
_citation_author.citation_id 
_citation_author.name 
_citation_author.ordinal 
_citation_author.identifier_ORCID 
primary 'Li, L.'        1 ? 
primary 'Cheng, N.'     2 ? 
primary 'Hirschi, K.D.' 3 ? 
primary 'Wang, X.'      4 ? 
# 
loop_
_entity.id 
_entity.type 
_entity.src_method 
_entity.pdbx_description 
_entity.formula_weight 
_entity.pdbx_number_of_molecules 
_entity.pdbx_ec 
_entity.pdbx_mutation 
_entity.pdbx_fragment 
_entity.details 
1 polymer man 'Monothiol glutaredoxin-S14, chloroplastic' 12354.149 1  ? ? ? ? 
2 water   nat water                                       18.015    84 ? ? ? ? 
# 
_entity_name_com.entity_id   1 
_entity_name_com.name        'AtGrxS14, AtGRXcp, CAX-interacting protein 1, CXIP1' 
# 
_entity_poly.entity_id                      1 
_entity_poly.type                           'polypeptide(L)' 
_entity_poly.nstd_linkage                   no 
_entity_poly.nstd_monomer                   no 
_entity_poly.pdbx_seq_one_letter_code       
;SALTPQLKDTLEKLVNSEKVVLFMKGTRDFPMCGFSNTVVQILKNLNVPFEDVNILENEMLRQGLKEYSNWPTFPQLYIG
GEFFGGCDITLEAFKTGELQEEVEKAMCS
;
_entity_poly.pdbx_seq_one_letter_code_can   
;SALTPQLKDTLEKLVNSEKVVLFMKGTRDFPMCGFSNTVVQILKNLNVPFEDVNILENEMLRQGLKEYSNWPTFPQLYIG
GEFFGGCDITLEAFKTGELQEEVEKAMCS
;
_entity_poly.pdbx_strand_id                 A 
_entity_poly.pdbx_target_identifier         ? 
# 
_pdbx_entity_nonpoly.entity_id   2 
_pdbx_entity_nonpoly.name        water 
_pdbx_entity_nonpoly.comp_id     HOH 
# 
loop_
_entity_poly_seq.entity_id 
_entity_poly_seq.num 
_entity_poly_seq.mon_id 
_entity_poly_seq.hetero 
1 1   SER n 
1 2   ALA n 
1 3   LEU n 
1 4   THR n 
1 5   PRO n 
1 6   GLN n 
1 7   LEU n 
1 8   LYS n 
1 9   ASP n 
1 10  THR n 
1 11  LEU n 
1 12  GLU n 
1 13  LYS n 
1 14  LEU n 
1 15  VAL n 
1 16  ASN n 
1 17  SER n 
1 18  GLU n 
1 19  LYS n 
1 20  VAL n 
1 21  VAL n 
1 22  LEU n 
1 23  PHE n 
1 24  MET n 
1 25  LYS n 
1 26  GLY n 
1 27  THR n 
1 28  ARG n 
1 29  ASP n 
1 30  PHE n 
1 31  PRO n 
1 32  MET n 
1 33  CYS n 
1 34  GLY n 
1 35  PHE n 
1 36  SER n 
1 37  ASN n 
1 38  THR n 
1 39  VAL n 
1 40  VAL n 
1 41  GLN n 
1 42  ILE n 
1 43  LEU n 
1 44  LYS n 
1 45  ASN n 
1 46  LEU n 
1 47  ASN n 
1 48  VAL n 
1 49  PRO n 
1 50  PHE n 
1 51  GLU n 
1 52  ASP n 
1 53  VAL n 
1 54  ASN n 
1 55  ILE n 
1 56  LEU n 
1 57  GLU n 
1 58  ASN n 
1 59  GLU n 
1 60  MET n 
1 61  LEU n 
1 62  ARG n 
1 63  GLN n 
1 64  GLY n 
1 65  LEU n 
1 66  LYS n 
1 67  GLU n 
1 68  TYR n 
1 69  SER n 
1 70  ASN n 
1 71  TRP n 
1 72  PRO n 
1 73  THR n 
1 74  PHE n 
1 75  PRO n 
1 76  GLN n 
1 77  LEU n 
1 78  TYR n 
1 79  ILE n 
1 80  GLY n 
1 81  GLY n 
1 82  GLU n 
1 83  PHE n 
1 84  PHE n 
1 85  GLY n 
1 86  GLY n 
1 87  CYS n 
1 88  ASP n 
1 89  ILE n 
1 90  THR n 
1 91  LEU n 
1 92  GLU n 
1 93  ALA n 
1 94  PHE n 
1 95  LYS n 
1 96  THR n 
1 97  GLY n 
1 98  GLU n 
1 99  LEU n 
1 100 GLN n 
1 101 GLU n 
1 102 GLU n 
1 103 VAL n 
1 104 GLU n 
1 105 LYS n 
1 106 ALA n 
1 107 MET n 
1 108 CYS n 
1 109 SER n 
# 
_entity_src_gen.entity_id                          1 
_entity_src_gen.pdbx_src_id                        1 
_entity_src_gen.pdbx_alt_source_flag               sample 
_entity_src_gen.pdbx_seq_type                      ? 
_entity_src_gen.pdbx_beg_seq_num                   ? 
_entity_src_gen.pdbx_end_seq_num                   ? 
_entity_src_gen.gene_src_common_name               'mouse-ear cress' 
_entity_src_gen.gene_src_genus                     ? 
_entity_src_gen.pdbx_gene_src_gene                 'GRXS14, CXIP1, At3g54900, F28P10.120' 
_entity_src_gen.gene_src_species                   ? 
_entity_src_gen.gene_src_strain                    ? 
_entity_src_gen.gene_src_tissue                    ? 
_entity_src_gen.gene_src_tissue_fraction           ? 
_entity_src_gen.gene_src_details                   ? 
_entity_src_gen.pdbx_gene_src_fragment             ? 
_entity_src_gen.pdbx_gene_src_scientific_name      'Arabidopsis thaliana' 
_entity_src_gen.pdbx_gene_src_ncbi_taxonomy_id     3702 
_entity_src_gen.pdbx_gene_src_variant              ? 
_entity_src_gen.pdbx_gene_src_cell_line            ? 
_entity_src_gen.pdbx_gene_src_atcc                 ? 
_entity_src_gen.pdbx_gene_src_organ                ? 
_entity_src_gen.pdbx_gene_src_organelle            ? 
_entity_src_gen.pdbx_gene_src_cell                 ? 
_entity_src_gen.pdbx_gene_src_cellular_location    ? 
_entity_src_gen.host_org_common_name               ? 
_entity_src_gen.pdbx_host_org_scientific_name      'Escherichia coli' 
_entity_src_gen.pdbx_host_org_ncbi_taxonomy_id     469008 
_entity_src_gen.host_org_genus                     ? 
_entity_src_gen.pdbx_host_org_gene                 ? 
_entity_src_gen.pdbx_host_org_organ                ? 
_entity_src_gen.host_org_species                   ? 
_entity_src_gen.pdbx_host_org_tissue               ? 
_entity_src_gen.pdbx_host_org_tissue_fraction      ? 
_entity_src_gen.pdbx_host_org_strain               'BL21(DE3)' 
_entity_src_gen.pdbx_host_org_variant              ? 
_entity_src_gen.pdbx_host_org_cell_line            ? 
_entity_src_gen.pdbx_host_org_atcc                 ? 
_entity_src_gen.pdbx_host_org_culture_collection   ? 
_entity_src_gen.pdbx_host_org_cell                 ? 
_entity_src_gen.pdbx_host_org_organelle            ? 
_entity_src_gen.pdbx_host_org_cellular_location    ? 
_entity_src_gen.pdbx_host_org_vector_type          plasmid 
_entity_src_gen.pdbx_host_org_vector               ? 
_entity_src_gen.host_org_details                   ? 
_entity_src_gen.expression_system_id               ? 
_entity_src_gen.plasmid_name                       pET41a 
_entity_src_gen.plasmid_details                    ? 
_entity_src_gen.pdbx_description                   ? 
# 
loop_
_chem_comp.id 
_chem_comp.type 
_chem_comp.mon_nstd_flag 
_chem_comp.name 
_chem_comp.pdbx_synonyms 
_chem_comp.formula 
_chem_comp.formula_weight 
ALA 'L-peptide linking' y ALANINE         ? 'C3 H7 N O2'     89.093  
ARG 'L-peptide linking' y ARGININE        ? 'C6 H15 N4 O2 1' 175.209 
ASN 'L-peptide linking' y ASPARAGINE      ? 'C4 H8 N2 O3'    132.118 
ASP 'L-peptide linking' y 'ASPARTIC ACID' ? 'C4 H7 N O4'     133.103 
CYS 'L-peptide linking' y CYSTEINE        ? 'C3 H7 N O2 S'   121.158 
GLN 'L-peptide linking' y GLUTAMINE       ? 'C5 H10 N2 O3'   146.144 
GLU 'L-peptide linking' y 'GLUTAMIC ACID' ? 'C5 H9 N O4'     147.129 
GLY 'peptide linking'   y GLYCINE         ? 'C2 H5 N O2'     75.067  
HOH non-polymer         . WATER           ? 'H2 O'           18.015  
ILE 'L-peptide linking' y ISOLEUCINE      ? 'C6 H13 N O2'    131.173 
LEU 'L-peptide linking' y LEUCINE         ? 'C6 H13 N O2'    131.173 
LYS 'L-peptide linking' y LYSINE          ? 'C6 H15 N2 O2 1' 147.195 
MET 'L-peptide linking' y METHIONINE      ? 'C5 H11 N O2 S'  149.211 
PHE 'L-peptide linking' y PHENYLALANINE   ? 'C9 H11 N O2'    165.189 
PRO 'L-peptide linking' y PROLINE         ? 'C5 H9 N O2'     115.130 
SER 'L-peptide linking' y SERINE          ? 'C3 H7 N O3'     105.093 
THR 'L-peptide linking' y THREONINE       ? 'C4 H9 N O3'     119.119 
TRP 'L-peptide linking' y TRYPTOPHAN      ? 'C11 H12 N2 O2'  204.225 
TYR 'L-peptide linking' y TYROSINE        ? 'C9 H11 N O3'    181.189 
VAL 'L-peptide linking' y VALINE          ? 'C5 H11 N O2'    117.146 
# 
loop_
_pdbx_poly_seq_scheme.asym_id 
_pdbx_poly_seq_scheme.entity_id 
_pdbx_poly_seq_scheme.seq_id 
_pdbx_poly_seq_scheme.mon_id 
_pdbx_poly_seq_scheme.ndb_seq_num 
_pdbx_poly_seq_scheme.pdb_seq_num 
_pdbx_poly_seq_scheme.auth_seq_num 
_pdbx_poly_seq_scheme.pdb_mon_id 
_pdbx_poly_seq_scheme.auth_mon_id 
_pdbx_poly_seq_scheme.pdb_strand_id 
_pdbx_poly_seq_scheme.pdb_ins_code 
_pdbx_poly_seq_scheme.hetero 
A 1 1   SER 1   65  65  SER SER A . n 
A 1 2   ALA 2   66  66  ALA ALA A . n 
A 1 3   LEU 3   67  67  LEU LEU A . n 
A 1 4   THR 4   68  68  THR THR A . n 
A 1 5   PRO 5   69  69  PRO PRO A . n 
A 1 6   GLN 6   70  70  GLN GLN A . n 
A 1 7   LEU 7   71  71  LEU LEU A . n 
A 1 8   LYS 8   72  72  LYS LYS A . n 
A 1 9   ASP 9   73  73  ASP ASP A . n 
A 1 10  THR 10  74  74  THR THR A . n 
A 1 11  LEU 11  75  75  LEU LEU A . n 
A 1 12  GLU 12  76  76  GLU GLU A . n 
A 1 13  LYS 13  77  77  LYS LYS A . n 
A 1 14  LEU 14  78  78  LEU LEU A . n 
A 1 15  VAL 15  79  79  VAL VAL A . n 
A 1 16  ASN 16  80  80  ASN ASN A . n 
A 1 17  SER 17  81  81  SER SER A . n 
A 1 18  GLU 18  82  82  GLU GLU A . n 
A 1 19  LYS 19  83  83  LYS LYS A . n 
A 1 20  VAL 20  84  84  VAL VAL A . n 
A 1 21  VAL 21  85  85  VAL VAL A . n 
A 1 22  LEU 22  86  86  LEU LEU A . n 
A 1 23  PHE 23  87  87  PHE PHE A . n 
A 1 24  MET 24  88  88  MET MET A . n 
A 1 25  LYS 25  89  89  LYS LYS A . n 
A 1 26  GLY 26  90  90  GLY GLY A . n 
A 1 27  THR 27  91  91  THR THR A . n 
A 1 28  ARG 28  92  92  ARG ARG A . n 
A 1 29  ASP 29  93  93  ASP ASP A . n 
A 1 30  PHE 30  94  94  PHE PHE A . n 
A 1 31  PRO 31  95  95  PRO PRO A . n 
A 1 32  MET 32  96  96  MET MET A . n 
A 1 33  CYS 33  97  97  CYS CYS A . n 
A 1 34  GLY 34  98  98  GLY GLY A . n 
A 1 35  PHE 35  99  99  PHE PHE A . n 
A 1 36  SER 36  100 100 SER SER A . n 
A 1 37  ASN 37  101 101 ASN ASN A . n 
A 1 38  THR 38  102 102 THR THR A . n 
A 1 39  VAL 39  103 103 VAL VAL A . n 
A 1 40  VAL 40  104 104 VAL VAL A . n 
A 1 41  GLN 41  105 105 GLN GLN A . n 
A 1 42  ILE 42  106 106 ILE ILE A . n 
A 1 43  LEU 43  107 107 LEU LEU A . n 
A 1 44  LYS 44  108 108 LYS LYS A . n 
A 1 45  ASN 45  109 109 ASN ASN A . n 
A 1 46  LEU 46  110 110 LEU LEU A . n 
A 1 47  ASN 47  111 111 ASN ASN A . n 
A 1 48  VAL 48  112 112 VAL VAL A . n 
A 1 49  PRO 49  113 113 PRO PRO A . n 
A 1 50  PHE 50  114 114 PHE PHE A . n 
A 1 51  GLU 51  115 115 GLU GLU A . n 
A 1 52  ASP 52  116 116 ASP ASP A . n 
A 1 53  VAL 53  117 117 VAL VAL A . n 
A 1 54  ASN 54  118 118 ASN ASN A . n 
A 1 55  ILE 55  119 119 ILE ILE A . n 
A 1 56  LEU 56  120 120 LEU LEU A . n 
A 1 57  GLU 57  121 121 GLU GLU A . n 
A 1 58  ASN 58  122 122 ASN ASN A . n 
A 1 59  GLU 59  123 123 GLU GLU A . n 
A 1 60  MET 60  124 124 MET MET A . n 
A 1 61  LEU 61  125 125 LEU LEU A . n 
A 1 62  ARG 62  126 126 ARG ARG A . n 
A 1 63  GLN 63  127 127 GLN GLN A . n 
A 1 64  GLY 64  128 128 GLY GLY A . n 
A 1 65  LEU 65  129 129 LEU LEU A . n 
A 1 66  LYS 66  130 130 LYS LYS A . n 
A 1 67  GLU 67  131 131 GLU GLU A . n 
A 1 68  TYR 68  132 132 TYR TYR A . n 
A 1 69  SER 69  133 133 SER SER A . n 
A 1 70  ASN 70  134 134 ASN ASN A . n 
A 1 71  TRP 71  135 135 TRP TRP A . n 
A 1 72  PRO 72  136 136 PRO PRO A . n 
A 1 73  THR 73  137 137 THR THR A . n 
A 1 74  PHE 74  138 138 PHE PHE A . n 
A 1 75  PRO 75  139 139 PRO PRO A . n 
A 1 76  GLN 76  140 140 GLN GLN A . n 
A 1 77  LEU 77  141 141 LEU LEU A . n 
A 1 78  TYR 78  142 142 TYR TYR A . n 
A 1 79  ILE 79  143 143 ILE ILE A . n 
A 1 80  GLY 80  144 144 GLY GLY A . n 
A 1 81  GLY 81  145 145 GLY GLY A . n 
A 1 82  GLU 82  146 146 GLU GLU A . n 
A 1 83  PHE 83  147 147 PHE PHE A . n 
A 1 84  PHE 84  148 148 PHE PHE A . n 
A 1 85  GLY 85  149 149 GLY GLY A . n 
A 1 86  GLY 86  150 150 GLY GLY A . n 
A 1 87  CYS 87  151 151 CYS CYS A . n 
A 1 88  ASP 88  152 152 ASP ASP A . n 
A 1 89  ILE 89  153 153 ILE ILE A . n 
A 1 90  THR 90  154 154 THR THR A . n 
A 1 91  LEU 91  155 155 LEU LEU A . n 
A 1 92  GLU 92  156 156 GLU GLU A . n 
A 1 93  ALA 93  157 157 ALA ALA A . n 
A 1 94  PHE 94  158 158 PHE PHE A . n 
A 1 95  LYS 95  159 159 LYS LYS A . n 
A 1 96  THR 96  160 160 THR THR A . n 
A 1 97  GLY 97  161 161 GLY GLY A . n 
A 1 98  GLU 98  162 162 GLU GLU A . n 
A 1 99  LEU 99  163 163 LEU LEU A . n 
A 1 100 GLN 100 164 164 GLN GLN A . n 
A 1 101 GLU 101 165 165 GLU GLU A . n 
A 1 102 GLU 102 166 166 GLU GLU A . n 
A 1 103 VAL 103 167 167 VAL VAL A . n 
A 1 104 GLU 104 168 168 GLU GLU A . n 
A 1 105 LYS 105 169 169 LYS LYS A . n 
A 1 106 ALA 106 170 170 ALA ALA A . n 
A 1 107 MET 107 171 171 MET MET A . n 
A 1 108 CYS 108 172 172 CYS CYS A . n 
A 1 109 SER 109 173 173 SER SER A . n 
# 
loop_
_pdbx_nonpoly_scheme.asym_id 
_pdbx_nonpoly_scheme.entity_id 
_pdbx_nonpoly_scheme.mon_id 
_pdbx_nonpoly_scheme.ndb_seq_num 
_pdbx_nonpoly_scheme.pdb_seq_num 
_pdbx_nonpoly_scheme.auth_seq_num 
_pdbx_nonpoly_scheme.pdb_mon_id 
_pdbx_nonpoly_scheme.auth_mon_id 
_pdbx_nonpoly_scheme.pdb_strand_id 
_pdbx_nonpoly_scheme.pdb_ins_code 
B 2 HOH 1  1   1  HOH WAT A . 
B 2 HOH 2  2   2  HOH WAT A . 
B 2 HOH 3  3   3  HOH WAT A . 
B 2 HOH 4  4   4  HOH WAT A . 
B 2 HOH 5  5   5  HOH WAT A . 
B 2 HOH 6  6   6  HOH WAT A . 
B 2 HOH 7  7   7  HOH WAT A . 
B 2 HOH 8  8   8  HOH WAT A . 
B 2 HOH 9  9   9  HOH WAT A . 
B 2 HOH 10 10  10 HOH WAT A . 
B 2 HOH 11 11  11 HOH WAT A . 
B 2 HOH 12 12  12 HOH WAT A . 
B 2 HOH 13 13  13 HOH WAT A . 
B 2 HOH 14 14  14 HOH WAT A . 
B 2 HOH 15 15  15 HOH WAT A . 
B 2 HOH 16 16  16 HOH WAT A . 
B 2 HOH 17 17  17 HOH WAT A . 
B 2 HOH 18 18  18 HOH WAT A . 
B 2 HOH 19 19  19 HOH WAT A . 
B 2 HOH 20 20  20 HOH WAT A . 
B 2 HOH 21 21  21 HOH WAT A . 
B 2 HOH 22 22  22 HOH WAT A . 
B 2 HOH 23 23  23 HOH WAT A . 
B 2 HOH 24 24  24 HOH WAT A . 
B 2 HOH 25 25  25 HOH WAT A . 
B 2 HOH 26 26  26 HOH WAT A . 
B 2 HOH 27 27  27 HOH WAT A . 
B 2 HOH 28 28  28 HOH WAT A . 
B 2 HOH 29 29  29 HOH WAT A . 
B 2 HOH 30 30  30 HOH WAT A . 
B 2 HOH 31 31  31 HOH WAT A . 
B 2 HOH 32 32  32 HOH WAT A . 
B 2 HOH 33 33  33 HOH WAT A . 
B 2 HOH 34 34  34 HOH WAT A . 
B 2 HOH 35 35  35 HOH WAT A . 
B 2 HOH 36 36  36 HOH WAT A . 
B 2 HOH 37 37  37 HOH WAT A . 
B 2 HOH 38 38  38 HOH WAT A . 
B 2 HOH 39 39  39 HOH WAT A . 
B 2 HOH 40 40  40 HOH WAT A . 
B 2 HOH 41 41  41 HOH WAT A . 
B 2 HOH 42 42  42 HOH WAT A . 
B 2 HOH 43 43  43 HOH WAT A . 
B 2 HOH 44 44  44 HOH WAT A . 
B 2 HOH 45 45  45 HOH WAT A . 
B 2 HOH 46 46  46 HOH WAT A . 
B 2 HOH 47 47  47 HOH WAT A . 
B 2 HOH 48 48  48 HOH WAT A . 
B 2 HOH 49 49  49 HOH WAT A . 
B 2 HOH 50 50  50 HOH WAT A . 
B 2 HOH 51 51  51 HOH WAT A . 
B 2 HOH 52 52  52 HOH WAT A . 
B 2 HOH 53 53  53 HOH WAT A . 
B 2 HOH 54 54  54 HOH WAT A . 
B 2 HOH 55 55  55 HOH WAT A . 
B 2 HOH 56 56  56 HOH WAT A . 
B 2 HOH 57 57  57 HOH WAT A . 
B 2 HOH 58 58  58 HOH WAT A . 
B 2 HOH 59 59  59 HOH WAT A . 
B 2 HOH 60 60  60 HOH WAT A . 
B 2 HOH 61 61  61 HOH WAT A . 
B 2 HOH 62 62  62 HOH WAT A . 
B 2 HOH 63 63  63 HOH WAT A . 
B 2 HOH 64 64  64 HOH WAT A . 
B 2 HOH 65 174 65 HOH WAT A . 
B 2 HOH 66 175 66 HOH WAT A . 
B 2 HOH 67 176 67 HOH WAT A . 
B 2 HOH 68 177 68 HOH WAT A . 
B 2 HOH 69 178 69 HOH WAT A . 
B 2 HOH 70 179 70 HOH WAT A . 
B 2 HOH 71 180 71 HOH WAT A . 
B 2 HOH 72 181 72 HOH WAT A . 
B 2 HOH 73 182 73 HOH WAT A . 
B 2 HOH 74 183 74 HOH WAT A . 
B 2 HOH 75 184 75 HOH WAT A . 
B 2 HOH 76 185 76 HOH WAT A . 
B 2 HOH 77 186 77 HOH WAT A . 
B 2 HOH 78 187 78 HOH WAT A . 
B 2 HOH 79 188 79 HOH WAT A . 
B 2 HOH 80 189 80 HOH WAT A . 
B 2 HOH 81 190 81 HOH WAT A . 
B 2 HOH 82 191 82 HOH WAT A . 
B 2 HOH 83 192 83 HOH WAT A . 
B 2 HOH 84 193 84 HOH WAT A . 
# 
loop_
_software.name 
_software.classification 
_software.version 
_software.citation_id 
_software.pdbx_ordinal 
CrystalClear 'data collection' .   ? 1 
PHASER       phasing           .   ? 2 
CNS          refinement        1.2 ? 3 
HKL-2000     'data reduction'  .   ? 4 
HKL-2000     'data scaling'    .   ? 5 
# 
_cell.entry_id           3IPZ 
_cell.length_a           81.404 
_cell.length_b           81.404 
_cell.length_c           55.438 
_cell.angle_alpha        90.00 
_cell.angle_beta         90.00 
_cell.angle_gamma        120.00 
_cell.Z_PDB              6 
_cell.pdbx_unique_axis   ? 
_cell.length_a_esd       ? 
_cell.length_b_esd       ? 
_cell.length_c_esd       ? 
_cell.angle_alpha_esd    ? 
_cell.angle_beta_esd     ? 
_cell.angle_gamma_esd    ? 
# 
_symmetry.entry_id                         3IPZ 
_symmetry.space_group_name_H-M             'P 3 2 1' 
_symmetry.pdbx_full_space_group_name_H-M   ? 
_symmetry.cell_setting                     ? 
_symmetry.Int_Tables_number                150 
_symmetry.space_group_name_Hall            ? 
# 
_exptl.entry_id          3IPZ 
_exptl.method            'X-RAY DIFFRACTION' 
_exptl.crystals_number   1 
# 
_exptl_crystal.id                    1 
_exptl_crystal.density_meas          ? 
_exptl_crystal.density_Matthews      4.29 
_exptl_crystal.density_percent_sol   71.34 
_exptl_crystal.description           ? 
_exptl_crystal.F_000                 ? 
_exptl_crystal.preparation           ? 
# 
_exptl_crystal_grow.crystal_id      1 
_exptl_crystal_grow.method          EVAPORATION 
_exptl_crystal_grow.temp            293 
_exptl_crystal_grow.temp_details    ? 
_exptl_crystal_grow.pH              8.5 
_exptl_crystal_grow.pdbx_details    '10% MPD, 1.0M PBS, pH 8.5, EVAPORATION, temperature 293K' 
_exptl_crystal_grow.pdbx_pH_range   ? 
# 
_diffrn.id                     1 
_diffrn.ambient_temp           93 
_diffrn.ambient_temp_details   ? 
_diffrn.crystal_id             1 
# 
_diffrn_detector.diffrn_id              1 
_diffrn_detector.detector               'IMAGE PLATE' 
_diffrn_detector.type                   'RIGAKU RAXIS IV++' 
_diffrn_detector.pdbx_collection_date   2007-05-22 
_diffrn_detector.details                'Blue Max-Flux Confocal Optical' 
# 
_diffrn_radiation.diffrn_id                        1 
_diffrn_radiation.wavelength_id                    1 
_diffrn_radiation.pdbx_monochromatic_or_laue_m_l   M 
_diffrn_radiation.monochromator                    ? 
_diffrn_radiation.pdbx_diffrn_protocol             'SINGLE WAVELENGTH' 
_diffrn_radiation.pdbx_scattering_type             x-ray 
# 
_diffrn_radiation_wavelength.id           1 
_diffrn_radiation_wavelength.wavelength   1.5418 
_diffrn_radiation_wavelength.wt           1.0 
# 
_diffrn_source.diffrn_id                   1 
_diffrn_source.source                      'ROTATING ANODE' 
_diffrn_source.type                        'RIGAKU RUH3R' 
_diffrn_source.pdbx_synchrotron_site       ? 
_diffrn_source.pdbx_synchrotron_beamline   ? 
_diffrn_source.pdbx_wavelength             ? 
_diffrn_source.pdbx_wavelength_list        1.5418 
# 
_reflns.entry_id                     3IPZ 
_reflns.observed_criterion_sigma_I   -3 
_reflns.observed_criterion_sigma_F   ? 
_reflns.d_resolution_low             100 
_reflns.d_resolution_high            2.4 
_reflns.number_obs                   8608 
_reflns.number_all                   8608 
_reflns.percent_possible_obs         99.8 
_reflns.pdbx_Rmerge_I_obs            0.067 
_reflns.pdbx_Rsym_value              ? 
_reflns.pdbx_netI_over_sigmaI        21.4 
_reflns.B_iso_Wilson_estimate        33.4 
_reflns.pdbx_redundancy              6.9 
_reflns.R_free_details               ? 
_reflns.limit_h_max                  ? 
_reflns.limit_h_min                  ? 
_reflns.limit_k_max                  ? 
_reflns.limit_k_min                  ? 
_reflns.limit_l_max                  ? 
_reflns.limit_l_min                  ? 
_reflns.observed_criterion_F_max     ? 
_reflns.observed_criterion_F_min     ? 
_reflns.pdbx_chi_squared             ? 
_reflns.pdbx_scaling_rejects         ? 
_reflns.pdbx_diffrn_id               1 
_reflns.pdbx_ordinal                 1 
# 
_reflns_shell.d_res_high             2.4 
_reflns_shell.d_res_low              2.49 
_reflns_shell.percent_possible_all   100 
_reflns_shell.Rmerge_I_obs           0.410 
_reflns_shell.pdbx_Rsym_value        ? 
_reflns_shell.meanI_over_sigI_obs    3.9 
_reflns_shell.pdbx_redundancy        7.1 
_reflns_shell.percent_possible_obs   ? 
_reflns_shell.number_unique_all      833 
_reflns_shell.number_measured_all    ? 
_reflns_shell.number_measured_obs    ? 
_reflns_shell.number_unique_obs      ? 
_reflns_shell.pdbx_chi_squared       ? 
_reflns_shell.pdbx_diffrn_id         ? 
_reflns_shell.pdbx_ordinal           1 
# 
_refine.entry_id                                 3IPZ 
_refine.ls_number_reflns_obs                     8345 
_refine.ls_number_reflns_all                     ? 
_refine.pdbx_ls_sigma_I                          ? 
_refine.pdbx_ls_sigma_F                          0.0 
_refine.pdbx_data_cutoff_high_absF               163876.01 
_refine.pdbx_data_cutoff_low_absF                0.000000 
_refine.pdbx_data_cutoff_high_rms_absF           ? 
_refine.ls_d_res_low                             24.02 
_refine.ls_d_res_high                            2.40 
_refine.ls_percent_reflns_obs                    97.5 
_refine.ls_R_factor_obs                          0.191 
_refine.ls_R_factor_all                          ? 
_refine.ls_R_factor_R_work                       0.191 
_refine.ls_R_factor_R_free                       0.226 
_refine.ls_R_factor_R_free_error                 0.008 
_refine.ls_R_factor_R_free_error_details         ? 
_refine.ls_percent_reflns_R_free                 10.7 
_refine.ls_number_reflns_R_free                  893 
_refine.ls_number_parameters                     ? 
_refine.ls_number_restraints                     ? 
_refine.occupancy_min                            ? 
_refine.occupancy_max                            ? 
_refine.correlation_coeff_Fo_to_Fc               ? 
_refine.correlation_coeff_Fo_to_Fc_free          ? 
_refine.B_iso_mean                               46.0 
_refine.aniso_B[1][1]                            1.21 
_refine.aniso_B[2][2]                            1.21 
_refine.aniso_B[3][3]                            -2.43 
_refine.aniso_B[1][2]                            0.00 
_refine.aniso_B[1][3]                            0.00 
_refine.aniso_B[2][3]                            0.00 
_refine.solvent_model_details                    'FLAT MODEL' 
_refine.solvent_model_param_ksol                 0.35 
_refine.solvent_model_param_bsol                 54.4796 
_refine.pdbx_solvent_vdw_probe_radii             ? 
_refine.pdbx_solvent_ion_probe_radii             ? 
_refine.pdbx_solvent_shrinkage_radii             ? 
_refine.pdbx_ls_cross_valid_method               THROUGHOUT 
_refine.details                                  'BULK SOLVENT MODEL USED' 
_refine.pdbx_starting_model                      'PDB entry 1YKA' 
_refine.pdbx_method_to_determine_struct          'MOLECULAR REPLACEMENT' 
_refine.pdbx_isotropic_thermal_model             RESTRAINED 
_refine.pdbx_stereochemistry_target_values       'Engh & Huber' 
_refine.pdbx_stereochem_target_val_spec_case     ? 
_refine.pdbx_R_Free_selection_details            RANDOM 
_refine.pdbx_overall_ESU_R                       ? 
_refine.pdbx_overall_ESU_R_Free                  ? 
_refine.overall_SU_ML                            ? 
_refine.overall_SU_B                             ? 
_refine.ls_redundancy_reflns_obs                 ? 
_refine.B_iso_min                                ? 
_refine.B_iso_max                                ? 
_refine.overall_SU_R_Cruickshank_DPI             ? 
_refine.overall_SU_R_free                        ? 
_refine.ls_wR_factor_R_free                      ? 
_refine.ls_wR_factor_R_work                      ? 
_refine.overall_FOM_free_R_set                   ? 
_refine.overall_FOM_work_R_set                   ? 
_refine.pdbx_overall_phase_error                 ? 
_refine.pdbx_refine_id                           'X-RAY DIFFRACTION' 
_refine.pdbx_diffrn_id                           1 
_refine.pdbx_TLS_residual_ADP_flag               ? 
_refine.pdbx_overall_SU_R_free_Cruickshank_DPI   ? 
_refine.pdbx_overall_SU_R_Blow_DPI               ? 
_refine.pdbx_overall_SU_R_free_Blow_DPI          ? 
# 
_refine_analyze.entry_id                        3IPZ 
_refine_analyze.Luzzati_coordinate_error_obs    0.26 
_refine_analyze.Luzzati_sigma_a_obs             0.24 
_refine_analyze.Luzzati_d_res_low_obs           5.00 
_refine_analyze.Luzzati_coordinate_error_free   0.33 
_refine_analyze.Luzzati_sigma_a_free            0.34 
_refine_analyze.Luzzati_d_res_low_free          ? 
_refine_analyze.number_disordered_residues      ? 
_refine_analyze.occupancy_sum_hydrogen          ? 
_refine_analyze.occupancy_sum_non_hydrogen      ? 
_refine_analyze.pdbx_Luzzati_d_res_high_obs     ? 
_refine_analyze.pdbx_refine_id                  'X-RAY DIFFRACTION' 
# 
_refine_hist.pdbx_refine_id                   'X-RAY DIFFRACTION' 
_refine_hist.cycle_id                         LAST 
_refine_hist.pdbx_number_atoms_protein        865 
_refine_hist.pdbx_number_atoms_nucleic_acid   0 
_refine_hist.pdbx_number_atoms_ligand         0 
_refine_hist.number_atoms_solvent             84 
_refine_hist.number_atoms_total               949 
_refine_hist.d_res_high                       2.40 
_refine_hist.d_res_low                        24.02 
# 
loop_
_refine_ls_restr.type 
_refine_ls_restr.dev_ideal 
_refine_ls_restr.dev_ideal_target 
_refine_ls_restr.weight 
_refine_ls_restr.number 
_refine_ls_restr.pdbx_refine_id 
_refine_ls_restr.pdbx_restraint_function 
c_bond_d           0.008 ? ? ? 'X-RAY DIFFRACTION' ? 
c_angle_deg        1.3   ? ? ? 'X-RAY DIFFRACTION' ? 
c_dihedral_angle_d 22.1  ? ? ? 'X-RAY DIFFRACTION' ? 
c_improper_angle_d 0.84  ? ? ? 'X-RAY DIFFRACTION' ? 
# 
_refine_ls_restr_ncs.pdbx_refine_id      'X-RAY DIFFRACTION' 
_refine_ls_restr_ncs.dom_id              1 
_refine_ls_restr_ncs.ncs_model_details   NONE 
_refine_ls_restr_ncs.rms_dev_position    ? 
_refine_ls_restr_ncs.weight_position     ? 
_refine_ls_restr_ncs.rms_dev_B_iso       ? 
_refine_ls_restr_ncs.weight_B_iso        ? 
_refine_ls_restr_ncs.pdbx_ordinal        1 
_refine_ls_restr_ncs.pdbx_type           . 
_refine_ls_restr_ncs.pdbx_auth_asym_id   . 
_refine_ls_restr_ncs.pdbx_ens_id         1 
_refine_ls_restr_ncs.pdbx_number         ? 
_refine_ls_restr_ncs.pdbx_asym_id        ? 
_refine_ls_restr_ncs.pdbx_rms            ? 
_refine_ls_restr_ncs.pdbx_weight         ? 
# 
_refine_ls_shell.pdbx_total_number_of_bins_used   6 
_refine_ls_shell.d_res_high                       2.40 
_refine_ls_shell.d_res_low                        2.55 
_refine_ls_shell.number_reflns_R_work             1171 
_refine_ls_shell.R_factor_R_work                  0.249 
_refine_ls_shell.percent_reflns_obs               94.0 
_refine_ls_shell.R_factor_R_free                  0.296 
_refine_ls_shell.R_factor_R_free_error            0.025 
_refine_ls_shell.percent_reflns_R_free            10.4 
_refine_ls_shell.number_reflns_R_free             136 
_refine_ls_shell.number_reflns_all                ? 
_refine_ls_shell.R_factor_all                     ? 
_refine_ls_shell.number_reflns_obs                ? 
_refine_ls_shell.redundancy_reflns_obs            ? 
_refine_ls_shell.pdbx_refine_id                   'X-RAY DIFFRACTION' 
# 
loop_
_pdbx_xplor_file.serial_no 
_pdbx_xplor_file.param_file 
_pdbx_xplor_file.topol_file 
_pdbx_xplor_file.pdbx_refine_id 
1 protein_rep.param protein.top 'X-RAY DIFFRACTION' 
3 water_rep.param   water.top   'X-RAY DIFFRACTION' 
# 
_struct_ncs_dom.id            1 
_struct_ncs_dom.details       ? 
_struct_ncs_dom.pdbx_ens_id   1 
# 
_struct_ncs_ens.id        1 
_struct_ncs_ens.details   ? 
# 
_struct.entry_id                  3IPZ 
_struct.title                     'Crystal structure of Arabidopsis monothiol glutaredoxin AtGRXcp' 
_struct.pdbx_model_details        ? 
_struct.pdbx_CASP_flag            ? 
_struct.pdbx_model_type_details   ? 
# 
_struct_keywords.entry_id        3IPZ 
_struct_keywords.pdbx_keywords   'ELECTRON TRANSPORT, OXIDOREDUCTASE' 
_struct_keywords.text            
'glutaredoxin, monothiol, Chloroplast, Electron transport, Plastid, Redox-active center, Transit peptide, Transport, OXIDOREDUCTASE' 
# 
loop_
_struct_asym.id 
_struct_asym.pdbx_blank_PDB_chainid_flag 
_struct_asym.pdbx_modified 
_struct_asym.entity_id 
_struct_asym.details 
A N N 1 ? 
B N N 2 ? 
# 
_struct_ref.id                         1 
_struct_ref.db_name                    UNP 
_struct_ref.db_code                    GRS14_ARATH 
_struct_ref.pdbx_db_accession          Q84Y95 
_struct_ref.entity_id                  1 
_struct_ref.pdbx_seq_one_letter_code   
;ASALTPQLKDTLEKLVNSEKVVLFMKGTRDFPMCGFSNTVVQILKNLNVPFEDVNILENEMLRQGLKEYSNWPTFPQLYI
GGEFFGGCDITLEAFKTGELQEEVEKAMCS
;
_struct_ref.pdbx_align_begin           64 
_struct_ref.pdbx_db_isoform            ? 
# 
_struct_ref_seq.align_id                      1 
_struct_ref_seq.ref_id                        1 
_struct_ref_seq.pdbx_PDB_id_code              3IPZ 
_struct_ref_seq.pdbx_strand_id                A 
_struct_ref_seq.seq_align_beg                 1 
_struct_ref_seq.pdbx_seq_align_beg_ins_code   ? 
_struct_ref_seq.seq_align_end                 109 
_struct_ref_seq.pdbx_seq_align_end_ins_code   ? 
_struct_ref_seq.pdbx_db_accession             Q84Y95 
_struct_ref_seq.db_align_beg                  65 
_struct_ref_seq.pdbx_db_align_beg_ins_code    ? 
_struct_ref_seq.db_align_end                  173 
_struct_ref_seq.pdbx_db_align_end_ins_code    ? 
_struct_ref_seq.pdbx_auth_seq_align_beg       65 
_struct_ref_seq.pdbx_auth_seq_align_end       173 
# 
loop_
_pdbx_struct_assembly.id 
_pdbx_struct_assembly.details 
_pdbx_struct_assembly.method_details 
_pdbx_struct_assembly.oligomeric_details 
_pdbx_struct_assembly.oligomeric_count 
1 author_defined_assembly   ?    monomeric 1 
2 software_defined_assembly PISA trimeric  3 
# 
loop_
_pdbx_struct_assembly_prop.biol_id 
_pdbx_struct_assembly_prop.type 
_pdbx_struct_assembly_prop.value 
_pdbx_struct_assembly_prop.details 
2 'ABSA (A^2)' 2700  ? 
2 MORE         -22   ? 
2 'SSA (A^2)'  16050 ? 
# 
loop_
_pdbx_struct_assembly_gen.assembly_id 
_pdbx_struct_assembly_gen.oper_expression 
_pdbx_struct_assembly_gen.asym_id_list 
1 1     A,B 
2 1,2,3 A,B 
# 
loop_
_pdbx_struct_oper_list.id 
_pdbx_struct_oper_list.type 
_pdbx_struct_oper_list.name 
_pdbx_struct_oper_list.symmetry_operation 
_pdbx_struct_oper_list.matrix[1][1] 
_pdbx_struct_oper_list.matrix[1][2] 
_pdbx_struct_oper_list.matrix[1][3] 
_pdbx_struct_oper_list.vector[1] 
_pdbx_struct_oper_list.matrix[2][1] 
_pdbx_struct_oper_list.matrix[2][2] 
_pdbx_struct_oper_list.matrix[2][3] 
_pdbx_struct_oper_list.vector[2] 
_pdbx_struct_oper_list.matrix[3][1] 
_pdbx_struct_oper_list.matrix[3][2] 
_pdbx_struct_oper_list.matrix[3][3] 
_pdbx_struct_oper_list.vector[3] 
1 'identity operation'         1_555 x,y,z       1.0000000000  0.0000000000  0.0000000000  0.0000000000   0.0000000000  1.0000000000 0.0000000000  0.0000000000   0.0000000000  0.0000000000  1.0000000000 0.0000000000   
2 'crystal symmetry operation' 2_545 -y,x-y-1,z  -0.3787687606 -0.8996949572 -0.2169866585 -28.3649550685 0.3765603831  0.0643549138 -0.9241540580 -12.9827449196 0.8454209034  -0.4317492664 0.3144138468 0.1363938771   
3 'crystal symmetry operation' 3_655 -x+y+1,-x,z -0.3787687606 0.3765603831  0.8454209034  -5.9702817104  -0.8996949572 0.0643549138 -0.4317492664 -24.6254156500 -0.2169866585 -0.9241540580 0.3144138468 -18.1957573434 
# 
_struct_biol.id        1 
_struct_biol.details   ? 
# 
loop_
_struct_conf.conf_type_id 
_struct_conf.id 
_struct_conf.pdbx_PDB_helix_id 
_struct_conf.beg_label_comp_id 
_struct_conf.beg_label_asym_id 
_struct_conf.beg_label_seq_id 
_struct_conf.pdbx_beg_PDB_ins_code 
_struct_conf.end_label_comp_id 
_struct_conf.end_label_asym_id 
_struct_conf.end_label_seq_id 
_struct_conf.pdbx_end_PDB_ins_code 
_struct_conf.beg_auth_comp_id 
_struct_conf.beg_auth_asym_id 
_struct_conf.beg_auth_seq_id 
_struct_conf.end_auth_comp_id 
_struct_conf.end_auth_asym_id 
_struct_conf.end_auth_seq_id 
_struct_conf.pdbx_PDB_helix_class 
_struct_conf.details 
_struct_conf.pdbx_PDB_helix_length 
HELX_P HELX_P1 1 THR A 4  ? ASN A 16  ? THR A 68  ASN A 80  1 ? 13 
HELX_P HELX_P2 2 CYS A 33 ? LEU A 46  ? CYS A 97  LEU A 110 1 ? 14 
HELX_P HELX_P3 3 ASN A 58 ? ASN A 70  ? ASN A 122 ASN A 134 1 ? 13 
HELX_P HELX_P4 4 GLY A 86 ? GLY A 97  ? GLY A 150 GLY A 161 1 ? 12 
HELX_P HELX_P5 5 GLY A 97 ? SER A 109 ? GLY A 161 SER A 173 1 ? 13 
# 
_struct_conf_type.id          HELX_P 
_struct_conf_type.criteria    ? 
_struct_conf_type.reference   ? 
# 
_struct_conn.id                            disulf1 
_struct_conn.conn_type_id                  disulf 
_struct_conn.pdbx_leaving_atom_flag        ? 
_struct_conn.pdbx_PDB_id                   ? 
_struct_conn.ptnr1_label_asym_id           A 
_struct_conn.ptnr1_label_comp_id           CYS 
_struct_conn.ptnr1_label_seq_id            108 
_struct_conn.ptnr1_label_atom_id           SG 
_struct_conn.pdbx_ptnr1_label_alt_id       ? 
_struct_conn.pdbx_ptnr1_PDB_ins_code       ? 
_struct_conn.pdbx_ptnr1_standard_comp_id   ? 
_struct_conn.ptnr1_symmetry                1_555 
_struct_conn.ptnr2_label_asym_id           A 
_struct_conn.ptnr2_label_comp_id           CYS 
_struct_conn.ptnr2_label_seq_id            108 
_struct_conn.ptnr2_label_atom_id           SG 
_struct_conn.pdbx_ptnr2_label_alt_id       ? 
_struct_conn.pdbx_ptnr2_PDB_ins_code       ? 
_struct_conn.ptnr1_auth_asym_id            A 
_struct_conn.ptnr1_auth_comp_id            CYS 
_struct_conn.ptnr1_auth_seq_id             172 
_struct_conn.ptnr2_auth_asym_id            A 
_struct_conn.ptnr2_auth_comp_id            CYS 
_struct_conn.ptnr2_auth_seq_id             172 
_struct_conn.ptnr2_symmetry                6_554 
_struct_conn.pdbx_ptnr3_label_atom_id      ? 
_struct_conn.pdbx_ptnr3_label_seq_id       ? 
_struct_conn.pdbx_ptnr3_label_comp_id      ? 
_struct_conn.pdbx_ptnr3_label_asym_id      ? 
_struct_conn.pdbx_ptnr3_label_alt_id       ? 
_struct_conn.pdbx_ptnr3_PDB_ins_code       ? 
_struct_conn.details                       ? 
_struct_conn.pdbx_dist_value               2.083 
_struct_conn.pdbx_value_order              ? 
_struct_conn.pdbx_role                     ? 
# 
_struct_conn_type.id          disulf 
_struct_conn_type.criteria    ? 
_struct_conn_type.reference   ? 
# 
_pdbx_modification_feature.ordinal                            1 
_pdbx_modification_feature.label_comp_id                      CYS 
_pdbx_modification_feature.label_asym_id                      A 
_pdbx_modification_feature.label_seq_id                       108 
_pdbx_modification_feature.label_alt_id                       ? 
_pdbx_modification_feature.modified_residue_label_comp_id     CYS 
_pdbx_modification_feature.modified_residue_label_asym_id     A 
_pdbx_modification_feature.modified_residue_label_seq_id      108 
_pdbx_modification_feature.modified_residue_label_alt_id      ? 
_pdbx_modification_feature.auth_comp_id                       CYS 
_pdbx_modification_feature.auth_asym_id                       A 
_pdbx_modification_feature.auth_seq_id                        172 
_pdbx_modification_feature.PDB_ins_code                       ? 
_pdbx_modification_feature.symmetry                           1_555 
_pdbx_modification_feature.modified_residue_auth_comp_id      CYS 
_pdbx_modification_feature.modified_residue_auth_asym_id      A 
_pdbx_modification_feature.modified_residue_auth_seq_id       172 
_pdbx_modification_feature.modified_residue_PDB_ins_code      ? 
_pdbx_modification_feature.modified_residue_symmetry          6_554 
_pdbx_modification_feature.comp_id_linking_atom               SG 
_pdbx_modification_feature.modified_residue_id_linking_atom   SG 
_pdbx_modification_feature.modified_residue_id                . 
_pdbx_modification_feature.ref_pcm_id                         . 
_pdbx_modification_feature.ref_comp_id                        . 
_pdbx_modification_feature.type                               None 
_pdbx_modification_feature.category                           'Disulfide bridge' 
# 
_struct_mon_prot_cis.pdbx_id                1 
_struct_mon_prot_cis.label_comp_id          PHE 
_struct_mon_prot_cis.label_seq_id           74 
_struct_mon_prot_cis.label_asym_id          A 
_struct_mon_prot_cis.label_alt_id           . 
_struct_mon_prot_cis.pdbx_PDB_ins_code      ? 
_struct_mon_prot_cis.auth_comp_id           PHE 
_struct_mon_prot_cis.auth_seq_id            138 
_struct_mon_prot_cis.auth_asym_id           A 
_struct_mon_prot_cis.pdbx_label_comp_id_2   PRO 
_struct_mon_prot_cis.pdbx_label_seq_id_2    75 
_struct_mon_prot_cis.pdbx_label_asym_id_2   A 
_struct_mon_prot_cis.pdbx_PDB_ins_code_2    ? 
_struct_mon_prot_cis.pdbx_auth_comp_id_2    PRO 
_struct_mon_prot_cis.pdbx_auth_seq_id_2     139 
_struct_mon_prot_cis.pdbx_auth_asym_id_2    A 
_struct_mon_prot_cis.pdbx_PDB_model_num     1 
_struct_mon_prot_cis.pdbx_omega_angle       0.64 
# 
_struct_sheet.id               A 
_struct_sheet.type             ? 
_struct_sheet.number_strands   4 
_struct_sheet.details          ? 
# 
loop_
_struct_sheet_order.sheet_id 
_struct_sheet_order.range_id_1 
_struct_sheet_order.range_id_2 
_struct_sheet_order.offset 
_struct_sheet_order.sense 
A 1 2 ? parallel      
A 2 3 ? anti-parallel 
A 3 4 ? anti-parallel 
# 
loop_
_struct_sheet_range.sheet_id 
_struct_sheet_range.id 
_struct_sheet_range.beg_label_comp_id 
_struct_sheet_range.beg_label_asym_id 
_struct_sheet_range.beg_label_seq_id 
_struct_sheet_range.pdbx_beg_PDB_ins_code 
_struct_sheet_range.end_label_comp_id 
_struct_sheet_range.end_label_asym_id 
_struct_sheet_range.end_label_seq_id 
_struct_sheet_range.pdbx_end_PDB_ins_code 
_struct_sheet_range.beg_auth_comp_id 
_struct_sheet_range.beg_auth_asym_id 
_struct_sheet_range.beg_auth_seq_id 
_struct_sheet_range.end_auth_comp_id 
_struct_sheet_range.end_auth_asym_id 
_struct_sheet_range.end_auth_seq_id 
A 1 GLU A 51 ? ASN A 54 ? GLU A 115 ASN A 118 
A 2 VAL A 20 ? MET A 24 ? VAL A 84  MET A 88  
A 3 GLN A 76 ? ILE A 79 ? GLN A 140 ILE A 143 
A 4 GLU A 82 ? GLY A 85 ? GLU A 146 GLY A 149 
# 
loop_
_pdbx_struct_sheet_hbond.sheet_id 
_pdbx_struct_sheet_hbond.range_id_1 
_pdbx_struct_sheet_hbond.range_id_2 
_pdbx_struct_sheet_hbond.range_1_label_atom_id 
_pdbx_struct_sheet_hbond.range_1_label_comp_id 
_pdbx_struct_sheet_hbond.range_1_label_asym_id 
_pdbx_struct_sheet_hbond.range_1_label_seq_id 
_pdbx_struct_sheet_hbond.range_1_PDB_ins_code 
_pdbx_struct_sheet_hbond.range_1_auth_atom_id 
_pdbx_struct_sheet_hbond.range_1_auth_comp_id 
_pdbx_struct_sheet_hbond.range_1_auth_asym_id 
_pdbx_struct_sheet_hbond.range_1_auth_seq_id 
_pdbx_struct_sheet_hbond.range_2_label_atom_id 
_pdbx_struct_sheet_hbond.range_2_label_comp_id 
_pdbx_struct_sheet_hbond.range_2_label_asym_id 
_pdbx_struct_sheet_hbond.range_2_label_seq_id 
_pdbx_struct_sheet_hbond.range_2_PDB_ins_code 
_pdbx_struct_sheet_hbond.range_2_auth_atom_id 
_pdbx_struct_sheet_hbond.range_2_auth_comp_id 
_pdbx_struct_sheet_hbond.range_2_auth_asym_id 
_pdbx_struct_sheet_hbond.range_2_auth_seq_id 
A 1 2 O GLU A 51 ? O GLU A 115 N LEU A 22 ? N LEU A 86  
A 2 3 N PHE A 23 ? N PHE A 87  O GLN A 76 ? O GLN A 140 
A 3 4 N LEU A 77 ? N LEU A 141 O PHE A 84 ? O PHE A 148 
# 
_pdbx_entry_details.entry_id                   3IPZ 
_pdbx_entry_details.compound_details           ? 
_pdbx_entry_details.source_details             ? 
_pdbx_entry_details.nonpolymer_details         ? 
_pdbx_entry_details.sequence_details           ? 
_pdbx_entry_details.has_ligand_of_interest     ? 
_pdbx_entry_details.has_protein_modification   Y 
# 
_pdbx_validate_torsion.id              1 
_pdbx_validate_torsion.PDB_model_num   1 
_pdbx_validate_torsion.auth_comp_id    ASN 
_pdbx_validate_torsion.auth_asym_id    A 
_pdbx_validate_torsion.auth_seq_id     122 
_pdbx_validate_torsion.PDB_ins_code    ? 
_pdbx_validate_torsion.label_alt_id    ? 
_pdbx_validate_torsion.phi             165.31 
_pdbx_validate_torsion.psi             90.69 
# 
loop_
_chem_comp_atom.comp_id 
_chem_comp_atom.atom_id 
_chem_comp_atom.type_symbol 
_chem_comp_atom.pdbx_aromatic_flag 
_chem_comp_atom.pdbx_stereo_config 
_chem_comp_atom.pdbx_ordinal 
ALA N    N N N 1   
ALA CA   C N S 2   
ALA C    C N N 3   
ALA O    O N N 4   
ALA CB   C N N 5   
ALA OXT  O N N 6   
ALA H    H N N 7   
ALA H2   H N N 8   
ALA HA   H N N 9   
ALA HB1  H N N 10  
ALA HB2  H N N 11  
ALA HB3  H N N 12  
ALA HXT  H N N 13  
ARG N    N N N 14  
ARG CA   C N S 15  
ARG C    C N N 16  
ARG O    O N N 17  
ARG CB   C N N 18  
ARG CG   C N N 19  
ARG CD   C N N 20  
ARG NE   N N N 21  
ARG CZ   C N N 22  
ARG NH1  N N N 23  
ARG NH2  N N N 24  
ARG OXT  O N N 25  
ARG H    H N N 26  
ARG H2   H N N 27  
ARG HA   H N N 28  
ARG HB2  H N N 29  
ARG HB3  H N N 30  
ARG HG2  H N N 31  
ARG HG3  H N N 32  
ARG HD2  H N N 33  
ARG HD3  H N N 34  
ARG HE   H N N 35  
ARG HH11 H N N 36  
ARG HH12 H N N 37  
ARG HH21 H N N 38  
ARG HH22 H N N 39  
ARG HXT  H N N 40  
ASN N    N N N 41  
ASN CA   C N S 42  
ASN C    C N N 43  
ASN O    O N N 44  
ASN CB   C N N 45  
ASN CG   C N N 46  
ASN OD1  O N N 47  
ASN ND2  N N N 48  
ASN OXT  O N N 49  
ASN H    H N N 50  
ASN H2   H N N 51  
ASN HA   H N N 52  
ASN HB2  H N N 53  
ASN HB3  H N N 54  
ASN HD21 H N N 55  
ASN HD22 H N N 56  
ASN HXT  H N N 57  
ASP N    N N N 58  
ASP CA   C N S 59  
ASP C    C N N 60  
ASP O    O N N 61  
ASP CB   C N N 62  
ASP CG   C N N 63  
ASP OD1  O N N 64  
ASP OD2  O N N 65  
ASP OXT  O N N 66  
ASP H    H N N 67  
ASP H2   H N N 68  
ASP HA   H N N 69  
ASP HB2  H N N 70  
ASP HB3  H N N 71  
ASP HD2  H N N 72  
ASP HXT  H N N 73  
CYS N    N N N 74  
CYS CA   C N R 75  
CYS C    C N N 76  
CYS O    O N N 77  
CYS CB   C N N 78  
CYS SG   S N N 79  
CYS OXT  O N N 80  
CYS H    H N N 81  
CYS H2   H N N 82  
CYS HA   H N N 83  
CYS HB2  H N N 84  
CYS HB3  H N N 85  
CYS HG   H N N 86  
CYS HXT  H N N 87  
GLN N    N N N 88  
GLN CA   C N S 89  
GLN C    C N N 90  
GLN O    O N N 91  
GLN CB   C N N 92  
GLN CG   C N N 93  
GLN CD   C N N 94  
GLN OE1  O N N 95  
GLN NE2  N N N 96  
GLN OXT  O N N 97  
GLN H    H N N 98  
GLN H2   H N N 99  
GLN HA   H N N 100 
GLN HB2  H N N 101 
GLN HB3  H N N 102 
GLN HG2  H N N 103 
GLN HG3  H N N 104 
GLN HE21 H N N 105 
GLN HE22 H N N 106 
GLN HXT  H N N 107 
GLU N    N N N 108 
GLU CA   C N S 109 
GLU C    C N N 110 
GLU O    O N N 111 
GLU CB   C N N 112 
GLU CG   C N N 113 
GLU CD   C N N 114 
GLU OE1  O N N 115 
GLU OE2  O N N 116 
GLU OXT  O N N 117 
GLU H    H N N 118 
GLU H2   H N N 119 
GLU HA   H N N 120 
GLU HB2  H N N 121 
GLU HB3  H N N 122 
GLU HG2  H N N 123 
GLU HG3  H N N 124 
GLU HE2  H N N 125 
GLU HXT  H N N 126 
GLY N    N N N 127 
GLY CA   C N N 128 
GLY C    C N N 129 
GLY O    O N N 130 
GLY OXT  O N N 131 
GLY H    H N N 132 
GLY H2   H N N 133 
GLY HA2  H N N 134 
GLY HA3  H N N 135 
GLY HXT  H N N 136 
HOH O    O N N 137 
HOH H1   H N N 138 
HOH H2   H N N 139 
ILE N    N N N 140 
ILE CA   C N S 141 
ILE C    C N N 142 
ILE O    O N N 143 
ILE CB   C N S 144 
ILE CG1  C N N 145 
ILE CG2  C N N 146 
ILE CD1  C N N 147 
ILE OXT  O N N 148 
ILE H    H N N 149 
ILE H2   H N N 150 
ILE HA   H N N 151 
ILE HB   H N N 152 
ILE HG12 H N N 153 
ILE HG13 H N N 154 
ILE HG21 H N N 155 
ILE HG22 H N N 156 
ILE HG23 H N N 157 
ILE HD11 H N N 158 
ILE HD12 H N N 159 
ILE HD13 H N N 160 
ILE HXT  H N N 161 
LEU N    N N N 162 
LEU CA   C N S 163 
LEU C    C N N 164 
LEU O    O N N 165 
LEU CB   C N N 166 
LEU CG   C N N 167 
LEU CD1  C N N 168 
LEU CD2  C N N 169 
LEU OXT  O N N 170 
LEU H    H N N 171 
LEU H2   H N N 172 
LEU HA   H N N 173 
LEU HB2  H N N 174 
LEU HB3  H N N 175 
LEU HG   H N N 176 
LEU HD11 H N N 177 
LEU HD12 H N N 178 
LEU HD13 H N N 179 
LEU HD21 H N N 180 
LEU HD22 H N N 181 
LEU HD23 H N N 182 
LEU HXT  H N N 183 
LYS N    N N N 184 
LYS CA   C N S 185 
LYS C    C N N 186 
LYS O    O N N 187 
LYS CB   C N N 188 
LYS CG   C N N 189 
LYS CD   C N N 190 
LYS CE   C N N 191 
LYS NZ   N N N 192 
LYS OXT  O N N 193 
LYS H    H N N 194 
LYS H2   H N N 195 
LYS HA   H N N 196 
LYS HB2  H N N 197 
LYS HB3  H N N 198 
LYS HG2  H N N 199 
LYS HG3  H N N 200 
LYS HD2  H N N 201 
LYS HD3  H N N 202 
LYS HE2  H N N 203 
LYS HE3  H N N 204 
LYS HZ1  H N N 205 
LYS HZ2  H N N 206 
LYS HZ3  H N N 207 
LYS HXT  H N N 208 
MET N    N N N 209 
MET CA   C N S 210 
MET C    C N N 211 
MET O    O N N 212 
MET CB   C N N 213 
MET CG   C N N 214 
MET SD   S N N 215 
MET CE   C N N 216 
MET OXT  O N N 217 
MET H    H N N 218 
MET H2   H N N 219 
MET HA   H N N 220 
MET HB2  H N N 221 
MET HB3  H N N 222 
MET HG2  H N N 223 
MET HG3  H N N 224 
MET HE1  H N N 225 
MET HE2  H N N 226 
MET HE3  H N N 227 
MET HXT  H N N 228 
PHE N    N N N 229 
PHE CA   C N S 230 
PHE C    C N N 231 
PHE O    O N N 232 
PHE CB   C N N 233 
PHE CG   C Y N 234 
PHE CD1  C Y N 235 
PHE CD2  C Y N 236 
PHE CE1  C Y N 237 
PHE CE2  C Y N 238 
PHE CZ   C Y N 239 
PHE OXT  O N N 240 
PHE H    H N N 241 
PHE H2   H N N 242 
PHE HA   H N N 243 
PHE HB2  H N N 244 
PHE HB3  H N N 245 
PHE HD1  H N N 246 
PHE HD2  H N N 247 
PHE HE1  H N N 248 
PHE HE2  H N N 249 
PHE HZ   H N N 250 
PHE HXT  H N N 251 
PRO N    N N N 252 
PRO CA   C N S 253 
PRO C    C N N 254 
PRO O    O N N 255 
PRO CB   C N N 256 
PRO CG   C N N 257 
PRO CD   C N N 258 
PRO OXT  O N N 259 
PRO H    H N N 260 
PRO HA   H N N 261 
PRO HB2  H N N 262 
PRO HB3  H N N 263 
PRO HG2  H N N 264 
PRO HG3  H N N 265 
PRO HD2  H N N 266 
PRO HD3  H N N 267 
PRO HXT  H N N 268 
SER N    N N N 269 
SER CA   C N S 270 
SER C    C N N 271 
SER O    O N N 272 
SER CB   C N N 273 
SER OG   O N N 274 
SER OXT  O N N 275 
SER H    H N N 276 
SER H2   H N N 277 
SER HA   H N N 278 
SER HB2  H N N 279 
SER HB3  H N N 280 
SER HG   H N N 281 
SER HXT  H N N 282 
THR N    N N N 283 
THR CA   C N S 284 
THR C    C N N 285 
THR O    O N N 286 
THR CB   C N R 287 
THR OG1  O N N 288 
THR CG2  C N N 289 
THR OXT  O N N 290 
THR H    H N N 291 
THR H2   H N N 292 
THR HA   H N N 293 
THR HB   H N N 294 
THR HG1  H N N 295 
THR HG21 H N N 296 
THR HG22 H N N 297 
THR HG23 H N N 298 
THR HXT  H N N 299 
TRP N    N N N 300 
TRP CA   C N S 301 
TRP C    C N N 302 
TRP O    O N N 303 
TRP CB   C N N 304 
TRP CG   C Y N 305 
TRP CD1  C Y N 306 
TRP CD2  C Y N 307 
TRP NE1  N Y N 308 
TRP CE2  C Y N 309 
TRP CE3  C Y N 310 
TRP CZ2  C Y N 311 
TRP CZ3  C Y N 312 
TRP CH2  C Y N 313 
TRP OXT  O N N 314 
TRP H    H N N 315 
TRP H2   H N N 316 
TRP HA   H N N 317 
TRP HB2  H N N 318 
TRP HB3  H N N 319 
TRP HD1  H N N 320 
TRP HE1  H N N 321 
TRP HE3  H N N 322 
TRP HZ2  H N N 323 
TRP HZ3  H N N 324 
TRP HH2  H N N 325 
TRP HXT  H N N 326 
TYR N    N N N 327 
TYR CA   C N S 328 
TYR C    C N N 329 
TYR O    O N N 330 
TYR CB   C N N 331 
TYR CG   C Y N 332 
TYR CD1  C Y N 333 
TYR CD2  C Y N 334 
TYR CE1  C Y N 335 
TYR CE2  C Y N 336 
TYR CZ   C Y N 337 
TYR OH   O N N 338 
TYR OXT  O N N 339 
TYR H    H N N 340 
TYR H2   H N N 341 
TYR HA   H N N 342 
TYR HB2  H N N 343 
TYR HB3  H N N 344 
TYR HD1  H N N 345 
TYR HD2  H N N 346 
TYR HE1  H N N 347 
TYR HE2  H N N 348 
TYR HH   H N N 349 
TYR HXT  H N N 350 
VAL N    N N N 351 
VAL CA   C N S 352 
VAL C    C N N 353 
VAL O    O N N 354 
VAL CB   C N N 355 
VAL CG1  C N N 356 
VAL CG2  C N N 357 
VAL OXT  O N N 358 
VAL H    H N N 359 
VAL H2   H N N 360 
VAL HA   H N N 361 
VAL HB   H N N 362 
VAL HG11 H N N 363 
VAL HG12 H N N 364 
VAL HG13 H N N 365 
VAL HG21 H N N 366 
VAL HG22 H N N 367 
VAL HG23 H N N 368 
VAL HXT  H N N 369 
# 
loop_
_chem_comp_bond.comp_id 
_chem_comp_bond.atom_id_1 
_chem_comp_bond.atom_id_2 
_chem_comp_bond.value_order 
_chem_comp_bond.pdbx_aromatic_flag 
_chem_comp_bond.pdbx_stereo_config 
_chem_comp_bond.pdbx_ordinal 
ALA N   CA   sing N N 1   
ALA N   H    sing N N 2   
ALA N   H2   sing N N 3   
ALA CA  C    sing N N 4   
ALA CA  CB   sing N N 5   
ALA CA  HA   sing N N 6   
ALA C   O    doub N N 7   
ALA C   OXT  sing N N 8   
ALA CB  HB1  sing N N 9   
ALA CB  HB2  sing N N 10  
ALA CB  HB3  sing N N 11  
ALA OXT HXT  sing N N 12  
ARG N   CA   sing N N 13  
ARG N   H    sing N N 14  
ARG N   H2   sing N N 15  
ARG CA  C    sing N N 16  
ARG CA  CB   sing N N 17  
ARG CA  HA   sing N N 18  
ARG C   O    doub N N 19  
ARG C   OXT  sing N N 20  
ARG CB  CG   sing N N 21  
ARG CB  HB2  sing N N 22  
ARG CB  HB3  sing N N 23  
ARG CG  CD   sing N N 24  
ARG CG  HG2  sing N N 25  
ARG CG  HG3  sing N N 26  
ARG CD  NE   sing N N 27  
ARG CD  HD2  sing N N 28  
ARG CD  HD3  sing N N 29  
ARG NE  CZ   sing N N 30  
ARG NE  HE   sing N N 31  
ARG CZ  NH1  sing N N 32  
ARG CZ  NH2  doub N N 33  
ARG NH1 HH11 sing N N 34  
ARG NH1 HH12 sing N N 35  
ARG NH2 HH21 sing N N 36  
ARG NH2 HH22 sing N N 37  
ARG OXT HXT  sing N N 38  
ASN N   CA   sing N N 39  
ASN N   H    sing N N 40  
ASN N   H2   sing N N 41  
ASN CA  C    sing N N 42  
ASN CA  CB   sing N N 43  
ASN CA  HA   sing N N 44  
ASN C   O    doub N N 45  
ASN C   OXT  sing N N 46  
ASN CB  CG   sing N N 47  
ASN CB  HB2  sing N N 48  
ASN CB  HB3  sing N N 49  
ASN CG  OD1  doub N N 50  
ASN CG  ND2  sing N N 51  
ASN ND2 HD21 sing N N 52  
ASN ND2 HD22 sing N N 53  
ASN OXT HXT  sing N N 54  
ASP N   CA   sing N N 55  
ASP N   H    sing N N 56  
ASP N   H2   sing N N 57  
ASP CA  C    sing N N 58  
ASP CA  CB   sing N N 59  
ASP CA  HA   sing N N 60  
ASP C   O    doub N N 61  
ASP C   OXT  sing N N 62  
ASP CB  CG   sing N N 63  
ASP CB  HB2  sing N N 64  
ASP CB  HB3  sing N N 65  
ASP CG  OD1  doub N N 66  
ASP CG  OD2  sing N N 67  
ASP OD2 HD2  sing N N 68  
ASP OXT HXT  sing N N 69  
CYS N   CA   sing N N 70  
CYS N   H    sing N N 71  
CYS N   H2   sing N N 72  
CYS CA  C    sing N N 73  
CYS CA  CB   sing N N 74  
CYS CA  HA   sing N N 75  
CYS C   O    doub N N 76  
CYS C   OXT  sing N N 77  
CYS CB  SG   sing N N 78  
CYS CB  HB2  sing N N 79  
CYS CB  HB3  sing N N 80  
CYS SG  HG   sing N N 81  
CYS OXT HXT  sing N N 82  
GLN N   CA   sing N N 83  
GLN N   H    sing N N 84  
GLN N   H2   sing N N 85  
GLN CA  C    sing N N 86  
GLN CA  CB   sing N N 87  
GLN CA  HA   sing N N 88  
GLN C   O    doub N N 89  
GLN C   OXT  sing N N 90  
GLN CB  CG   sing N N 91  
GLN CB  HB2  sing N N 92  
GLN CB  HB3  sing N N 93  
GLN CG  CD   sing N N 94  
GLN CG  HG2  sing N N 95  
GLN CG  HG3  sing N N 96  
GLN CD  OE1  doub N N 97  
GLN CD  NE2  sing N N 98  
GLN NE2 HE21 sing N N 99  
GLN NE2 HE22 sing N N 100 
GLN OXT HXT  sing N N 101 
GLU N   CA   sing N N 102 
GLU N   H    sing N N 103 
GLU N   H2   sing N N 104 
GLU CA  C    sing N N 105 
GLU CA  CB   sing N N 106 
GLU CA  HA   sing N N 107 
GLU C   O    doub N N 108 
GLU C   OXT  sing N N 109 
GLU CB  CG   sing N N 110 
GLU CB  HB2  sing N N 111 
GLU CB  HB3  sing N N 112 
GLU CG  CD   sing N N 113 
GLU CG  HG2  sing N N 114 
GLU CG  HG3  sing N N 115 
GLU CD  OE1  doub N N 116 
GLU CD  OE2  sing N N 117 
GLU OE2 HE2  sing N N 118 
GLU OXT HXT  sing N N 119 
GLY N   CA   sing N N 120 
GLY N   H    sing N N 121 
GLY N   H2   sing N N 122 
GLY CA  C    sing N N 123 
GLY CA  HA2  sing N N 124 
GLY CA  HA3  sing N N 125 
GLY C   O    doub N N 126 
GLY C   OXT  sing N N 127 
GLY OXT HXT  sing N N 128 
HOH O   H1   sing N N 129 
HOH O   H2   sing N N 130 
ILE N   CA   sing N N 131 
ILE N   H    sing N N 132 
ILE N   H2   sing N N 133 
ILE CA  C    sing N N 134 
ILE CA  CB   sing N N 135 
ILE CA  HA   sing N N 136 
ILE C   O    doub N N 137 
ILE C   OXT  sing N N 138 
ILE CB  CG1  sing N N 139 
ILE CB  CG2  sing N N 140 
ILE CB  HB   sing N N 141 
ILE CG1 CD1  sing N N 142 
ILE CG1 HG12 sing N N 143 
ILE CG1 HG13 sing N N 144 
ILE CG2 HG21 sing N N 145 
ILE CG2 HG22 sing N N 146 
ILE CG2 HG23 sing N N 147 
ILE CD1 HD11 sing N N 148 
ILE CD1 HD12 sing N N 149 
ILE CD1 HD13 sing N N 150 
ILE OXT HXT  sing N N 151 
LEU N   CA   sing N N 152 
LEU N   H    sing N N 153 
LEU N   H2   sing N N 154 
LEU CA  C    sing N N 155 
LEU CA  CB   sing N N 156 
LEU CA  HA   sing N N 157 
LEU C   O    doub N N 158 
LEU C   OXT  sing N N 159 
LEU CB  CG   sing N N 160 
LEU CB  HB2  sing N N 161 
LEU CB  HB3  sing N N 162 
LEU CG  CD1  sing N N 163 
LEU CG  CD2  sing N N 164 
LEU CG  HG   sing N N 165 
LEU CD1 HD11 sing N N 166 
LEU CD1 HD12 sing N N 167 
LEU CD1 HD13 sing N N 168 
LEU CD2 HD21 sing N N 169 
LEU CD2 HD22 sing N N 170 
LEU CD2 HD23 sing N N 171 
LEU OXT HXT  sing N N 172 
LYS N   CA   sing N N 173 
LYS N   H    sing N N 174 
LYS N   H2   sing N N 175 
LYS CA  C    sing N N 176 
LYS CA  CB   sing N N 177 
LYS CA  HA   sing N N 178 
LYS C   O    doub N N 179 
LYS C   OXT  sing N N 180 
LYS CB  CG   sing N N 181 
LYS CB  HB2  sing N N 182 
LYS CB  HB3  sing N N 183 
LYS CG  CD   sing N N 184 
LYS CG  HG2  sing N N 185 
LYS CG  HG3  sing N N 186 
LYS CD  CE   sing N N 187 
LYS CD  HD2  sing N N 188 
LYS CD  HD3  sing N N 189 
LYS CE  NZ   sing N N 190 
LYS CE  HE2  sing N N 191 
LYS CE  HE3  sing N N 192 
LYS NZ  HZ1  sing N N 193 
LYS NZ  HZ2  sing N N 194 
LYS NZ  HZ3  sing N N 195 
LYS OXT HXT  sing N N 196 
MET N   CA   sing N N 197 
MET N   H    sing N N 198 
MET N   H2   sing N N 199 
MET CA  C    sing N N 200 
MET CA  CB   sing N N 201 
MET CA  HA   sing N N 202 
MET C   O    doub N N 203 
MET C   OXT  sing N N 204 
MET CB  CG   sing N N 205 
MET CB  HB2  sing N N 206 
MET CB  HB3  sing N N 207 
MET CG  SD   sing N N 208 
MET CG  HG2  sing N N 209 
MET CG  HG3  sing N N 210 
MET SD  CE   sing N N 211 
MET CE  HE1  sing N N 212 
MET CE  HE2  sing N N 213 
MET CE  HE3  sing N N 214 
MET OXT HXT  sing N N 215 
PHE N   CA   sing N N 216 
PHE N   H    sing N N 217 
PHE N   H2   sing N N 218 
PHE CA  C    sing N N 219 
PHE CA  CB   sing N N 220 
PHE CA  HA   sing N N 221 
PHE C   O    doub N N 222 
PHE C   OXT  sing N N 223 
PHE CB  CG   sing N N 224 
PHE CB  HB2  sing N N 225 
PHE CB  HB3  sing N N 226 
PHE CG  CD1  doub Y N 227 
PHE CG  CD2  sing Y N 228 
PHE CD1 CE1  sing Y N 229 
PHE CD1 HD1  sing N N 230 
PHE CD2 CE2  doub Y N 231 
PHE CD2 HD2  sing N N 232 
PHE CE1 CZ   doub Y N 233 
PHE CE1 HE1  sing N N 234 
PHE CE2 CZ   sing Y N 235 
PHE CE2 HE2  sing N N 236 
PHE CZ  HZ   sing N N 237 
PHE OXT HXT  sing N N 238 
PRO N   CA   sing N N 239 
PRO N   CD   sing N N 240 
PRO N   H    sing N N 241 
PRO CA  C    sing N N 242 
PRO CA  CB   sing N N 243 
PRO CA  HA   sing N N 244 
PRO C   O    doub N N 245 
PRO C   OXT  sing N N 246 
PRO CB  CG   sing N N 247 
PRO CB  HB2  sing N N 248 
PRO CB  HB3  sing N N 249 
PRO CG  CD   sing N N 250 
PRO CG  HG2  sing N N 251 
PRO CG  HG3  sing N N 252 
PRO CD  HD2  sing N N 253 
PRO CD  HD3  sing N N 254 
PRO OXT HXT  sing N N 255 
SER N   CA   sing N N 256 
SER N   H    sing N N 257 
SER N   H2   sing N N 258 
SER CA  C    sing N N 259 
SER CA  CB   sing N N 260 
SER CA  HA   sing N N 261 
SER C   O    doub N N 262 
SER C   OXT  sing N N 263 
SER CB  OG   sing N N 264 
SER CB  HB2  sing N N 265 
SER CB  HB3  sing N N 266 
SER OG  HG   sing N N 267 
SER OXT HXT  sing N N 268 
THR N   CA   sing N N 269 
THR N   H    sing N N 270 
THR N   H2   sing N N 271 
THR CA  C    sing N N 272 
THR CA  CB   sing N N 273 
THR CA  HA   sing N N 274 
THR C   O    doub N N 275 
THR C   OXT  sing N N 276 
THR CB  OG1  sing N N 277 
THR CB  CG2  sing N N 278 
THR CB  HB   sing N N 279 
THR OG1 HG1  sing N N 280 
THR CG2 HG21 sing N N 281 
THR CG2 HG22 sing N N 282 
THR CG2 HG23 sing N N 283 
THR OXT HXT  sing N N 284 
TRP N   CA   sing N N 285 
TRP N   H    sing N N 286 
TRP N   H2   sing N N 287 
TRP CA  C    sing N N 288 
TRP CA  CB   sing N N 289 
TRP CA  HA   sing N N 290 
TRP C   O    doub N N 291 
TRP C   OXT  sing N N 292 
TRP CB  CG   sing N N 293 
TRP CB  HB2  sing N N 294 
TRP CB  HB3  sing N N 295 
TRP CG  CD1  doub Y N 296 
TRP CG  CD2  sing Y N 297 
TRP CD1 NE1  sing Y N 298 
TRP CD1 HD1  sing N N 299 
TRP CD2 CE2  doub Y N 300 
TRP CD2 CE3  sing Y N 301 
TRP NE1 CE2  sing Y N 302 
TRP NE1 HE1  sing N N 303 
TRP CE2 CZ2  sing Y N 304 
TRP CE3 CZ3  doub Y N 305 
TRP CE3 HE3  sing N N 306 
TRP CZ2 CH2  doub Y N 307 
TRP CZ2 HZ2  sing N N 308 
TRP CZ3 CH2  sing Y N 309 
TRP CZ3 HZ3  sing N N 310 
TRP CH2 HH2  sing N N 311 
TRP OXT HXT  sing N N 312 
TYR N   CA   sing N N 313 
TYR N   H    sing N N 314 
TYR N   H2   sing N N 315 
TYR CA  C    sing N N 316 
TYR CA  CB   sing N N 317 
TYR CA  HA   sing N N 318 
TYR C   O    doub N N 319 
TYR C   OXT  sing N N 320 
TYR CB  CG   sing N N 321 
TYR CB  HB2  sing N N 322 
TYR CB  HB3  sing N N 323 
TYR CG  CD1  doub Y N 324 
TYR CG  CD2  sing Y N 325 
TYR CD1 CE1  sing Y N 326 
TYR CD1 HD1  sing N N 327 
TYR CD2 CE2  doub Y N 328 
TYR CD2 HD2  sing N N 329 
TYR CE1 CZ   doub Y N 330 
TYR CE1 HE1  sing N N 331 
TYR CE2 CZ   sing Y N 332 
TYR CE2 HE2  sing N N 333 
TYR CZ  OH   sing N N 334 
TYR OH  HH   sing N N 335 
TYR OXT HXT  sing N N 336 
VAL N   CA   sing N N 337 
VAL N   H    sing N N 338 
VAL N   H2   sing N N 339 
VAL CA  C    sing N N 340 
VAL CA  CB   sing N N 341 
VAL CA  HA   sing N N 342 
VAL C   O    doub N N 343 
VAL C   OXT  sing N N 344 
VAL CB  CG1  sing N N 345 
VAL CB  CG2  sing N N 346 
VAL CB  HB   sing N N 347 
VAL CG1 HG11 sing N N 348 
VAL CG1 HG12 sing N N 349 
VAL CG1 HG13 sing N N 350 
VAL CG2 HG21 sing N N 351 
VAL CG2 HG22 sing N N 352 
VAL CG2 HG23 sing N N 353 
VAL OXT HXT  sing N N 354 
# 
_pdbx_initial_refinement_model.id               1 
_pdbx_initial_refinement_model.entity_id_list   ? 
_pdbx_initial_refinement_model.type             'experimental model' 
_pdbx_initial_refinement_model.source_name      PDB 
_pdbx_initial_refinement_model.accession_code   1YKA 
_pdbx_initial_refinement_model.details          'PDB entry 1YKA' 
# 
_atom_sites.entry_id                    3IPZ 
_atom_sites.fract_transf_matrix[1][1]   -0.00260780 
_atom_sites.fract_transf_matrix[1][2]   -0.01119384 
_atom_sites.fract_transf_matrix[1][3]   -0.00831207 
_atom_sites.fract_transf_matrix[2][1]   0.01025523 
_atom_sites.fract_transf_matrix[2][2]   -0.00521475 
_atom_sites.fract_transf_matrix[2][3]   -0.00829764 
_atom_sites.fract_transf_matrix[3][1]   0.00512802 
_atom_sites.fract_transf_matrix[3][2]   -0.01106417 
_atom_sites.fract_transf_matrix[3][3]   0.01329123 
_atom_sites.fract_transf_vector[1]      0.113116 
_atom_sites.fract_transf_vector[2]      -0.331288 
_atom_sites.fract_transf_vector[3]      -0.193173 
# 
loop_
_atom_type.symbol 
C 
N 
O 
S 
# 
loop_
_atom_site.group_PDB 
_atom_site.id 
_atom_site.type_symbol 
_atom_site.label_atom_id 
_atom_site.label_alt_id 
_atom_site.label_comp_id 
_atom_site.label_asym_id 
_atom_site.label_entity_id 
_atom_site.label_seq_id 
_atom_site.pdbx_PDB_ins_code 
_atom_site.Cartn_x 
_atom_site.Cartn_y 
_atom_site.Cartn_z 
_atom_site.occupancy 
_atom_site.B_iso_or_equiv 
_atom_site.pdbx_formal_charge 
_atom_site.auth_seq_id 
_atom_site.auth_comp_id 
_atom_site.auth_asym_id 
_atom_site.auth_atom_id 
_atom_site.pdbx_PDB_model_num 
ATOM   1   N N   . SER A 1 1   ? 11.634  -19.464 3.401   1.00 71.37 ? 65  SER A N   1 
ATOM   2   C CA  . SER A 1 1   ? 11.182  -18.205 2.733   1.00 75.85 ? 65  SER A CA  1 
ATOM   3   C C   . SER A 1 1   ? 9.721   -18.322 2.314   1.00 81.50 ? 65  SER A C   1 
ATOM   4   O O   . SER A 1 1   ? 9.149   -19.413 2.325   1.00 83.99 ? 65  SER A O   1 
ATOM   5   C CB  . SER A 1 1   ? 12.043  -17.910 1.498   1.00 76.84 ? 65  SER A CB  1 
ATOM   6   O OG  . SER A 1 1   ? 11.692  -16.672 0.896   1.00 62.79 ? 65  SER A OG  1 
ATOM   7   N N   . ALA A 1 2   ? 9.126   -17.190 1.948   1.00 80.37 ? 66  ALA A N   1 
ATOM   8   C CA  . ALA A 1 2   ? 7.732   -17.155 1.528   1.00 78.81 ? 66  ALA A CA  1 
ATOM   9   C C   . ALA A 1 2   ? 7.595   -16.594 0.113   1.00 76.98 ? 66  ALA A C   1 
ATOM   10  O O   . ALA A 1 2   ? 6.481   -16.341 -0.352  1.00 74.78 ? 66  ALA A O   1 
ATOM   11  C CB  . ALA A 1 2   ? 6.904   -16.317 2.515   1.00 71.80 ? 66  ALA A CB  1 
ATOM   12  N N   . LEU A 1 3   ? 8.722   -16.390 -0.565  1.00 72.41 ? 67  LEU A N   1 
ATOM   13  C CA  . LEU A 1 3   ? 8.687   -15.869 -1.925  1.00 74.37 ? 67  LEU A CA  1 
ATOM   14  C C   . LEU A 1 3   ? 9.770   -16.434 -2.829  1.00 73.97 ? 67  LEU A C   1 
ATOM   15  O O   . LEU A 1 3   ? 10.856  -16.798 -2.380  1.00 81.13 ? 67  LEU A O   1 
ATOM   16  C CB  . LEU A 1 3   ? 8.733   -14.331 -1.929  1.00 80.01 ? 67  LEU A CB  1 
ATOM   17  C CG  . LEU A 1 3   ? 9.849   -13.537 -1.255  1.00 71.26 ? 67  LEU A CG  1 
ATOM   18  C CD1 . LEU A 1 3   ? 11.193  -13.909 -1.842  1.00 83.32 ? 67  LEU A CD1 1 
ATOM   19  C CD2 . LEU A 1 3   ? 9.579   -12.056 -1.456  1.00 72.50 ? 67  LEU A CD2 1 
ATOM   20  N N   . THR A 1 4   ? 9.445   -16.492 -4.117  1.00 67.37 ? 68  THR A N   1 
ATOM   21  C CA  . THR A 1 4   ? 10.318  -17.028 -5.149  1.00 51.74 ? 68  THR A CA  1 
ATOM   22  C C   . THR A 1 4   ? 10.702  -15.956 -6.161  1.00 54.27 ? 68  THR A C   1 
ATOM   23  O O   . THR A 1 4   ? 10.157  -14.854 -6.153  1.00 51.12 ? 68  THR A O   1 
ATOM   24  C CB  . THR A 1 4   ? 9.594   -18.119 -5.911  1.00 52.90 ? 68  THR A CB  1 
ATOM   25  O OG1 . THR A 1 4   ? 8.481   -17.532 -6.599  1.00 52.94 ? 68  THR A OG1 1 
ATOM   26  C CG2 . THR A 1 4   ? 9.076   -19.195 -4.949  1.00 42.63 ? 68  THR A CG2 1 
ATOM   27  N N   . PRO A 1 5   ? 11.647  -16.272 -7.054  1.00 51.85 ? 69  PRO A N   1 
ATOM   28  C CA  . PRO A 1 5   ? 12.064  -15.293 -8.062  1.00 47.02 ? 69  PRO A CA  1 
ATOM   29  C C   . PRO A 1 5   ? 10.906  -14.775 -8.912  1.00 50.04 ? 69  PRO A C   1 
ATOM   30  O O   . PRO A 1 5   ? 10.929  -13.627 -9.359  1.00 50.11 ? 69  PRO A O   1 
ATOM   31  C CB  . PRO A 1 5   ? 13.088  -16.064 -8.887  1.00 49.22 ? 69  PRO A CB  1 
ATOM   32  C CG  . PRO A 1 5   ? 13.758  -16.921 -7.833  1.00 55.23 ? 69  PRO A CG  1 
ATOM   33  C CD  . PRO A 1 5   ? 12.566  -17.429 -7.026  1.00 49.56 ? 69  PRO A CD  1 
ATOM   34  N N   . GLN A 1 6   ? 9.893   -15.609 -9.133  1.00 44.63 ? 70  GLN A N   1 
ATOM   35  C CA  . GLN A 1 6   ? 8.752   -15.190 -9.940  1.00 48.45 ? 70  GLN A CA  1 
ATOM   36  C C   . GLN A 1 6   ? 7.814   -14.311 -9.112  1.00 48.87 ? 70  GLN A C   1 
ATOM   37  O O   . GLN A 1 6   ? 7.347   -13.265 -9.586  1.00 39.28 ? 70  GLN A O   1 
ATOM   38  C CB  . GLN A 1 6   ? 8.008   -16.412 -10.490 1.00 46.10 ? 70  GLN A CB  1 
ATOM   39  C CG  . GLN A 1 6   ? 6.794   -16.104 -11.384 1.00 50.58 ? 70  GLN A CG  1 
ATOM   40  C CD  . GLN A 1 6   ? 7.116   -15.200 -12.572 1.00 59.81 ? 70  GLN A CD  1 
ATOM   41  O OE1 . GLN A 1 6   ? 6.857   -13.996 -12.535 1.00 60.58 ? 70  GLN A OE1 1 
ATOM   42  N NE2 . GLN A 1 6   ? 7.686   -15.780 -13.631 1.00 54.93 ? 70  GLN A NE2 1 
ATOM   43  N N   . LEU A 1 7   ? 7.548   -14.734 -7.878  1.00 42.44 ? 71  LEU A N   1 
ATOM   44  C CA  . LEU A 1 7   ? 6.688   -13.969 -6.989  1.00 46.10 ? 71  LEU A CA  1 
ATOM   45  C C   . LEU A 1 7   ? 7.299   -12.579 -6.789  1.00 46.93 ? 71  LEU A C   1 
ATOM   46  O O   . LEU A 1 7   ? 6.610   -11.565 -6.901  1.00 45.85 ? 71  LEU A O   1 
ATOM   47  C CB  . LEU A 1 7   ? 6.542   -14.660 -5.627  1.00 34.03 ? 71  LEU A CB  1 
ATOM   48  C CG  . LEU A 1 7   ? 5.117   -14.603 -5.057  1.00 48.59 ? 71  LEU A CG  1 
ATOM   49  C CD1 . LEU A 1 7   ? 5.118   -14.957 -3.582  1.00 41.86 ? 71  LEU A CD1 1 
ATOM   50  C CD2 . LEU A 1 7   ? 4.547   -13.213 -5.250  1.00 42.42 ? 71  LEU A CD2 1 
ATOM   51  N N   . LYS A 1 8   ? 8.594   -12.541 -6.495  1.00 43.57 ? 72  LYS A N   1 
ATOM   52  C CA  . LYS A 1 8   ? 9.286   -11.277 -6.287  1.00 53.05 ? 72  LYS A CA  1 
ATOM   53  C C   . LYS A 1 8   ? 9.174   -10.389 -7.532  1.00 51.11 ? 72  LYS A C   1 
ATOM   54  O O   . LYS A 1 8   ? 8.944   -9.184  -7.427  1.00 45.54 ? 72  LYS A O   1 
ATOM   55  C CB  . LYS A 1 8   ? 10.757  -11.534 -5.945  1.00 59.46 ? 72  LYS A CB  1 
ATOM   56  C CG  . LYS A 1 8   ? 11.534  -10.289 -5.531  1.00 72.69 ? 72  LYS A CG  1 
ATOM   57  C CD  . LYS A 1 8   ? 12.934  -10.637 -5.041  1.00 70.75 ? 72  LYS A CD  1 
ATOM   58  C CE  . LYS A 1 8   ? 13.702  -9.394  -4.614  1.00 76.45 ? 72  LYS A CE  1 
ATOM   59  N NZ  . LYS A 1 8   ? 13.887  -8.432  -5.737  1.00 79.23 ? 72  LYS A NZ  1 
ATOM   60  N N   . ASP A 1 9   ? 9.327   -10.991 -8.707  1.00 48.87 ? 73  ASP A N   1 
ATOM   61  C CA  . ASP A 1 9   ? 9.231   -10.253 -9.957  1.00 43.71 ? 73  ASP A CA  1 
ATOM   62  C C   . ASP A 1 9   ? 7.836   -9.684  -10.144 1.00 49.68 ? 73  ASP A C   1 
ATOM   63  O O   . ASP A 1 9   ? 7.670   -8.541  -10.568 1.00 37.33 ? 73  ASP A O   1 
ATOM   64  C CB  . ASP A 1 9   ? 9.572   -11.157 -11.138 1.00 58.33 ? 73  ASP A CB  1 
ATOM   65  C CG  . ASP A 1 9   ? 11.023  -11.041 -11.556 1.00 75.28 ? 73  ASP A CG  1 
ATOM   66  O OD1 . ASP A 1 9   ? 11.901  -11.053 -10.668 1.00 84.93 ? 73  ASP A OD1 1 
ATOM   67  O OD2 . ASP A 1 9   ? 11.288  -10.940 -12.773 1.00 87.75 ? 73  ASP A OD2 1 
ATOM   68  N N   . THR A 1 10  ? 6.829   -10.489 -9.824  1.00 43.87 ? 74  THR A N   1 
ATOM   69  C CA  . THR A 1 10  ? 5.457   -10.043 -9.970  1.00 45.93 ? 74  THR A CA  1 
ATOM   70  C C   . THR A 1 10  ? 5.117   -8.951  -8.969  1.00 42.80 ? 74  THR A C   1 
ATOM   71  O O   . THR A 1 10  ? 4.430   -7.994  -9.314  1.00 40.52 ? 74  THR A O   1 
ATOM   72  C CB  . THR A 1 10  ? 4.471   -11.226 -9.840  1.00 41.10 ? 74  THR A CB  1 
ATOM   73  O OG1 . THR A 1 10  ? 4.586   -12.047 -11.005 1.00 43.21 ? 74  THR A OG1 1 
ATOM   74  C CG2 . THR A 1 10  ? 3.032   -10.736 -9.732  1.00 40.71 ? 74  THR A CG2 1 
ATOM   75  N N   . LEU A 1 11  ? 5.603   -9.087  -7.740  1.00 40.06 ? 75  LEU A N   1 
ATOM   76  C CA  . LEU A 1 11  ? 5.331   -8.080  -6.728  1.00 40.19 ? 75  LEU A CA  1 
ATOM   77  C C   . LEU A 1 11  ? 5.965   -6.762  -7.153  1.00 42.55 ? 75  LEU A C   1 
ATOM   78  O O   . LEU A 1 11  ? 5.346   -5.700  -7.060  1.00 42.65 ? 75  LEU A O   1 
ATOM   79  C CB  . LEU A 1 11  ? 5.871   -8.517  -5.361  1.00 34.28 ? 75  LEU A CB  1 
ATOM   80  C CG  . LEU A 1 11  ? 5.216   -9.774  -4.783  1.00 46.68 ? 75  LEU A CG  1 
ATOM   81  C CD1 . LEU A 1 11  ? 5.708   -10.030 -3.351  1.00 25.72 ? 75  LEU A CD1 1 
ATOM   82  C CD2 . LEU A 1 11  ? 3.702   -9.604  -4.807  1.00 40.00 ? 75  LEU A CD2 1 
ATOM   83  N N   . GLU A 1 12  ? 7.198   -6.836  -7.638  1.00 40.81 ? 76  GLU A N   1 
ATOM   84  C CA  . GLU A 1 12  ? 7.897   -5.645  -8.082  1.00 36.86 ? 76  GLU A CA  1 
ATOM   85  C C   . GLU A 1 12  ? 7.100   -4.983  -9.198  1.00 45.05 ? 76  GLU A C   1 
ATOM   86  O O   . GLU A 1 12  ? 6.992   -3.753  -9.263  1.00 44.69 ? 76  GLU A O   1 
ATOM   87  C CB  . GLU A 1 12  ? 9.290   -6.012  -8.568  1.00 37.04 ? 76  GLU A CB  1 
ATOM   88  C CG  . GLU A 1 12  ? 10.075  -4.853  -9.134  1.00 61.08 ? 76  GLU A CG  1 
ATOM   89  C CD  . GLU A 1 12  ? 11.450  -5.271  -9.616  1.00 70.33 ? 76  GLU A CD  1 
ATOM   90  O OE1 . GLU A 1 12  ? 11.540  -6.271  -10.359 1.00 77.73 ? 76  GLU A OE1 1 
ATOM   91  O OE2 . GLU A 1 12  ? 12.440  -4.601  -9.256  1.00 80.43 ? 76  GLU A OE2 1 
ATOM   92  N N   . LYS A 1 13  ? 6.522   -5.807  -10.067 1.00 49.15 ? 77  LYS A N   1 
ATOM   93  C CA  . LYS A 1 13  ? 5.726   -5.304  -11.179 1.00 40.84 ? 77  LYS A CA  1 
ATOM   94  C C   . LYS A 1 13  ? 4.430   -4.705  -10.647 1.00 42.02 ? 77  LYS A C   1 
ATOM   95  O O   . LYS A 1 13  ? 4.001   -3.625  -11.063 1.00 39.06 ? 77  LYS A O   1 
ATOM   96  C CB  . LYS A 1 13  ? 5.417   -6.437  -12.165 1.00 45.96 ? 77  LYS A CB  1 
ATOM   97  C CG  . LYS A 1 13  ? 4.552   -6.002  -13.348 1.00 46.53 ? 77  LYS A CG  1 
ATOM   98  C CD  . LYS A 1 13  ? 4.278   -7.133  -14.334 1.00 51.46 ? 77  LYS A CD  1 
ATOM   99  C CE  . LYS A 1 13  ? 3.315   -6.671  -15.432 1.00 50.15 ? 77  LYS A CE  1 
ATOM   100 N NZ  . LYS A 1 13  ? 3.097   -7.684  -16.502 1.00 52.04 ? 77  LYS A NZ  1 
ATOM   101 N N   . LEU A 1 14  ? 3.814   -5.415  -9.711  1.00 42.12 ? 78  LEU A N   1 
ATOM   102 C CA  . LEU A 1 14  ? 2.567   -4.973  -9.105  1.00 40.33 ? 78  LEU A CA  1 
ATOM   103 C C   . LEU A 1 14  ? 2.699   -3.610  -8.403  1.00 44.30 ? 78  LEU A C   1 
ATOM   104 O O   . LEU A 1 14  ? 1.873   -2.715  -8.623  1.00 37.31 ? 78  LEU A O   1 
ATOM   105 C CB  . LEU A 1 14  ? 2.086   -6.006  -8.084  1.00 37.08 ? 78  LEU A CB  1 
ATOM   106 C CG  . LEU A 1 14  ? 0.585   -6.250  -7.986  1.00 39.68 ? 78  LEU A CG  1 
ATOM   107 C CD1 . LEU A 1 14  ? 0.299   -6.857  -6.640  1.00 44.29 ? 78  LEU A CD1 1 
ATOM   108 C CD2 . LEU A 1 14  ? -0.198  -4.969  -8.150  1.00 47.91 ? 78  LEU A CD2 1 
ATOM   109 N N   . VAL A 1 15  ? 3.718   -3.448  -7.558  1.00 27.35 ? 79  VAL A N   1 
ATOM   110 C CA  . VAL A 1 15  ? 3.872   -2.179  -6.841  1.00 38.16 ? 79  VAL A CA  1 
ATOM   111 C C   . VAL A 1 15  ? 4.295   -1.009  -7.728  1.00 38.08 ? 79  VAL A C   1 
ATOM   112 O O   . VAL A 1 15  ? 4.175   0.149   -7.329  1.00 41.41 ? 79  VAL A O   1 
ATOM   113 C CB  . VAL A 1 15  ? 4.845   -2.297  -5.630  1.00 30.51 ? 79  VAL A CB  1 
ATOM   114 C CG1 . VAL A 1 15  ? 4.333   -3.364  -4.672  1.00 32.16 ? 79  VAL A CG1 1 
ATOM   115 C CG2 . VAL A 1 15  ? 6.258   -2.602  -6.096  1.00 22.30 ? 79  VAL A CG2 1 
ATOM   116 N N   . ASN A 1 16  ? 4.756   -1.304  -8.938  1.00 40.36 ? 80  ASN A N   1 
ATOM   117 C CA  . ASN A 1 16  ? 5.159   -0.252  -9.863  1.00 39.84 ? 80  ASN A CA  1 
ATOM   118 C C   . ASN A 1 16  ? 4.134   -0.030  -10.970 1.00 39.03 ? 80  ASN A C   1 
ATOM   119 O O   . ASN A 1 16  ? 4.347   0.805   -11.848 1.00 43.53 ? 80  ASN A O   1 
ATOM   120 C CB  . ASN A 1 16  ? 6.522   -0.576  -10.491 1.00 41.28 ? 80  ASN A CB  1 
ATOM   121 C CG  . ASN A 1 16  ? 7.674   -0.376  -9.522  1.00 41.08 ? 80  ASN A CG  1 
ATOM   122 O OD1 . ASN A 1 16  ? 8.084   0.750   -9.254  1.00 53.23 ? 80  ASN A OD1 1 
ATOM   123 N ND2 . ASN A 1 16  ? 8.187   -1.473  -8.976  1.00 44.24 ? 80  ASN A ND2 1 
ATOM   124 N N   . SER A 1 17  ? 3.025   -0.761  -10.930 1.00 42.00 ? 81  SER A N   1 
ATOM   125 C CA  . SER A 1 17  ? 1.993   -0.626  -11.962 1.00 44.34 ? 81  SER A CA  1 
ATOM   126 C C   . SER A 1 17  ? 1.218   0.686   -11.868 1.00 49.54 ? 81  SER A C   1 
ATOM   127 O O   . SER A 1 17  ? 0.621   1.142   -12.845 1.00 54.61 ? 81  SER A O   1 
ATOM   128 C CB  . SER A 1 17  ? 1.027   -1.818  -11.920 1.00 42.83 ? 81  SER A CB  1 
ATOM   129 O OG  . SER A 1 17  ? 0.368   -1.939  -10.671 1.00 42.94 ? 81  SER A OG  1 
ATOM   130 N N   . GLU A 1 18  ? 1.228   1.292   -10.687 1.00 49.71 ? 82  GLU A N   1 
ATOM   131 C CA  . GLU A 1 18  ? 0.559   2.569   -10.484 1.00 38.89 ? 82  GLU A CA  1 
ATOM   132 C C   . GLU A 1 18  ? 1.436   3.391   -9.545  1.00 46.71 ? 82  GLU A C   1 
ATOM   133 O O   . GLU A 1 18  ? 2.304   2.837   -8.857  1.00 45.70 ? 82  GLU A O   1 
ATOM   134 C CB  . GLU A 1 18  ? -0.827  2.378   -9.864  1.00 39.55 ? 82  GLU A CB  1 
ATOM   135 C CG  . GLU A 1 18  ? -1.815  1.578   -10.707 1.00 53.43 ? 82  GLU A CG  1 
ATOM   136 C CD  . GLU A 1 18  ? -2.041  2.154   -12.098 1.00 59.94 ? 82  GLU A CD  1 
ATOM   137 O OE1 . GLU A 1 18  ? -1.922  3.388   -12.277 1.00 61.21 ? 82  GLU A OE1 1 
ATOM   138 O OE2 . GLU A 1 18  ? -2.357  1.366   -13.015 1.00 67.25 ? 82  GLU A OE2 1 
ATOM   139 N N   . LYS A 1 19  ? 1.217   4.708   -9.531  1.00 39.10 ? 83  LYS A N   1 
ATOM   140 C CA  . LYS A 1 19  ? 1.982   5.616   -8.683  1.00 34.26 ? 83  LYS A CA  1 
ATOM   141 C C   . LYS A 1 19  ? 1.747   5.299   -7.217  1.00 34.61 ? 83  LYS A C   1 
ATOM   142 O O   . LYS A 1 19  ? 2.684   5.308   -6.418  1.00 38.45 ? 83  LYS A O   1 
ATOM   143 C CB  . LYS A 1 19  ? 1.586   7.074   -8.946  1.00 40.95 ? 83  LYS A CB  1 
ATOM   144 C CG  . LYS A 1 19  ? 1.865   7.575   -10.354 1.00 46.67 ? 83  LYS A CG  1 
ATOM   145 C CD  . LYS A 1 19  ? 3.346   7.623   -10.644 1.00 51.64 ? 83  LYS A CD  1 
ATOM   146 C CE  . LYS A 1 19  ? 3.607   8.135   -12.046 1.00 45.56 ? 83  LYS A CE  1 
ATOM   147 N NZ  . LYS A 1 19  ? 5.066   8.272   -12.275 1.00 55.90 ? 83  LYS A NZ  1 
ATOM   148 N N   . VAL A 1 20  ? 0.492   5.029   -6.869  1.00 29.09 ? 84  VAL A N   1 
ATOM   149 C CA  . VAL A 1 20  ? 0.121   4.716   -5.496  1.00 25.52 ? 84  VAL A CA  1 
ATOM   150 C C   . VAL A 1 20  ? -0.692  3.419   -5.449  1.00 35.24 ? 84  VAL A C   1 
ATOM   151 O O   . VAL A 1 20  ? -1.776  3.335   -6.024  1.00 41.47 ? 84  VAL A O   1 
ATOM   152 C CB  . VAL A 1 20  ? -0.712  5.858   -4.870  1.00 33.87 ? 84  VAL A CB  1 
ATOM   153 C CG1 . VAL A 1 20  ? -1.032  5.534   -3.403  1.00 22.97 ? 84  VAL A CG1 1 
ATOM   154 C CG2 . VAL A 1 20  ? 0.055   7.183   -4.974  1.00 31.64 ? 84  VAL A CG2 1 
ATOM   155 N N   . VAL A 1 21  ? -0.157  2.416   -4.757  1.00 26.38 ? 85  VAL A N   1 
ATOM   156 C CA  . VAL A 1 21  ? -0.811  1.113   -4.621  1.00 26.87 ? 85  VAL A CA  1 
ATOM   157 C C   . VAL A 1 21  ? -1.006  0.769   -3.140  1.00 30.72 ? 85  VAL A C   1 
ATOM   158 O O   . VAL A 1 21  ? -0.054  0.740   -2.355  1.00 25.37 ? 85  VAL A O   1 
ATOM   159 C CB  . VAL A 1 21  ? 0.038   -0.002  -5.291  1.00 29.65 ? 85  VAL A CB  1 
ATOM   160 C CG1 . VAL A 1 21  ? -0.585  -1.371  -5.043  1.00 31.54 ? 85  VAL A CG1 1 
ATOM   161 C CG2 . VAL A 1 21  ? 0.157   0.267   -6.782  1.00 35.12 ? 85  VAL A CG2 1 
ATOM   162 N N   . LEU A 1 22  ? -2.250  0.500   -2.768  1.00 31.28 ? 86  LEU A N   1 
ATOM   163 C CA  . LEU A 1 22  ? -2.588  0.172   -1.392  1.00 31.99 ? 86  LEU A CA  1 
ATOM   164 C C   . LEU A 1 22  ? -2.999  -1.287  -1.217  1.00 34.96 ? 86  LEU A C   1 
ATOM   165 O O   . LEU A 1 22  ? -3.933  -1.751  -1.854  1.00 33.00 ? 86  LEU A O   1 
ATOM   166 C CB  . LEU A 1 22  ? -3.747  1.051   -0.946  1.00 27.76 ? 86  LEU A CB  1 
ATOM   167 C CG  . LEU A 1 22  ? -4.061  1.325   0.515   1.00 38.83 ? 86  LEU A CG  1 
ATOM   168 C CD1 . LEU A 1 22  ? -5.560  1.215   0.677   1.00 29.85 ? 86  LEU A CD1 1 
ATOM   169 C CD2 . LEU A 1 22  ? -3.326  0.387   1.435   1.00 32.44 ? 86  LEU A CD2 1 
ATOM   170 N N   . PHE A 1 23  ? -2.306  -2.013  -0.353  1.00 40.04 ? 87  PHE A N   1 
ATOM   171 C CA  . PHE A 1 23  ? -2.685  -3.395  -0.085  1.00 36.65 ? 87  PHE A CA  1 
ATOM   172 C C   . PHE A 1 23  ? -3.492  -3.330  1.203   1.00 34.09 ? 87  PHE A C   1 
ATOM   173 O O   . PHE A 1 23  ? -2.975  -2.954  2.237   1.00 33.25 ? 87  PHE A O   1 
ATOM   174 C CB  . PHE A 1 23  ? -1.443  -4.269  0.054   1.00 32.29 ? 87  PHE A CB  1 
ATOM   175 C CG  . PHE A 1 23  ? -0.692  -4.423  -1.232  1.00 39.36 ? 87  PHE A CG  1 
ATOM   176 C CD1 . PHE A 1 23  ? 0.479   -3.701  -1.467  1.00 33.89 ? 87  PHE A CD1 1 
ATOM   177 C CD2 . PHE A 1 23  ? -1.188  -5.250  -2.239  1.00 31.60 ? 87  PHE A CD2 1 
ATOM   178 C CE1 . PHE A 1 23  ? 1.145   -3.794  -2.684  1.00 36.64 ? 87  PHE A CE1 1 
ATOM   179 C CE2 . PHE A 1 23  ? -0.530  -5.357  -3.469  1.00 37.37 ? 87  PHE A CE2 1 
ATOM   180 C CZ  . PHE A 1 23  ? 0.640   -4.626  -3.693  1.00 44.72 ? 87  PHE A CZ  1 
ATOM   181 N N   . MET A 1 24  ? -4.770  -3.685  1.121   1.00 34.86 ? 88  MET A N   1 
ATOM   182 C CA  . MET A 1 24  ? -5.663  -3.592  2.268   1.00 37.36 ? 88  MET A CA  1 
ATOM   183 C C   . MET A 1 24  ? -6.532  -4.811  2.533   1.00 39.50 ? 88  MET A C   1 
ATOM   184 O O   . MET A 1 24  ? -6.506  -5.803  1.799   1.00 44.85 ? 88  MET A O   1 
ATOM   185 C CB  . MET A 1 24  ? -6.593  -2.394  2.071   1.00 34.93 ? 88  MET A CB  1 
ATOM   186 C CG  . MET A 1 24  ? -7.488  -2.540  0.854   1.00 33.62 ? 88  MET A CG  1 
ATOM   187 S SD  . MET A 1 24  ? -8.498  -1.082  0.469   1.00 36.26 ? 88  MET A SD  1 
ATOM   188 C CE  . MET A 1 24  ? -9.555  -1.013  1.944   1.00 25.40 ? 88  MET A CE  1 
ATOM   189 N N   . LYS A 1 25  ? -7.301  -4.720  3.612   1.00 38.28 ? 89  LYS A N   1 
ATOM   190 C CA  . LYS A 1 25  ? -8.235  -5.765  3.989   1.00 37.05 ? 89  LYS A CA  1 
ATOM   191 C C   . LYS A 1 25  ? -9.563  -5.234  3.475   1.00 40.11 ? 89  LYS A C   1 
ATOM   192 O O   . LYS A 1 25  ? -10.128 -4.282  4.028   1.00 37.64 ? 89  LYS A O   1 
ATOM   193 C CB  . LYS A 1 25  ? -8.254  -5.939  5.507   1.00 34.82 ? 89  LYS A CB  1 
ATOM   194 C CG  . LYS A 1 25  ? -6.948  -6.510  6.035   1.00 35.32 ? 89  LYS A CG  1 
ATOM   195 C CD  . LYS A 1 25  ? -7.004  -6.804  7.508   1.00 39.50 ? 89  LYS A CD  1 
ATOM   196 C CE  . LYS A 1 25  ? -5.725  -7.482  7.954   1.00 33.84 ? 89  LYS A CE  1 
ATOM   197 N NZ  . LYS A 1 25  ? -5.715  -7.718  9.431   1.00 36.82 ? 89  LYS A NZ  1 
ATOM   198 N N   . GLY A 1 26  ? -10.035 -5.821  2.381   1.00 37.57 ? 90  GLY A N   1 
ATOM   199 C CA  . GLY A 1 26  ? -11.279 -5.364  1.805   1.00 30.16 ? 90  GLY A CA  1 
ATOM   200 C C   . GLY A 1 26  ? -11.036 -4.537  0.563   1.00 32.07 ? 90  GLY A C   1 
ATOM   201 O O   . GLY A 1 26  ? -10.007 -4.673  -0.101  1.00 30.88 ? 90  GLY A O   1 
ATOM   202 N N   . THR A 1 27  ? -11.984 -3.655  0.269   1.00 33.09 ? 91  THR A N   1 
ATOM   203 C CA  . THR A 1 27  ? -11.928 -2.806  -0.907  1.00 36.68 ? 91  THR A CA  1 
ATOM   204 C C   . THR A 1 27  ? -12.124 -1.364  -0.461  1.00 38.95 ? 91  THR A C   1 
ATOM   205 O O   . THR A 1 27  ? -12.582 -1.114  0.655   1.00 38.07 ? 91  THR A O   1 
ATOM   206 C CB  . THR A 1 27  ? -13.050 -3.211  -1.900  1.00 37.38 ? 91  THR A CB  1 
ATOM   207 O OG1 . THR A 1 27  ? -12.809 -2.605  -3.173  1.00 72.64 ? 91  THR A OG1 1 
ATOM   208 C CG2 . THR A 1 27  ? -14.399 -2.737  -1.390  1.00 36.78 ? 91  THR A CG2 1 
ATOM   209 N N   . ARG A 1 28  ? -11.800 -0.411  -1.327  1.00 42.49 ? 92  ARG A N   1 
ATOM   210 C CA  . ARG A 1 28  ? -11.930 0.994   -0.958  1.00 44.35 ? 92  ARG A CA  1 
ATOM   211 C C   . ARG A 1 28  ? -13.337 1.391   -0.563  1.00 42.28 ? 92  ARG A C   1 
ATOM   212 O O   . ARG A 1 28  ? -13.527 2.246   0.298   1.00 48.50 ? 92  ARG A O   1 
ATOM   213 C CB  . ARG A 1 28  ? -11.441 1.908   -2.085  1.00 46.56 ? 92  ARG A CB  1 
ATOM   214 C CG  . ARG A 1 28  ? -12.537 2.503   -2.951  1.00 57.80 ? 92  ARG A CG  1 
ATOM   215 C CD  . ARG A 1 28  ? -11.931 3.470   -3.943  1.00 54.14 ? 92  ARG A CD  1 
ATOM   216 N NE  . ARG A 1 28  ? -10.823 2.842   -4.652  1.00 57.79 ? 92  ARG A NE  1 
ATOM   217 C CZ  . ARG A 1 28  ? -9.862  3.516   -5.276  1.00 67.15 ? 92  ARG A CZ  1 
ATOM   218 N NH1 . ARG A 1 28  ? -9.874  4.848   -5.282  1.00 62.29 ? 92  ARG A NH1 1 
ATOM   219 N NH2 . ARG A 1 28  ? -8.881  2.855   -5.883  1.00 48.16 ? 92  ARG A NH2 1 
ATOM   220 N N   . ASP A 1 29  ? -14.331 0.783   -1.195  1.00 45.99 ? 93  ASP A N   1 
ATOM   221 C CA  . ASP A 1 29  ? -15.719 1.104   -0.873  1.00 48.77 ? 93  ASP A CA  1 
ATOM   222 C C   . ASP A 1 29  ? -16.206 0.271   0.305   1.00 45.57 ? 93  ASP A C   1 
ATOM   223 O O   . ASP A 1 29  ? -17.159 0.649   0.977   1.00 52.12 ? 93  ASP A O   1 
ATOM   224 C CB  . ASP A 1 29  ? -16.621 0.842   -2.079  1.00 50.77 ? 93  ASP A CB  1 
ATOM   225 C CG  . ASP A 1 29  ? -16.316 1.758   -3.238  1.00 55.38 ? 93  ASP A CG  1 
ATOM   226 O OD1 . ASP A 1 29  ? -16.429 1.296   -4.392  1.00 64.98 ? 93  ASP A OD1 1 
ATOM   227 O OD2 . ASP A 1 29  ? -15.976 2.939   -2.996  1.00 60.18 ? 93  ASP A OD2 1 
ATOM   228 N N   . PHE A 1 30  ? -15.549 -0.864  0.540   1.00 36.00 ? 94  PHE A N   1 
ATOM   229 C CA  . PHE A 1 30  ? -15.927 -1.760  1.630   1.00 42.17 ? 94  PHE A CA  1 
ATOM   230 C C   . PHE A 1 30  ? -14.736 -2.235  2.453   1.00 43.37 ? 94  PHE A C   1 
ATOM   231 O O   . PHE A 1 30  ? -14.327 -3.399  2.370   1.00 41.42 ? 94  PHE A O   1 
ATOM   232 C CB  . PHE A 1 30  ? -16.684 -2.978  1.085   1.00 42.21 ? 94  PHE A CB  1 
ATOM   233 C CG  . PHE A 1 30  ? -17.890 -2.618  0.275   1.00 43.54 ? 94  PHE A CG  1 
ATOM   234 C CD1 . PHE A 1 30  ? -17.825 -2.588  -1.117  1.00 38.42 ? 94  PHE A CD1 1 
ATOM   235 C CD2 . PHE A 1 30  ? -19.070 -2.221  0.906   1.00 39.31 ? 94  PHE A CD2 1 
ATOM   236 C CE1 . PHE A 1 30  ? -18.915 -2.160  -1.869  1.00 34.59 ? 94  PHE A CE1 1 
ATOM   237 C CE2 . PHE A 1 30  ? -20.164 -1.792  0.165   1.00 36.42 ? 94  PHE A CE2 1 
ATOM   238 C CZ  . PHE A 1 30  ? -20.087 -1.759  -1.227  1.00 35.47 ? 94  PHE A CZ  1 
ATOM   239 N N   . PRO A 1 31  ? -14.153 -1.331  3.251   1.00 38.21 ? 95  PRO A N   1 
ATOM   240 C CA  . PRO A 1 31  ? -13.003 -1.695  4.091   1.00 43.66 ? 95  PRO A CA  1 
ATOM   241 C C   . PRO A 1 31  ? -13.419 -2.678  5.197   1.00 47.08 ? 95  PRO A C   1 
ATOM   242 O O   . PRO A 1 31  ? -14.367 -2.437  5.934   1.00 43.44 ? 95  PRO A O   1 
ATOM   243 C CB  . PRO A 1 31  ? -12.527 -0.343  4.632   1.00 39.73 ? 95  PRO A CB  1 
ATOM   244 C CG  . PRO A 1 31  ? -13.782 0.491   4.629   1.00 47.77 ? 95  PRO A CG  1 
ATOM   245 C CD  . PRO A 1 31  ? -14.434 0.112   3.321   1.00 29.78 ? 95  PRO A CD  1 
ATOM   246 N N   . MET A 1 32  ? -12.705 -3.786  5.298   1.00 39.46 ? 96  MET A N   1 
ATOM   247 C CA  . MET A 1 32  ? -13.002 -4.821  6.282   1.00 46.69 ? 96  MET A CA  1 
ATOM   248 C C   . MET A 1 32  ? -12.369 -4.539  7.633   1.00 49.79 ? 96  MET A C   1 
ATOM   249 O O   . MET A 1 32  ? -12.647 -5.222  8.623   1.00 48.88 ? 96  MET A O   1 
ATOM   250 C CB  . MET A 1 32  ? -12.481 -6.167  5.774   1.00 41.06 ? 96  MET A CB  1 
ATOM   251 C CG  . MET A 1 32  ? -13.051 -6.576  4.433   1.00 57.34 ? 96  MET A CG  1 
ATOM   252 S SD  . MET A 1 32  ? -14.769 -7.061  4.572   1.00 47.41 ? 96  MET A SD  1 
ATOM   253 C CE  . MET A 1 32  ? -14.536 -8.718  5.161   1.00 38.49 ? 96  MET A CE  1 
ATOM   254 N N   . CYS A 1 33  ? -11.516 -3.527  7.673   1.00 52.68 ? 97  CYS A N   1 
ATOM   255 C CA  . CYS A 1 33  ? -10.810 -3.201  8.897   1.00 46.26 ? 97  CYS A CA  1 
ATOM   256 C C   . CYS A 1 33  ? -10.629 -1.697  9.097   1.00 51.01 ? 97  CYS A C   1 
ATOM   257 O O   . CYS A 1 33  ? -10.446 -0.945  8.135   1.00 47.71 ? 97  CYS A O   1 
ATOM   258 C CB  . CYS A 1 33  ? -9.461  -3.916  8.858   1.00 43.09 ? 97  CYS A CB  1 
ATOM   259 S SG  . CYS A 1 33  ? -8.264  -3.378  10.036  1.00 53.04 ? 97  CYS A SG  1 
ATOM   260 N N   . GLY A 1 34  ? -10.693 -1.268  10.355  1.00 47.66 ? 98  GLY A N   1 
ATOM   261 C CA  . GLY A 1 34  ? -10.532 0.138   10.673  1.00 36.31 ? 98  GLY A CA  1 
ATOM   262 C C   . GLY A 1 34  ? -9.207  0.705   10.193  1.00 39.91 ? 98  GLY A C   1 
ATOM   263 O O   . GLY A 1 34  ? -9.163  1.821   9.679   1.00 39.92 ? 98  GLY A O   1 
ATOM   264 N N   . PHE A 1 35  ? -8.131  -0.062  10.351  1.00 28.73 ? 99  PHE A N   1 
ATOM   265 C CA  . PHE A 1 35  ? -6.806  0.378   9.926   1.00 32.23 ? 99  PHE A CA  1 
ATOM   266 C C   . PHE A 1 35  ? -6.767  0.591   8.413   1.00 37.56 ? 99  PHE A C   1 
ATOM   267 O O   . PHE A 1 35  ? -6.199  1.577   7.925   1.00 40.12 ? 99  PHE A O   1 
ATOM   268 C CB  . PHE A 1 35  ? -5.765  -0.655  10.372  1.00 32.23 ? 99  PHE A CB  1 
ATOM   269 C CG  . PHE A 1 35  ? -5.829  -0.966  11.851  1.00 42.75 ? 99  PHE A CG  1 
ATOM   270 C CD1 . PHE A 1 35  ? -5.583  -2.255  12.320  1.00 43.52 ? 99  PHE A CD1 1 
ATOM   271 C CD2 . PHE A 1 35  ? -6.159  0.031   12.772  1.00 41.21 ? 99  PHE A CD2 1 
ATOM   272 C CE1 . PHE A 1 35  ? -5.668  -2.553  13.695  1.00 36.29 ? 99  PHE A CE1 1 
ATOM   273 C CE2 . PHE A 1 35  ? -6.247  -0.253  14.141  1.00 47.42 ? 99  PHE A CE2 1 
ATOM   274 C CZ  . PHE A 1 35  ? -6.002  -1.548  14.603  1.00 40.72 ? 99  PHE A CZ  1 
ATOM   275 N N   . SER A 1 36  ? -7.368  -0.333  7.666   1.00 39.00 ? 100 SER A N   1 
ATOM   276 C CA  . SER A 1 36  ? -7.426  -0.190  6.218   1.00 32.62 ? 100 SER A CA  1 
ATOM   277 C C   . SER A 1 36  ? -8.280  1.031   5.862   1.00 34.32 ? 100 SER A C   1 
ATOM   278 O O   . SER A 1 36  ? -7.956  1.788   4.942   1.00 35.91 ? 100 SER A O   1 
ATOM   279 C CB  . SER A 1 36  ? -8.023  -1.442  5.570   1.00 37.05 ? 100 SER A CB  1 
ATOM   280 O OG  . SER A 1 36  ? -7.078  -2.504  5.523   1.00 32.68 ? 100 SER A OG  1 
ATOM   281 N N   . ASN A 1 37  ? -9.363  1.238   6.607   1.00 33.79 ? 101 ASN A N   1 
ATOM   282 C CA  . ASN A 1 37  ? -10.246 2.364   6.338   1.00 30.31 ? 101 ASN A CA  1 
ATOM   283 C C   . ASN A 1 37  ? -9.556  3.721   6.521   1.00 42.38 ? 101 ASN A C   1 
ATOM   284 O O   . ASN A 1 37  ? -9.746  4.638   5.719   1.00 38.97 ? 101 ASN A O   1 
ATOM   285 C CB  . ASN A 1 37  ? -11.478 2.302   7.238   1.00 33.68 ? 101 ASN A CB  1 
ATOM   286 C CG  . ASN A 1 37  ? -12.410 3.482   7.011   1.00 52.21 ? 101 ASN A CG  1 
ATOM   287 O OD1 . ASN A 1 37  ? -12.953 3.661   5.915   1.00 39.49 ? 101 ASN A OD1 1 
ATOM   288 N ND2 . ASN A 1 37  ? -12.585 4.305   8.042   1.00 36.90 ? 101 ASN A ND2 1 
ATOM   289 N N   . THR A 1 38  ? -8.761  3.846   7.578   1.00 37.66 ? 102 THR A N   1 
ATOM   290 C CA  . THR A 1 38  ? -8.055  5.092   7.846   1.00 42.05 ? 102 THR A CA  1 
ATOM   291 C C   . THR A 1 38  ? -7.177  5.502   6.662   1.00 42.49 ? 102 THR A C   1 
ATOM   292 O O   . THR A 1 38  ? -7.202  6.655   6.237   1.00 43.25 ? 102 THR A O   1 
ATOM   293 C CB  . THR A 1 38  ? -7.158  4.975   9.098   1.00 48.66 ? 102 THR A CB  1 
ATOM   294 O OG1 . THR A 1 38  ? -7.953  4.602   10.230  1.00 34.92 ? 102 THR A OG1 1 
ATOM   295 C CG2 . THR A 1 38  ? -6.473  6.310   9.383   1.00 36.26 ? 102 THR A CG2 1 
ATOM   296 N N   . VAL A 1 39  ? -6.400  4.563   6.128   1.00 38.28 ? 103 VAL A N   1 
ATOM   297 C CA  . VAL A 1 39  ? -5.529  4.890   5.005   1.00 40.05 ? 103 VAL A CA  1 
ATOM   298 C C   . VAL A 1 39  ? -6.348  5.303   3.775   1.00 43.60 ? 103 VAL A C   1 
ATOM   299 O O   . VAL A 1 39  ? -6.015  6.289   3.111   1.00 42.94 ? 103 VAL A O   1 
ATOM   300 C CB  . VAL A 1 39  ? -4.571  3.711   4.669   1.00 34.39 ? 103 VAL A CB  1 
ATOM   301 C CG1 . VAL A 1 39  ? -3.695  4.061   3.484   1.00 24.92 ? 103 VAL A CG1 1 
ATOM   302 C CG2 . VAL A 1 39  ? -3.678  3.413   5.869   1.00 24.92 ? 103 VAL A CG2 1 
ATOM   303 N N   . VAL A 1 40  ? -7.421  4.573   3.476   1.00 39.54 ? 104 VAL A N   1 
ATOM   304 C CA  . VAL A 1 40  ? -8.258  4.927   2.337   1.00 39.65 ? 104 VAL A CA  1 
ATOM   305 C C   . VAL A 1 40  ? -8.767  6.361   2.512   1.00 43.44 ? 104 VAL A C   1 
ATOM   306 O O   . VAL A 1 40  ? -8.673  7.187   1.589   1.00 36.82 ? 104 VAL A O   1 
ATOM   307 C CB  . VAL A 1 40  ? -9.484  3.975   2.191   1.00 48.51 ? 104 VAL A CB  1 
ATOM   308 C CG1 . VAL A 1 40  ? -10.511 4.587   1.242   1.00 38.27 ? 104 VAL A CG1 1 
ATOM   309 C CG2 . VAL A 1 40  ? -9.040  2.611   1.651   1.00 33.15 ? 104 VAL A CG2 1 
ATOM   310 N N   . GLN A 1 41  ? -9.304  6.661   3.692   1.00 39.30 ? 105 GLN A N   1 
ATOM   311 C CA  . GLN A 1 41  ? -9.811  8.011   3.941   1.00 43.87 ? 105 GLN A CA  1 
ATOM   312 C C   . GLN A 1 41  ? -8.700  9.052   3.791   1.00 44.62 ? 105 GLN A C   1 
ATOM   313 O O   . GLN A 1 41  ? -8.932  10.142  3.266   1.00 46.23 ? 105 GLN A O   1 
ATOM   314 C CB  . GLN A 1 41  ? -10.454 8.109   5.329   1.00 43.63 ? 105 GLN A CB  1 
ATOM   315 C CG  . GLN A 1 41  ? -11.687 7.217   5.519   1.00 42.75 ? 105 GLN A CG  1 
ATOM   316 C CD  . GLN A 1 41  ? -12.626 7.225   4.308   1.00 60.45 ? 105 GLN A CD  1 
ATOM   317 O OE1 . GLN A 1 41  ? -13.085 8.280   3.862   1.00 66.04 ? 105 GLN A OE1 1 
ATOM   318 N NE2 . GLN A 1 41  ? -12.917 6.037   3.776   1.00 57.50 ? 105 GLN A NE2 1 
ATOM   319 N N   . ILE A 1 42  ? -7.495  8.716   4.248   1.00 41.34 ? 106 ILE A N   1 
ATOM   320 C CA  . ILE A 1 42  ? -6.367  9.632   4.114   1.00 35.35 ? 106 ILE A CA  1 
ATOM   321 C C   . ILE A 1 42  ? -6.198  9.904   2.618   1.00 38.42 ? 106 ILE A C   1 
ATOM   322 O O   . ILE A 1 42  ? -6.156  11.055  2.184   1.00 42.83 ? 106 ILE A O   1 
ATOM   323 C CB  . ILE A 1 42  ? -5.020  9.016   4.615   1.00 36.35 ? 106 ILE A CB  1 
ATOM   324 C CG1 . ILE A 1 42  ? -5.074  8.696   6.100   1.00 29.90 ? 106 ILE A CG1 1 
ATOM   325 C CG2 . ILE A 1 42  ? -3.884  9.970   4.358   1.00 29.16 ? 106 ILE A CG2 1 
ATOM   326 C CD1 . ILE A 1 42  ? -5.395  9.863   7.078   1.00 62.17 ? 106 ILE A CD1 1 
ATOM   327 N N   . LEU A 1 43  ? -6.101  8.828   1.838   1.00 32.42 ? 107 LEU A N   1 
ATOM   328 C CA  . LEU A 1 43  ? -5.903  8.938   0.395   1.00 45.00 ? 107 LEU A CA  1 
ATOM   329 C C   . LEU A 1 43  ? -7.037  9.646   -0.331  1.00 48.69 ? 107 LEU A C   1 
ATOM   330 O O   . LEU A 1 43  ? -6.801  10.347  -1.312  1.00 46.75 ? 107 LEU A O   1 
ATOM   331 C CB  . LEU A 1 43  ? -5.669  7.555   -0.229  1.00 44.37 ? 107 LEU A CB  1 
ATOM   332 C CG  . LEU A 1 43  ? -4.401  6.813   0.204   1.00 34.10 ? 107 LEU A CG  1 
ATOM   333 C CD1 . LEU A 1 43  ? -4.336  5.490   -0.513  1.00 24.60 ? 107 LEU A CD1 1 
ATOM   334 C CD2 . LEU A 1 43  ? -3.156  7.644   -0.103  1.00 37.15 ? 107 LEU A CD2 1 
ATOM   335 N N   . LYS A 1 44  ? -8.267  9.456   0.132   1.00 50.29 ? 108 LYS A N   1 
ATOM   336 C CA  . LYS A 1 44  ? -9.397  10.130  -0.496  1.00 57.40 ? 108 LYS A CA  1 
ATOM   337 C C   . LYS A 1 44  ? -9.357  11.629  -0.161  1.00 57.39 ? 108 LYS A C   1 
ATOM   338 O O   . LYS A 1 44  ? -9.691  12.467  -0.997  1.00 56.56 ? 108 LYS A O   1 
ATOM   339 C CB  . LYS A 1 44  ? -10.724 9.518   -0.037  1.00 58.14 ? 108 LYS A CB  1 
ATOM   340 C CG  . LYS A 1 44  ? -11.031 8.148   -0.648  1.00 63.79 ? 108 LYS A CG  1 
ATOM   341 C CD  . LYS A 1 44  ? -12.466 7.708   -0.355  1.00 67.16 ? 108 LYS A CD  1 
ATOM   342 C CE  . LYS A 1 44  ? -12.796 6.381   -1.034  1.00 79.96 ? 108 LYS A CE  1 
ATOM   343 N NZ  . LYS A 1 44  ? -14.223 5.977   -0.867  1.00 71.51 ? 108 LYS A NZ  1 
ATOM   344 N N   . ASN A 1 45  ? -8.932  11.951  1.058   1.00 53.01 ? 109 ASN A N   1 
ATOM   345 C CA  . ASN A 1 45  ? -8.821  13.330  1.516   1.00 52.18 ? 109 ASN A CA  1 
ATOM   346 C C   . ASN A 1 45  ? -7.860  14.130  0.626   1.00 57.23 ? 109 ASN A C   1 
ATOM   347 O O   . ASN A 1 45  ? -8.143  15.277  0.250   1.00 56.17 ? 109 ASN A O   1 
ATOM   348 C CB  . ASN A 1 45  ? -8.308  13.346  2.960   1.00 63.54 ? 109 ASN A CB  1 
ATOM   349 C CG  . ASN A 1 45  ? -8.008  14.755  3.468   1.00 71.13 ? 109 ASN A CG  1 
ATOM   350 O OD1 . ASN A 1 45  ? -8.897  15.453  3.956   1.00 73.74 ? 109 ASN A OD1 1 
ATOM   351 N ND2 . ASN A 1 45  ? -6.751  15.180  3.343   1.00 62.28 ? 109 ASN A ND2 1 
ATOM   352 N N   . LEU A 1 46  ? -6.729  13.514  0.286   1.00 50.79 ? 110 LEU A N   1 
ATOM   353 C CA  . LEU A 1 46  ? -5.701  14.159  -0.533  1.00 52.49 ? 110 LEU A CA  1 
ATOM   354 C C   . LEU A 1 46  ? -5.994  14.175  -2.024  1.00 49.11 ? 110 LEU A C   1 
ATOM   355 O O   . LEU A 1 46  ? -5.241  14.764  -2.798  1.00 41.23 ? 110 LEU A O   1 
ATOM   356 C CB  . LEU A 1 46  ? -4.342  13.490  -0.306  1.00 49.36 ? 110 LEU A CB  1 
ATOM   357 C CG  . LEU A 1 46  ? -3.840  13.407  1.141   1.00 53.10 ? 110 LEU A CG  1 
ATOM   358 C CD1 . LEU A 1 46  ? -2.472  12.753  1.157   1.00 43.64 ? 110 LEU A CD1 1 
ATOM   359 C CD2 . LEU A 1 46  ? -3.769  14.793  1.761   1.00 45.56 ? 110 LEU A CD2 1 
ATOM   360 N N   . ASN A 1 47  ? -7.081  13.529  -2.428  1.00 49.21 ? 111 ASN A N   1 
ATOM   361 C CA  . ASN A 1 47  ? -7.451  13.485  -3.843  1.00 58.80 ? 111 ASN A CA  1 
ATOM   362 C C   . ASN A 1 47  ? -6.366  12.863  -4.709  1.00 57.13 ? 111 ASN A C   1 
ATOM   363 O O   . ASN A 1 47  ? -6.183  13.241  -5.865  1.00 62.36 ? 111 ASN A O   1 
ATOM   364 C CB  . ASN A 1 47  ? -7.782  14.893  -4.357  1.00 63.45 ? 111 ASN A CB  1 
ATOM   365 C CG  . ASN A 1 47  ? -9.157  15.359  -3.920  1.00 71.61 ? 111 ASN A CG  1 
ATOM   366 O OD1 . ASN A 1 47  ? -10.173 14.804  -4.343  1.00 76.94 ? 111 ASN A OD1 1 
ATOM   367 N ND2 . ASN A 1 47  ? -9.199  16.372  -3.061  1.00 71.03 ? 111 ASN A ND2 1 
ATOM   368 N N   . VAL A 1 48  ? -5.645  11.905  -4.146  1.00 61.07 ? 112 VAL A N   1 
ATOM   369 C CA  . VAL A 1 48  ? -4.597  11.223  -4.890  1.00 56.93 ? 112 VAL A CA  1 
ATOM   370 C C   . VAL A 1 48  ? -5.210  9.947   -5.460  1.00 48.23 ? 112 VAL A C   1 
ATOM   371 O O   . VAL A 1 48  ? -5.917  9.222   -4.759  1.00 54.22 ? 112 VAL A O   1 
ATOM   372 C CB  . VAL A 1 48  ? -3.366  10.877  -3.971  1.00 55.61 ? 112 VAL A CB  1 
ATOM   373 C CG1 . VAL A 1 48  ? -3.655  11.255  -2.531  1.00 55.77 ? 112 VAL A CG1 1 
ATOM   374 C CG2 . VAL A 1 48  ? -3.026  9.401   -4.052  1.00 45.93 ? 112 VAL A CG2 1 
ATOM   375 N N   . PRO A 1 49  ? -4.984  9.682   -6.753  1.00 46.76 ? 113 PRO A N   1 
ATOM   376 C CA  . PRO A 1 49  ? -5.535  8.470   -7.364  1.00 47.51 ? 113 PRO A CA  1 
ATOM   377 C C   . PRO A 1 49  ? -4.686  7.281   -6.922  1.00 45.75 ? 113 PRO A C   1 
ATOM   378 O O   . PRO A 1 49  ? -3.471  7.416   -6.743  1.00 43.24 ? 113 PRO A O   1 
ATOM   379 C CB  . PRO A 1 49  ? -5.411  8.751   -8.860  1.00 45.47 ? 113 PRO A CB  1 
ATOM   380 C CG  . PRO A 1 49  ? -4.153  9.563   -8.942  1.00 48.27 ? 113 PRO A CG  1 
ATOM   381 C CD  . PRO A 1 49  ? -4.269  10.506  -7.747  1.00 47.71 ? 113 PRO A CD  1 
ATOM   382 N N   . PHE A 1 50  ? -5.312  6.123   -6.742  1.00 42.55 ? 114 PHE A N   1 
ATOM   383 C CA  . PHE A 1 50  ? -4.560  4.953   -6.317  1.00 39.68 ? 114 PHE A CA  1 
ATOM   384 C C   . PHE A 1 50  ? -5.242  3.633   -6.643  1.00 43.78 ? 114 PHE A C   1 
ATOM   385 O O   . PHE A 1 50  ? -6.440  3.589   -6.925  1.00 42.76 ? 114 PHE A O   1 
ATOM   386 C CB  . PHE A 1 50  ? -4.299  5.019   -4.808  1.00 39.05 ? 114 PHE A CB  1 
ATOM   387 C CG  . PHE A 1 50  ? -5.550  4.958   -3.971  1.00 38.16 ? 114 PHE A CG  1 
ATOM   388 C CD1 . PHE A 1 50  ? -6.370  6.075   -3.836  1.00 35.82 ? 114 PHE A CD1 1 
ATOM   389 C CD2 . PHE A 1 50  ? -5.919  3.767   -3.337  1.00 32.54 ? 114 PHE A CD2 1 
ATOM   390 C CE1 . PHE A 1 50  ? -7.543  6.012   -3.085  1.00 34.08 ? 114 PHE A CE1 1 
ATOM   391 C CE2 . PHE A 1 50  ? -7.092  3.690   -2.583  1.00 32.53 ? 114 PHE A CE2 1 
ATOM   392 C CZ  . PHE A 1 50  ? -7.905  4.817   -2.459  1.00 32.27 ? 114 PHE A CZ  1 
ATOM   393 N N   . GLU A 1 51  ? -4.460  2.558   -6.612  1.00 36.88 ? 115 GLU A N   1 
ATOM   394 C CA  . GLU A 1 51  ? -4.980  1.227   -6.859  1.00 38.80 ? 115 GLU A CA  1 
ATOM   395 C C   . GLU A 1 51  ? -5.107  0.497   -5.518  1.00 38.78 ? 115 GLU A C   1 
ATOM   396 O O   . GLU A 1 51  ? -4.156  0.451   -4.739  1.00 49.93 ? 115 GLU A O   1 
ATOM   397 C CB  . GLU A 1 51  ? -4.039  0.443   -7.766  1.00 33.30 ? 115 GLU A CB  1 
ATOM   398 C CG  . GLU A 1 51  ? -4.526  -0.974  -8.057  1.00 55.61 ? 115 GLU A CG  1 
ATOM   399 C CD  . GLU A 1 51  ? -5.745  -1.001  -8.969  1.00 66.28 ? 115 GLU A CD  1 
ATOM   400 O OE1 . GLU A 1 51  ? -6.460  -2.030  -8.985  1.00 69.28 ? 115 GLU A OE1 1 
ATOM   401 O OE2 . GLU A 1 51  ? -5.976  0.005   -9.679  1.00 64.49 ? 115 GLU A OE2 1 
ATOM   402 N N   . ASP A 1 52  ? -6.285  -0.052  -5.238  1.00 38.77 ? 116 ASP A N   1 
ATOM   403 C CA  . ASP A 1 52  ? -6.487  -0.790  -3.997  1.00 39.45 ? 116 ASP A CA  1 
ATOM   404 C C   . ASP A 1 52  ? -6.573  -2.283  -4.293  1.00 39.84 ? 116 ASP A C   1 
ATOM   405 O O   . ASP A 1 52  ? -7.308  -2.721  -5.178  1.00 42.93 ? 116 ASP A O   1 
ATOM   406 C CB  . ASP A 1 52  ? -7.748  -0.305  -3.255  1.00 46.01 ? 116 ASP A CB  1 
ATOM   407 C CG  . ASP A 1 52  ? -9.032  -0.515  -4.048  1.00 53.05 ? 116 ASP A CG  1 
ATOM   408 O OD1 . ASP A 1 52  ? -9.097  -0.079  -5.217  1.00 58.84 ? 116 ASP A OD1 1 
ATOM   409 O OD2 . ASP A 1 52  ? -9.988  -1.102  -3.491  1.00 56.54 ? 116 ASP A OD2 1 
ATOM   410 N N   . VAL A 1 53  ? -5.789  -3.058  -3.558  1.00 33.90 ? 117 VAL A N   1 
ATOM   411 C CA  . VAL A 1 53  ? -5.750  -4.501  -3.730  1.00 34.27 ? 117 VAL A CA  1 
ATOM   412 C C   . VAL A 1 53  ? -6.162  -5.211  -2.441  1.00 42.49 ? 117 VAL A C   1 
ATOM   413 O O   . VAL A 1 53  ? -5.561  -5.007  -1.385  1.00 42.81 ? 117 VAL A O   1 
ATOM   414 C CB  . VAL A 1 53  ? -4.335  -4.947  -4.128  1.00 27.48 ? 117 VAL A CB  1 
ATOM   415 C CG1 . VAL A 1 53  ? -4.238  -6.459  -4.167  1.00 31.49 ? 117 VAL A CG1 1 
ATOM   416 C CG2 . VAL A 1 53  ? -3.994  -4.357  -5.472  1.00 36.04 ? 117 VAL A CG2 1 
ATOM   417 N N   . ASN A 1 54  ? -7.192  -6.043  -2.535  1.00 41.34 ? 118 ASN A N   1 
ATOM   418 C CA  . ASN A 1 54  ? -7.678  -6.793  -1.387  1.00 42.90 ? 118 ASN A CA  1 
ATOM   419 C C   . ASN A 1 54  ? -6.811  -8.047  -1.135  1.00 43.61 ? 118 ASN A C   1 
ATOM   420 O O   . ASN A 1 54  ? -6.803  -8.973  -1.943  1.00 49.30 ? 118 ASN A O   1 
ATOM   421 C CB  . ASN A 1 54  ? -9.127  -7.207  -1.643  1.00 43.32 ? 118 ASN A CB  1 
ATOM   422 C CG  . ASN A 1 54  ? -9.821  -7.733  -0.400  1.00 49.56 ? 118 ASN A CG  1 
ATOM   423 O OD1 . ASN A 1 54  ? -9.174  -8.179  0.554   1.00 46.44 ? 118 ASN A OD1 1 
ATOM   424 N ND2 . ASN A 1 54  ? -11.152 -7.704  -0.415  1.00 42.67 ? 118 ASN A ND2 1 
ATOM   425 N N   . ILE A 1 55  ? -6.076  -8.078  -0.024  1.00 40.34 ? 119 ILE A N   1 
ATOM   426 C CA  . ILE A 1 55  ? -5.253  -9.247  0.284   1.00 39.06 ? 119 ILE A CA  1 
ATOM   427 C C   . ILE A 1 55  ? -6.001  -10.295 1.125   1.00 40.77 ? 119 ILE A C   1 
ATOM   428 O O   . ILE A 1 55  ? -5.417  -11.289 1.554   1.00 40.52 ? 119 ILE A O   1 
ATOM   429 C CB  . ILE A 1 55  ? -3.920  -8.853  0.996   1.00 40.30 ? 119 ILE A CB  1 
ATOM   430 C CG1 . ILE A 1 55  ? -4.155  -7.766  2.059   1.00 36.27 ? 119 ILE A CG1 1 
ATOM   431 C CG2 . ILE A 1 55  ? -2.915  -8.386  -0.034  1.00 35.80 ? 119 ILE A CG2 1 
ATOM   432 C CD1 . ILE A 1 55  ? -4.888  -8.242  3.307   1.00 26.19 ? 119 ILE A CD1 1 
ATOM   433 N N   . LEU A 1 56  ? -7.298  -10.078 1.349   1.00 51.95 ? 120 LEU A N   1 
ATOM   434 C CA  . LEU A 1 56  ? -8.111  -11.024 2.124   1.00 60.51 ? 120 LEU A CA  1 
ATOM   435 C C   . LEU A 1 56  ? -8.563  -12.214 1.278   1.00 68.97 ? 120 LEU A C   1 
ATOM   436 O O   . LEU A 1 56  ? -9.153  -13.167 1.791   1.00 69.11 ? 120 LEU A O   1 
ATOM   437 C CB  . LEU A 1 56  ? -9.350  -10.331 2.700   1.00 45.93 ? 120 LEU A CB  1 
ATOM   438 C CG  . LEU A 1 56  ? -9.088  -9.416  3.892   1.00 51.56 ? 120 LEU A CG  1 
ATOM   439 C CD1 . LEU A 1 56  ? -10.399 -8.876  4.399   1.00 46.04 ? 120 LEU A CD1 1 
ATOM   440 C CD2 . LEU A 1 56  ? -8.370  -10.185 4.992   1.00 34.54 ? 120 LEU A CD2 1 
ATOM   441 N N   . GLU A 1 57  ? -8.297  -12.144 -0.022  1.00 78.68 ? 121 GLU A N   1 
ATOM   442 C CA  . GLU A 1 57  ? -8.674  -13.215 -0.933  1.00 77.77 ? 121 GLU A CA  1 
ATOM   443 C C   . GLU A 1 57  ? -7.516  -13.627 -1.832  1.00 77.71 ? 121 GLU A C   1 
ATOM   444 O O   . GLU A 1 57  ? -7.599  -13.529 -3.056  1.00 81.97 ? 121 GLU A O   1 
ATOM   445 C CB  . GLU A 1 57  ? -9.893  -12.794 -1.772  1.00 73.88 ? 121 GLU A CB  1 
ATOM   446 C CG  . GLU A 1 57  ? -9.908  -11.337 -2.214  1.00 66.60 ? 121 GLU A CG  1 
ATOM   447 C CD  . GLU A 1 57  ? -11.299 -10.872 -2.642  1.00 77.16 ? 121 GLU A CD  1 
ATOM   448 O OE1 . GLU A 1 57  ? -12.286 -11.317 -2.017  1.00 83.16 ? 121 GLU A OE1 1 
ATOM   449 O OE2 . GLU A 1 57  ? -11.410 -10.051 -3.581  1.00 61.38 ? 121 GLU A OE2 1 
ATOM   450 N N   . ASN A 1 58  ? -6.437  -14.083 -1.196  1.00 73.50 ? 122 ASN A N   1 
ATOM   451 C CA  . ASN A 1 58  ? -5.221  -14.547 -1.873  1.00 66.29 ? 122 ASN A CA  1 
ATOM   452 C C   . ASN A 1 58  ? -4.107  -14.637 -0.843  1.00 56.61 ? 122 ASN A C   1 
ATOM   453 O O   . ASN A 1 58  ? -3.379  -13.666 -0.622  1.00 53.11 ? 122 ASN A O   1 
ATOM   454 C CB  . ASN A 1 58  ? -4.780  -13.584 -2.977  1.00 61.60 ? 122 ASN A CB  1 
ATOM   455 C CG  . ASN A 1 58  ? -3.657  -14.161 -3.833  1.00 66.23 ? 122 ASN A CG  1 
ATOM   456 O OD1 . ASN A 1 58  ? -2.755  -14.836 -3.321  1.00 50.07 ? 122 ASN A OD1 1 
ATOM   457 N ND2 . ASN A 1 58  ? -3.703  -13.891 -5.139  1.00 59.86 ? 122 ASN A ND2 1 
ATOM   458 N N   . GLU A 1 59  ? -3.965  -15.802 -0.223  1.00 48.42 ? 123 GLU A N   1 
ATOM   459 C CA  . GLU A 1 59  ? -2.949  -15.986 0.801   1.00 46.60 ? 123 GLU A CA  1 
ATOM   460 C C   . GLU A 1 59  ? -1.506  -15.910 0.349   1.00 42.97 ? 123 GLU A C   1 
ATOM   461 O O   . GLU A 1 59  ? -0.666  -15.364 1.061   1.00 54.46 ? 123 GLU A O   1 
ATOM   462 C CB  . GLU A 1 59  ? -3.178  -17.303 1.552   1.00 57.39 ? 123 GLU A CB  1 
ATOM   463 C CG  . GLU A 1 59  ? -4.111  -17.154 2.746   1.00 72.75 ? 123 GLU A CG  1 
ATOM   464 C CD  . GLU A 1 59  ? -3.593  -16.148 3.767   1.00 76.45 ? 123 GLU A CD  1 
ATOM   465 O OE1 . GLU A 1 59  ? -2.585  -16.451 4.448   1.00 51.48 ? 123 GLU A OE1 1 
ATOM   466 O OE2 . GLU A 1 59  ? -4.189  -15.049 3.879   1.00 77.08 ? 123 GLU A OE2 1 
ATOM   467 N N   . MET A 1 60  ? -1.200  -16.460 -0.819  1.00 48.78 ? 124 MET A N   1 
ATOM   468 C CA  . MET A 1 60  ? 0.176   -16.429 -1.297  1.00 45.02 ? 124 MET A CA  1 
ATOM   469 C C   . MET A 1 60  ? 0.647   -14.980 -1.432  1.00 47.44 ? 124 MET A C   1 
ATOM   470 O O   . MET A 1 60  ? 1.760   -14.635 -1.022  1.00 43.97 ? 124 MET A O   1 
ATOM   471 C CB  . MET A 1 60  ? 0.294   -17.144 -2.646  1.00 49.64 ? 124 MET A CB  1 
ATOM   472 C CG  . MET A 1 60  ? 1.733   -17.367 -3.094  1.00 59.36 ? 124 MET A CG  1 
ATOM   473 S SD  . MET A 1 60  ? 1.880   -18.269 -4.653  1.00 66.20 ? 124 MET A SD  1 
ATOM   474 C CE  . MET A 1 60  ? 1.417   -19.934 -4.110  1.00 79.89 ? 124 MET A CE  1 
ATOM   475 N N   . LEU A 1 61  ? -0.210  -14.130 -1.994  1.00 35.29 ? 125 LEU A N   1 
ATOM   476 C CA  . LEU A 1 61  ? 0.145   -12.730 -2.177  1.00 42.44 ? 125 LEU A CA  1 
ATOM   477 C C   . LEU A 1 61  ? 0.349   -12.053 -0.822  1.00 43.87 ? 125 LEU A C   1 
ATOM   478 O O   . LEU A 1 61  ? 1.335   -11.335 -0.622  1.00 41.56 ? 125 LEU A O   1 
ATOM   479 C CB  . LEU A 1 61  ? -0.939  -12.010 -2.981  1.00 32.15 ? 125 LEU A CB  1 
ATOM   480 C CG  . LEU A 1 61  ? -0.786  -10.491 -3.071  1.00 41.74 ? 125 LEU A CG  1 
ATOM   481 C CD1 . LEU A 1 61  ? 0.503   -10.146 -3.788  1.00 41.67 ? 125 LEU A CD1 1 
ATOM   482 C CD2 . LEU A 1 61  ? -1.971  -9.901  -3.800  1.00 39.70 ? 125 LEU A CD2 1 
ATOM   483 N N   . ARG A 1 62  ? -0.576  -12.308 0.101   1.00 39.78 ? 126 ARG A N   1 
ATOM   484 C CA  . ARG A 1 62  ? -0.534  -11.749 1.450   1.00 38.30 ? 126 ARG A CA  1 
ATOM   485 C C   . ARG A 1 62  ? 0.764   -12.104 2.146   1.00 47.08 ? 126 ARG A C   1 
ATOM   486 O O   . ARG A 1 62  ? 1.494   -11.222 2.612   1.00 45.46 ? 126 ARG A O   1 
ATOM   487 C CB  . ARG A 1 62  ? -1.702  -12.287 2.279   1.00 45.68 ? 126 ARG A CB  1 
ATOM   488 C CG  . ARG A 1 62  ? -1.990  -11.509 3.559   1.00 50.89 ? 126 ARG A CG  1 
ATOM   489 C CD  . ARG A 1 62  ? -3.125  -12.151 4.347   1.00 49.09 ? 126 ARG A CD  1 
ATOM   490 N NE  . ARG A 1 62  ? -2.676  -13.303 5.130   1.00 55.26 ? 126 ARG A NE  1 
ATOM   491 C CZ  . ARG A 1 62  ? -2.078  -13.226 6.322   1.00 66.37 ? 126 ARG A CZ  1 
ATOM   492 N NH1 . ARG A 1 62  ? -1.850  -12.046 6.894   1.00 66.15 ? 126 ARG A NH1 1 
ATOM   493 N NH2 . ARG A 1 62  ? -1.694  -14.335 6.942   1.00 67.70 ? 126 ARG A NH2 1 
ATOM   494 N N   . GLN A 1 63  ? 1.048   -13.401 2.220   1.00 44.14 ? 127 GLN A N   1 
ATOM   495 C CA  . GLN A 1 63  ? 2.262   -13.869 2.868   1.00 43.77 ? 127 GLN A CA  1 
ATOM   496 C C   . GLN A 1 63  ? 3.526   -13.397 2.149   1.00 43.25 ? 127 GLN A C   1 
ATOM   497 O O   . GLN A 1 63  ? 4.553   -13.155 2.786   1.00 49.31 ? 127 GLN A O   1 
ATOM   498 C CB  . GLN A 1 63  ? 2.225   -15.397 3.005   1.00 44.66 ? 127 GLN A CB  1 
ATOM   499 C CG  . GLN A 1 63  ? 1.246   -15.868 4.105   1.00 60.52 ? 127 GLN A CG  1 
ATOM   500 C CD  . GLN A 1 63  ? 1.117   -17.386 4.194   1.00 78.56 ? 127 GLN A CD  1 
ATOM   501 O OE1 . GLN A 1 63  ? 2.112   -18.096 4.353   1.00 85.36 ? 127 GLN A OE1 1 
ATOM   502 N NE2 . GLN A 1 63  ? -0.115  -17.887 4.097   1.00 77.49 ? 127 GLN A NE2 1 
ATOM   503 N N   . GLY A 1 64  ? 3.451   -13.248 0.830   1.00 39.58 ? 128 GLY A N   1 
ATOM   504 C CA  . GLY A 1 64  ? 4.602   -12.772 0.080   1.00 35.21 ? 128 GLY A CA  1 
ATOM   505 C C   . GLY A 1 64  ? 4.881   -11.298 0.362   1.00 42.44 ? 128 GLY A C   1 
ATOM   506 O O   . GLY A 1 64  ? 6.034   -10.882 0.508   1.00 42.37 ? 128 GLY A O   1 
ATOM   507 N N   . LEU A 1 65  ? 3.824   -10.496 0.452   1.00 37.40 ? 129 LEU A N   1 
ATOM   508 C CA  . LEU A 1 65  ? 3.985   -9.074  0.720   1.00 37.85 ? 129 LEU A CA  1 
ATOM   509 C C   . LEU A 1 65  ? 4.553   -8.817  2.118   1.00 38.44 ? 129 LEU A C   1 
ATOM   510 O O   . LEU A 1 65  ? 5.354   -7.905  2.308   1.00 39.49 ? 129 LEU A O   1 
ATOM   511 C CB  . LEU A 1 65  ? 2.647   -8.354  0.522   1.00 36.77 ? 129 LEU A CB  1 
ATOM   512 C CG  . LEU A 1 65  ? 2.338   -8.030  -0.946  1.00 34.82 ? 129 LEU A CG  1 
ATOM   513 C CD1 . LEU A 1 65  ? 0.869   -7.677  -1.127  1.00 25.28 ? 129 LEU A CD1 1 
ATOM   514 C CD2 . LEU A 1 65  ? 3.221   -6.893  -1.395  1.00 29.52 ? 129 LEU A CD2 1 
ATOM   515 N N   . LYS A 1 66  ? 4.148   -9.618  3.096   1.00 34.11 ? 130 LYS A N   1 
ATOM   516 C CA  . LYS A 1 66  ? 4.669   -9.457  4.444   1.00 36.39 ? 130 LYS A CA  1 
ATOM   517 C C   . LYS A 1 66  ? 6.196   -9.565  4.402   1.00 38.90 ? 130 LYS A C   1 
ATOM   518 O O   . LYS A 1 66  ? 6.902   -8.838  5.093   1.00 45.99 ? 130 LYS A O   1 
ATOM   519 C CB  . LYS A 1 66  ? 4.105   -10.534 5.380   1.00 28.39 ? 130 LYS A CB  1 
ATOM   520 C CG  . LYS A 1 66  ? 2.652   -10.338 5.772   1.00 28.44 ? 130 LYS A CG  1 
ATOM   521 C CD  . LYS A 1 66  ? 2.113   -11.510 6.603   1.00 40.31 ? 130 LYS A CD  1 
ATOM   522 C CE  . LYS A 1 66  ? 2.885   -11.679 7.922   1.00 56.22 ? 130 LYS A CE  1 
ATOM   523 N NZ  . LYS A 1 66  ? 2.265   -12.666 8.863   1.00 46.78 ? 130 LYS A NZ  1 
ATOM   524 N N   . GLU A 1 67  ? 6.706   -10.471 3.579   1.00 40.73 ? 131 GLU A N   1 
ATOM   525 C CA  . GLU A 1 67  ? 8.143   -10.657 3.486   1.00 41.51 ? 131 GLU A CA  1 
ATOM   526 C C   . GLU A 1 67  ? 8.785   -9.603  2.602   1.00 35.39 ? 131 GLU A C   1 
ATOM   527 O O   . GLU A 1 67  ? 9.838   -9.076  2.934   1.00 39.74 ? 131 GLU A O   1 
ATOM   528 C CB  . GLU A 1 67  ? 8.474   -12.046 2.942   1.00 46.55 ? 131 GLU A CB  1 
ATOM   529 C CG  . GLU A 1 67  ? 9.950   -12.393 3.081   1.00 55.61 ? 131 GLU A CG  1 
ATOM   530 C CD  . GLU A 1 67  ? 10.279  -13.784 2.568   1.00 71.52 ? 131 GLU A CD  1 
ATOM   531 O OE1 . GLU A 1 67  ? 9.600   -14.745 2.995   1.00 68.95 ? 131 GLU A OE1 1 
ATOM   532 O OE2 . GLU A 1 67  ? 11.219  -13.915 1.748   1.00 71.82 ? 131 GLU A OE2 1 
ATOM   533 N N   . TYR A 1 68  ? 8.151   -9.304  1.474   1.00 42.64 ? 132 TYR A N   1 
ATOM   534 C CA  . TYR A 1 68  ? 8.655   -8.300  0.538   1.00 36.86 ? 132 TYR A CA  1 
ATOM   535 C C   . TYR A 1 68  ? 8.773   -6.916  1.195   1.00 39.47 ? 132 TYR A C   1 
ATOM   536 O O   . TYR A 1 68  ? 9.780   -6.234  1.039   1.00 35.45 ? 132 TYR A O   1 
ATOM   537 C CB  . TYR A 1 68  ? 7.718   -8.203  -0.671  1.00 37.04 ? 132 TYR A CB  1 
ATOM   538 C CG  . TYR A 1 68  ? 8.212   -7.320  -1.795  1.00 32.77 ? 132 TYR A CG  1 
ATOM   539 C CD1 . TYR A 1 68  ? 9.196   -7.761  -2.673  1.00 42.67 ? 132 TYR A CD1 1 
ATOM   540 C CD2 . TYR A 1 68  ? 7.681   -6.046  -1.988  1.00 42.00 ? 132 TYR A CD2 1 
ATOM   541 C CE1 . TYR A 1 68  ? 9.637   -6.951  -3.725  1.00 40.85 ? 132 TYR A CE1 1 
ATOM   542 C CE2 . TYR A 1 68  ? 8.115   -5.233  -3.030  1.00 36.77 ? 132 TYR A CE2 1 
ATOM   543 C CZ  . TYR A 1 68  ? 9.091   -5.691  -3.896  1.00 41.42 ? 132 TYR A CZ  1 
ATOM   544 O OH  . TYR A 1 68  ? 9.518   -4.893  -4.939  1.00 48.33 ? 132 TYR A OH  1 
ATOM   545 N N   . SER A 1 69  ? 7.732   -6.511  1.919   1.00 38.81 ? 133 SER A N   1 
ATOM   546 C CA  . SER A 1 69  ? 7.692   -5.211  2.590   1.00 41.82 ? 133 SER A CA  1 
ATOM   547 C C   . SER A 1 69  ? 8.365   -5.239  3.959   1.00 43.15 ? 133 SER A C   1 
ATOM   548 O O   . SER A 1 69  ? 8.703   -4.191  4.513   1.00 40.93 ? 133 SER A O   1 
ATOM   549 C CB  . SER A 1 69  ? 6.239   -4.766  2.796   1.00 37.12 ? 133 SER A CB  1 
ATOM   550 O OG  . SER A 1 69  ? 5.506   -4.836  1.591   1.00 50.02 ? 133 SER A OG  1 
ATOM   551 N N   . ASN A 1 70  ? 8.543   -6.446  4.492   1.00 41.48 ? 134 ASN A N   1 
ATOM   552 C CA  . ASN A 1 70  ? 9.116   -6.665  5.814   1.00 39.56 ? 134 ASN A CA  1 
ATOM   553 C C   . ASN A 1 70  ? 8.270   -5.967  6.878   1.00 39.61 ? 134 ASN A C   1 
ATOM   554 O O   . ASN A 1 70  ? 8.788   -5.347  7.804   1.00 47.54 ? 134 ASN A O   1 
ATOM   555 C CB  . ASN A 1 70  ? 10.559  -6.168  5.891   1.00 47.02 ? 134 ASN A CB  1 
ATOM   556 C CG  . ASN A 1 70  ? 11.242  -6.605  7.180   1.00 60.43 ? 134 ASN A CG  1 
ATOM   557 O OD1 . ASN A 1 70  ? 11.315  -7.798  7.478   1.00 65.85 ? 134 ASN A OD1 1 
ATOM   558 N ND2 . ASN A 1 70  ? 11.734  -5.645  7.952   1.00 62.77 ? 134 ASN A ND2 1 
ATOM   559 N N   . TRP A 1 71  ? 6.958   -6.089  6.727   1.00 34.39 ? 135 TRP A N   1 
ATOM   560 C CA  . TRP A 1 71  ? 5.978   -5.497  7.621   1.00 38.09 ? 135 TRP A CA  1 
ATOM   561 C C   . TRP A 1 71  ? 4.888   -6.566  7.727   1.00 41.43 ? 135 TRP A C   1 
ATOM   562 O O   . TRP A 1 71  ? 4.277   -6.931  6.730   1.00 42.32 ? 135 TRP A O   1 
ATOM   563 C CB  . TRP A 1 71  ? 5.443   -4.193  7.002   1.00 35.48 ? 135 TRP A CB  1 
ATOM   564 C CG  . TRP A 1 71  ? 4.416   -3.523  7.840   1.00 33.76 ? 135 TRP A CG  1 
ATOM   565 C CD1 . TRP A 1 71  ? 3.074   -3.457  7.597   1.00 38.95 ? 135 TRP A CD1 1 
ATOM   566 C CD2 . TRP A 1 71  ? 4.625   -2.920  9.120   1.00 29.51 ? 135 TRP A CD2 1 
ATOM   567 N NE1 . TRP A 1 71  ? 2.432   -2.858  8.655   1.00 44.11 ? 135 TRP A NE1 1 
ATOM   568 C CE2 . TRP A 1 71  ? 3.361   -2.521  9.605   1.00 37.98 ? 135 TRP A CE2 1 
ATOM   569 C CE3 . TRP A 1 71  ? 5.760   -2.685  9.909   1.00 37.34 ? 135 TRP A CE3 1 
ATOM   570 C CZ2 . TRP A 1 71  ? 3.196   -1.896  10.850  1.00 48.83 ? 135 TRP A CZ2 1 
ATOM   571 C CZ3 . TRP A 1 71  ? 5.599   -2.064  11.146  1.00 32.49 ? 135 TRP A CZ3 1 
ATOM   572 C CH2 . TRP A 1 71  ? 4.323   -1.678  11.601  1.00 40.77 ? 135 TRP A CH2 1 
ATOM   573 N N   . PRO A 1 72  ? 4.635   -7.078  8.945   1.00 50.12 ? 136 PRO A N   1 
ATOM   574 C CA  . PRO A 1 72  ? 3.647   -8.123  9.249   1.00 47.07 ? 136 PRO A CA  1 
ATOM   575 C C   . PRO A 1 72  ? 2.159   -7.916  9.006   1.00 40.45 ? 136 PRO A C   1 
ATOM   576 O O   . PRO A 1 72  ? 1.409   -8.885  9.053   1.00 44.64 ? 136 PRO A O   1 
ATOM   577 C CB  . PRO A 1 72  ? 3.938   -8.449  10.712  1.00 44.14 ? 136 PRO A CB  1 
ATOM   578 C CG  . PRO A 1 72  ? 4.306   -7.118  11.260  1.00 46.58 ? 136 PRO A CG  1 
ATOM   579 C CD  . PRO A 1 72  ? 5.240   -6.569  10.192  1.00 40.36 ? 136 PRO A CD  1 
ATOM   580 N N   . THR A 1 73  ? 1.707   -6.691  8.773   1.00 36.50 ? 137 THR A N   1 
ATOM   581 C CA  . THR A 1 73  ? 0.283   -6.497  8.519   1.00 31.87 ? 137 THR A CA  1 
ATOM   582 C C   . THR A 1 73  ? -0.069  -5.607  7.358   1.00 39.91 ? 137 THR A C   1 
ATOM   583 O O   . THR A 1 73  ? 0.770   -5.228  6.546   1.00 36.11 ? 137 THR A O   1 
ATOM   584 C CB  . THR A 1 73  ? -0.480  -5.884  9.699   1.00 47.98 ? 137 THR A CB  1 
ATOM   585 O OG1 . THR A 1 73  ? 0.403   -5.677  10.803  1.00 52.18 ? 137 THR A OG1 1 
ATOM   586 C CG2 . THR A 1 73  ? -1.664  -6.780  10.067  1.00 39.44 ? 137 THR A CG2 1 
ATOM   587 N N   . PHE A 1 74  ? -1.353  -5.268  7.330   1.00 34.23 ? 138 PHE A N   1 
ATOM   588 C CA  . PHE A 1 74  ? -1.933  -4.423  6.319   1.00 39.20 ? 138 PHE A CA  1 
ATOM   589 C C   . PHE A 1 74  ? -2.896  -3.508  7.040   1.00 35.50 ? 138 PHE A C   1 
ATOM   590 O O   . PHE A 1 74  ? -3.470  -3.878  8.066   1.00 40.10 ? 138 PHE A O   1 
ATOM   591 C CB  . PHE A 1 74  ? -2.661  -5.279  5.276   1.00 38.81 ? 138 PHE A CB  1 
ATOM   592 C CG  . PHE A 1 74  ? -1.762  -6.251  4.588   1.00 35.82 ? 138 PHE A CG  1 
ATOM   593 C CD1 . PHE A 1 74  ? -1.545  -7.512  5.121   1.00 35.23 ? 138 PHE A CD1 1 
ATOM   594 C CD2 . PHE A 1 74  ? -1.064  -5.875  3.445   1.00 32.11 ? 138 PHE A CD2 1 
ATOM   595 C CE1 . PHE A 1 74  ? -0.637  -8.384  4.528   1.00 39.03 ? 138 PHE A CE1 1 
ATOM   596 C CE2 . PHE A 1 74  ? -0.157  -6.738  2.844   1.00 35.08 ? 138 PHE A CE2 1 
ATOM   597 C CZ  . PHE A 1 74  ? 0.058   -7.995  3.387   1.00 27.81 ? 138 PHE A CZ  1 
ATOM   598 N N   . PRO A 1 75  ? -3.145  -2.325  6.479   1.00 40.50 ? 139 PRO A N   1 
ATOM   599 C CA  . PRO A 1 75  ? -2.597  -1.810  5.221   1.00 33.10 ? 139 PRO A CA  1 
ATOM   600 C C   . PRO A 1 75  ? -1.098  -1.614  5.047   1.00 33.12 ? 139 PRO A C   1 
ATOM   601 O O   . PRO A 1 75  ? -0.356  -1.324  5.980   1.00 36.11 ? 139 PRO A O   1 
ATOM   602 C CB  . PRO A 1 75  ? -3.344  -0.495  5.049   1.00 30.38 ? 139 PRO A CB  1 
ATOM   603 C CG  . PRO A 1 75  ? -3.452  -0.016  6.468   1.00 32.65 ? 139 PRO A CG  1 
ATOM   604 C CD  . PRO A 1 75  ? -3.910  -1.277  7.181   1.00 34.99 ? 139 PRO A CD  1 
ATOM   605 N N   . GLN A 1 76  ? -0.686  -1.762  3.798   1.00 29.71 ? 140 GLN A N   1 
ATOM   606 C CA  . GLN A 1 76  ? 0.681   -1.564  3.365   1.00 32.21 ? 140 GLN A CA  1 
ATOM   607 C C   . GLN A 1 76  ? 0.547   -0.615  2.173   1.00 33.45 ? 140 GLN A C   1 
ATOM   608 O O   . GLN A 1 76  ? -0.127  -0.932  1.199   1.00 31.09 ? 140 GLN A O   1 
ATOM   609 C CB  . GLN A 1 76  ? 1.315   -2.892  2.928   1.00 29.24 ? 140 GLN A CB  1 
ATOM   610 C CG  . GLN A 1 76  ? 1.930   -3.682  4.067   1.00 34.99 ? 140 GLN A CG  1 
ATOM   611 C CD  . GLN A 1 76  ? 2.606   -4.963  3.612   1.00 35.18 ? 140 GLN A CD  1 
ATOM   612 O OE1 . GLN A 1 76  ? 3.102   -5.059  2.490   1.00 43.71 ? 140 GLN A OE1 1 
ATOM   613 N NE2 . GLN A 1 76  ? 2.645   -5.950  4.498   1.00 32.91 ? 140 GLN A NE2 1 
ATOM   614 N N   . LEU A 1 77  ? 1.187   0.544   2.259   1.00 30.01 ? 141 LEU A N   1 
ATOM   615 C CA  . LEU A 1 77  ? 1.113   1.539   1.199   1.00 27.47 ? 141 LEU A CA  1 
ATOM   616 C C   . LEU A 1 77  ? 2.393   1.659   0.401   1.00 30.46 ? 141 LEU A C   1 
ATOM   617 O O   . LEU A 1 77  ? 3.483   1.761   0.957   1.00 28.33 ? 141 LEU A O   1 
ATOM   618 C CB  . LEU A 1 77  ? 0.768   2.912   1.788   1.00 34.00 ? 141 LEU A CB  1 
ATOM   619 C CG  . LEU A 1 77  ? 0.612   4.113   0.842   1.00 34.42 ? 141 LEU A CG  1 
ATOM   620 C CD1 . LEU A 1 77  ? -0.577  3.897   -0.100  1.00 25.41 ? 141 LEU A CD1 1 
ATOM   621 C CD2 . LEU A 1 77  ? 0.399   5.381   1.670   1.00 24.61 ? 141 LEU A CD2 1 
ATOM   622 N N   . TYR A 1 78  ? 2.254   1.630   -0.917  1.00 26.37 ? 142 TYR A N   1 
ATOM   623 C CA  . TYR A 1 78  ? 3.392   1.784   -1.809  1.00 29.39 ? 142 TYR A CA  1 
ATOM   624 C C   . TYR A 1 78  ? 3.218   3.075   -2.624  1.00 36.44 ? 142 TYR A C   1 
ATOM   625 O O   . TYR A 1 78  ? 2.104   3.409   -3.060  1.00 33.21 ? 142 TYR A O   1 
ATOM   626 C CB  . TYR A 1 78  ? 3.509   0.582   -2.757  1.00 31.81 ? 142 TYR A CB  1 
ATOM   627 C CG  . TYR A 1 78  ? 4.243   -0.601  -2.161  1.00 28.78 ? 142 TYR A CG  1 
ATOM   628 C CD1 . TYR A 1 78  ? 3.603   -1.488  -1.284  1.00 23.21 ? 142 TYR A CD1 1 
ATOM   629 C CD2 . TYR A 1 78  ? 5.592   -0.823  -2.465  1.00 26.95 ? 142 TYR A CD2 1 
ATOM   630 C CE1 . TYR A 1 78  ? 4.299   -2.578  -0.723  1.00 32.04 ? 142 TYR A CE1 1 
ATOM   631 C CE2 . TYR A 1 78  ? 6.290   -1.893  -1.917  1.00 42.26 ? 142 TYR A CE2 1 
ATOM   632 C CZ  . TYR A 1 78  ? 5.643   -2.766  -1.046  1.00 36.76 ? 142 TYR A CZ  1 
ATOM   633 O OH  . TYR A 1 78  ? 6.364   -3.802  -0.492  1.00 53.37 ? 142 TYR A OH  1 
ATOM   634 N N   . ILE A 1 79  ? 4.318   3.799   -2.815  1.00 30.14 ? 143 ILE A N   1 
ATOM   635 C CA  . ILE A 1 79  ? 4.304   5.038   -3.581  1.00 32.60 ? 143 ILE A CA  1 
ATOM   636 C C   . ILE A 1 79  ? 5.558   5.055   -4.431  1.00 38.16 ? 143 ILE A C   1 
ATOM   637 O O   . ILE A 1 79  ? 6.663   4.895   -3.905  1.00 28.40 ? 143 ILE A O   1 
ATOM   638 C CB  . ILE A 1 79  ? 4.312   6.282   -2.663  1.00 36.31 ? 143 ILE A CB  1 
ATOM   639 C CG1 . ILE A 1 79  ? 3.091   6.270   -1.750  1.00 32.46 ? 143 ILE A CG1 1 
ATOM   640 C CG2 . ILE A 1 79  ? 4.295   7.547   -3.498  1.00 32.21 ? 143 ILE A CG2 1 
ATOM   641 C CD1 . ILE A 1 79  ? 3.179   7.203   -0.543  1.00 28.03 ? 143 ILE A CD1 1 
ATOM   642 N N   . GLY A 1 80  ? 5.384   5.245   -5.742  1.00 36.04 ? 144 GLY A N   1 
ATOM   643 C CA  . GLY A 1 80  ? 6.523   5.264   -6.642  1.00 26.56 ? 144 GLY A CA  1 
ATOM   644 C C   . GLY A 1 80  ? 7.223   3.916   -6.673  1.00 34.26 ? 144 GLY A C   1 
ATOM   645 O O   . GLY A 1 80  ? 8.411   3.830   -6.993  1.00 41.80 ? 144 GLY A O   1 
ATOM   646 N N   . GLY A 1 81  ? 6.490   2.860   -6.331  1.00 29.06 ? 145 GLY A N   1 
ATOM   647 C CA  . GLY A 1 81  ? 7.062   1.524   -6.345  1.00 30.50 ? 145 GLY A CA  1 
ATOM   648 C C   . GLY A 1 81  ? 7.922   1.177   -5.145  1.00 39.68 ? 145 GLY A C   1 
ATOM   649 O O   . GLY A 1 81  ? 8.588   0.137   -5.144  1.00 40.49 ? 145 GLY A O   1 
ATOM   650 N N   . GLU A 1 82  ? 7.927   2.038   -4.131  1.00 38.38 ? 146 GLU A N   1 
ATOM   651 C CA  . GLU A 1 82  ? 8.706   1.790   -2.917  1.00 37.97 ? 146 GLU A CA  1 
ATOM   652 C C   . GLU A 1 82  ? 7.750   1.686   -1.749  1.00 36.80 ? 146 GLU A C   1 
ATOM   653 O O   . GLU A 1 82  ? 6.788   2.447   -1.670  1.00 35.38 ? 146 GLU A O   1 
ATOM   654 C CB  . GLU A 1 82  ? 9.700   2.927   -2.655  1.00 38.35 ? 146 GLU A CB  1 
ATOM   655 C CG  . GLU A 1 82  ? 10.732  3.119   -3.766  1.00 54.11 ? 146 GLU A CG  1 
ATOM   656 C CD  . GLU A 1 82  ? 11.695  1.941   -3.888  1.00 62.70 ? 146 GLU A CD  1 
ATOM   657 O OE1 . GLU A 1 82  ? 12.397  1.847   -4.924  1.00 65.42 ? 146 GLU A OE1 1 
ATOM   658 O OE2 . GLU A 1 82  ? 11.757  1.115   -2.949  1.00 61.56 ? 146 GLU A OE2 1 
ATOM   659 N N   . PHE A 1 83  ? 8.000   0.737   -0.851  1.00 34.65 ? 147 PHE A N   1 
ATOM   660 C CA  . PHE A 1 83  ? 7.143   0.559   0.311   1.00 28.52 ? 147 PHE A CA  1 
ATOM   661 C C   . PHE A 1 83  ? 7.235   1.806   1.203   1.00 30.94 ? 147 PHE A C   1 
ATOM   662 O O   . PHE A 1 83  ? 8.314   2.180   1.661   1.00 31.85 ? 147 PHE A O   1 
ATOM   663 C CB  . PHE A 1 83  ? 7.569   -0.690  1.086   1.00 30.11 ? 147 PHE A CB  1 
ATOM   664 C CG  . PHE A 1 83  ? 6.861   -0.863  2.393   1.00 37.03 ? 147 PHE A CG  1 
ATOM   665 C CD1 . PHE A 1 83  ? 5.476   -0.977  2.440   1.00 30.51 ? 147 PHE A CD1 1 
ATOM   666 C CD2 . PHE A 1 83  ? 7.579   -0.885  3.588   1.00 30.62 ? 147 PHE A CD2 1 
ATOM   667 C CE1 . PHE A 1 83  ? 4.803   -1.108  3.673   1.00 30.03 ? 147 PHE A CE1 1 
ATOM   668 C CE2 . PHE A 1 83  ? 6.920   -1.013  4.818   1.00 33.24 ? 147 PHE A CE2 1 
ATOM   669 C CZ  . PHE A 1 83  ? 5.524   -1.124  4.855   1.00 36.59 ? 147 PHE A CZ  1 
ATOM   670 N N   . PHE A 1 84  ? 6.098   2.452   1.440   1.00 31.54 ? 148 PHE A N   1 
ATOM   671 C CA  . PHE A 1 84  ? 6.084   3.647   2.270   1.00 35.19 ? 148 PHE A CA  1 
ATOM   672 C C   . PHE A 1 84  ? 5.873   3.314   3.742   1.00 35.46 ? 148 PHE A C   1 
ATOM   673 O O   . PHE A 1 84  ? 6.577   3.832   4.596   1.00 40.65 ? 148 PHE A O   1 
ATOM   674 C CB  . PHE A 1 84  ? 4.997   4.616   1.807   1.00 35.19 ? 148 PHE A CB  1 
ATOM   675 C CG  . PHE A 1 84  ? 5.060   5.942   2.488   1.00 30.83 ? 148 PHE A CG  1 
ATOM   676 C CD1 . PHE A 1 84  ? 6.042   6.872   2.133   1.00 30.06 ? 148 PHE A CD1 1 
ATOM   677 C CD2 . PHE A 1 84  ? 4.177   6.249   3.520   1.00 26.73 ? 148 PHE A CD2 1 
ATOM   678 C CE1 . PHE A 1 84  ? 6.149   8.080   2.794   1.00 24.60 ? 148 PHE A CE1 1 
ATOM   679 C CE2 . PHE A 1 84  ? 4.273   7.463   4.194   1.00 32.28 ? 148 PHE A CE2 1 
ATOM   680 C CZ  . PHE A 1 84  ? 5.260   8.381   3.834   1.00 38.06 ? 148 PHE A CZ  1 
ATOM   681 N N   . GLY A 1 85  ? 4.902   2.457   4.045   1.00 32.39 ? 149 GLY A N   1 
ATOM   682 C CA  . GLY A 1 85  ? 4.681   2.094   5.434   1.00 30.38 ? 149 GLY A CA  1 
ATOM   683 C C   . GLY A 1 85  ? 3.312   1.522   5.720   1.00 40.91 ? 149 GLY A C   1 
ATOM   684 O O   . GLY A 1 85  ? 2.462   1.450   4.823   1.00 29.57 ? 149 GLY A O   1 
ATOM   685 N N   . GLY A 1 86  ? 3.106   1.095   6.968   1.00 32.20 ? 150 GLY A N   1 
ATOM   686 C CA  . GLY A 1 86  ? 1.819   0.552   7.360   1.00 24.40 ? 150 GLY A CA  1 
ATOM   687 C C   . GLY A 1 86  ? 0.937   1.686   7.855   1.00 35.85 ? 150 GLY A C   1 
ATOM   688 O O   . GLY A 1 86  ? 1.205   2.854   7.572   1.00 35.89 ? 150 GLY A O   1 
ATOM   689 N N   . CYS A 1 87  ? -0.099  1.350   8.617   1.00 36.46 ? 151 CYS A N   1 
ATOM   690 C CA  . CYS A 1 87  ? -1.018  2.356   9.137   1.00 39.09 ? 151 CYS A CA  1 
ATOM   691 C C   . CYS A 1 87  ? -0.377  3.496   9.950   1.00 47.38 ? 151 CYS A C   1 
ATOM   692 O O   . CYS A 1 87  ? -0.512  4.669   9.578   1.00 44.75 ? 151 CYS A O   1 
ATOM   693 C CB  . CYS A 1 87  ? -2.108  1.687   9.984   1.00 46.33 ? 151 CYS A CB  1 
ATOM   694 S SG  . CYS A 1 87  ? -3.529  2.783   10.314  1.00 47.58 ? 151 CYS A SG  1 
ATOM   695 N N   . ASP A 1 88  ? 0.314   3.156   11.044  1.00 39.97 ? 152 ASP A N   1 
ATOM   696 C CA  . ASP A 1 88  ? 0.930   4.159   11.918  1.00 35.89 ? 152 ASP A CA  1 
ATOM   697 C C   . ASP A 1 88  ? 1.843   5.136   11.195  1.00 38.78 ? 152 ASP A C   1 
ATOM   698 O O   . ASP A 1 88  ? 1.774   6.341   11.413  1.00 40.72 ? 152 ASP A O   1 
ATOM   699 C CB  . ASP A 1 88  ? 1.712   3.498   13.056  1.00 35.69 ? 152 ASP A CB  1 
ATOM   700 C CG  . ASP A 1 88  ? 0.823   2.744   14.017  1.00 44.31 ? 152 ASP A CG  1 
ATOM   701 O OD1 . ASP A 1 88  ? -0.206  3.311   14.442  1.00 43.24 ? 152 ASP A OD1 1 
ATOM   702 O OD2 . ASP A 1 88  ? 1.154   1.589   14.357  1.00 47.60 ? 152 ASP A OD2 1 
ATOM   703 N N   . ILE A 1 89  ? 2.702   4.616   10.337  1.00 32.31 ? 153 ILE A N   1 
ATOM   704 C CA  . ILE A 1 89  ? 3.613   5.464   9.599   1.00 34.00 ? 153 ILE A CA  1 
ATOM   705 C C   . ILE A 1 89  ? 2.901   6.343   8.557   1.00 42.96 ? 153 ILE A C   1 
ATOM   706 O O   . ILE A 1 89  ? 3.298   7.489   8.335   1.00 39.20 ? 153 ILE A O   1 
ATOM   707 C CB  . ILE A 1 89  ? 4.720   4.604   8.958   1.00 39.48 ? 153 ILE A CB  1 
ATOM   708 C CG1 . ILE A 1 89  ? 5.717   4.220   10.053  1.00 42.07 ? 153 ILE A CG1 1 
ATOM   709 C CG2 . ILE A 1 89  ? 5.411   5.350   7.820   1.00 26.31 ? 153 ILE A CG2 1 
ATOM   710 C CD1 . ILE A 1 89  ? 6.680   3.095   9.681   1.00 72.74 ? 153 ILE A CD1 1 
ATOM   711 N N   . THR A 1 90  ? 1.838   5.820   7.947   1.00 35.35 ? 154 THR A N   1 
ATOM   712 C CA  . THR A 1 90  ? 1.083   6.577   6.950   1.00 38.68 ? 154 THR A CA  1 
ATOM   713 C C   . THR A 1 90  ? 0.286   7.699   7.610   1.00 33.99 ? 154 THR A C   1 
ATOM   714 O O   . THR A 1 90  ? 0.167   8.799   7.065   1.00 39.45 ? 154 THR A O   1 
ATOM   715 C CB  . THR A 1 90  ? 0.090   5.679   6.165   1.00 30.40 ? 154 THR A CB  1 
ATOM   716 O OG1 . THR A 1 90  ? 0.804   4.628   5.507   1.00 33.33 ? 154 THR A OG1 1 
ATOM   717 C CG2 . THR A 1 90  ? -0.660  6.508   5.121   1.00 33.65 ? 154 THR A CG2 1 
ATOM   718 N N   . LEU A 1 91  ? -0.256  7.416   8.790   1.00 36.20 ? 155 LEU A N   1 
ATOM   719 C CA  . LEU A 1 91  ? -1.040  8.401   9.522   1.00 34.89 ? 155 LEU A CA  1 
ATOM   720 C C   . LEU A 1 91  ? -0.135  9.551   9.949   1.00 39.53 ? 155 LEU A C   1 
ATOM   721 O O   . LEU A 1 91  ? -0.486  10.722  9.808   1.00 48.62 ? 155 LEU A O   1 
ATOM   722 C CB  . LEU A 1 91  ? -1.662  7.758   10.762  1.00 38.68 ? 155 LEU A CB  1 
ATOM   723 C CG  . LEU A 1 91  ? -3.020  8.275   11.253  1.00 46.86 ? 155 LEU A CG  1 
ATOM   724 C CD1 . LEU A 1 91  ? -3.056  8.131   12.765  1.00 46.05 ? 155 LEU A CD1 1 
ATOM   725 C CD2 . LEU A 1 91  ? -3.242  9.734   10.879  1.00 51.37 ? 155 LEU A CD2 1 
ATOM   726 N N   . GLU A 1 92  ? 1.039   9.205   10.468  1.00 35.54 ? 156 GLU A N   1 
ATOM   727 C CA  . GLU A 1 92  ? 1.992   10.208  10.921  1.00 38.86 ? 156 GLU A CA  1 
ATOM   728 C C   . GLU A 1 92  ? 2.500   11.077  9.772   1.00 39.09 ? 156 GLU A C   1 
ATOM   729 O O   . GLU A 1 92  ? 2.561   12.297  9.892   1.00 39.96 ? 156 GLU A O   1 
ATOM   730 C CB  . GLU A 1 92  ? 3.167   9.518   11.620  1.00 38.54 ? 156 GLU A CB  1 
ATOM   731 C CG  . GLU A 1 92  ? 4.277   10.448  12.091  1.00 41.85 ? 156 GLU A CG  1 
ATOM   732 C CD  . GLU A 1 92  ? 3.855   11.376  13.219  1.00 45.53 ? 156 GLU A CD  1 
ATOM   733 O OE1 . GLU A 1 92  ? 2.802   11.131  13.847  1.00 47.99 ? 156 GLU A OE1 1 
ATOM   734 O OE2 . GLU A 1 92  ? 4.599   12.345  13.483  1.00 59.19 ? 156 GLU A OE2 1 
ATOM   735 N N   . ALA A 1 93  ? 2.867   10.449  8.662   1.00 33.21 ? 157 ALA A N   1 
ATOM   736 C CA  . ALA A 1 93  ? 3.367   11.183  7.512   1.00 27.71 ? 157 ALA A CA  1 
ATOM   737 C C   . ALA A 1 93  ? 2.259   12.072  6.967   1.00 38.20 ? 157 ALA A C   1 
ATOM   738 O O   . ALA A 1 93  ? 2.518   13.047  6.262   1.00 34.08 ? 157 ALA A O   1 
ATOM   739 C CB  . ALA A 1 93  ? 3.845   10.227  6.445   1.00 29.42 ? 157 ALA A CB  1 
ATOM   740 N N   . PHE A 1 94  ? 1.018   11.720  7.289   1.00 38.50 ? 158 PHE A N   1 
ATOM   741 C CA  . PHE A 1 94  ? -0.123  12.508  6.854   1.00 39.05 ? 158 PHE A CA  1 
ATOM   742 C C   . PHE A 1 94  ? -0.192  13.789  7.692   1.00 46.97 ? 158 PHE A C   1 
ATOM   743 O O   . PHE A 1 94  ? -0.276  14.889  7.150   1.00 45.13 ? 158 PHE A O   1 
ATOM   744 C CB  . PHE A 1 94  ? -1.414  11.713  7.021   1.00 39.59 ? 158 PHE A CB  1 
ATOM   745 C CG  . PHE A 1 94  ? -2.649  12.515  6.747   1.00 37.97 ? 158 PHE A CG  1 
ATOM   746 C CD1 . PHE A 1 94  ? -2.844  13.108  5.506   1.00 36.07 ? 158 PHE A CD1 1 
ATOM   747 C CD2 . PHE A 1 94  ? -3.616  12.680  7.729   1.00 41.04 ? 158 PHE A CD2 1 
ATOM   748 C CE1 . PHE A 1 94  ? -3.994  13.857  5.244   1.00 43.62 ? 158 PHE A CE1 1 
ATOM   749 C CE2 . PHE A 1 94  ? -4.772  13.430  7.480   1.00 51.13 ? 158 PHE A CE2 1 
ATOM   750 C CZ  . PHE A 1 94  ? -4.960  14.018  6.235   1.00 45.20 ? 158 PHE A CZ  1 
ATOM   751 N N   . LYS A 1 95  ? -0.159  13.633  9.013   1.00 41.81 ? 159 LYS A N   1 
ATOM   752 C CA  . LYS A 1 95  ? -0.194  14.766  9.939   1.00 45.12 ? 159 LYS A CA  1 
ATOM   753 C C   . LYS A 1 95  ? 1.001   15.681  9.695   1.00 44.28 ? 159 LYS A C   1 
ATOM   754 O O   . LYS A 1 95  ? 0.916   16.903  9.786   1.00 48.48 ? 159 LYS A O   1 
ATOM   755 C CB  . LYS A 1 95  ? -0.120  14.275  11.384  1.00 39.62 ? 159 LYS A CB  1 
ATOM   756 C CG  . LYS A 1 95  ? -1.277  13.405  11.835  1.00 50.99 ? 159 LYS A CG  1 
ATOM   757 C CD  . LYS A 1 95  ? -1.040  12.937  13.267  1.00 52.59 ? 159 LYS A CD  1 
ATOM   758 C CE  . LYS A 1 95  ? -2.122  11.979  13.751  1.00 65.70 ? 159 LYS A CE  1 
ATOM   759 N NZ  . LYS A 1 95  ? -1.749  11.368  15.064  1.00 66.30 ? 159 LYS A NZ  1 
ATOM   760 N N   . THR A 1 96  ? 2.117   15.058  9.374   1.00 42.19 ? 160 THR A N   1 
ATOM   761 C CA  . THR A 1 96  ? 3.372   15.738  9.140   1.00 38.20 ? 160 THR A CA  1 
ATOM   762 C C   . THR A 1 96  ? 3.498   16.459  7.799   1.00 49.74 ? 160 THR A C   1 
ATOM   763 O O   . THR A 1 96  ? 4.219   17.457  7.689   1.00 50.72 ? 160 THR A O   1 
ATOM   764 C CB  . THR A 1 96  ? 4.489   14.703  9.297   1.00 43.92 ? 160 THR A CB  1 
ATOM   765 O OG1 . THR A 1 96  ? 5.195   14.955  10.516  1.00 49.75 ? 160 THR A OG1 1 
ATOM   766 C CG2 . THR A 1 96  ? 5.410   14.696  8.119   1.00 30.62 ? 160 THR A CG2 1 
ATOM   767 N N   . GLY A 1 97  ? 2.806   15.957  6.781   1.00 45.46 ? 161 GLY A N   1 
ATOM   768 C CA  . GLY A 1 97  ? 2.890   16.558  5.461   1.00 36.23 ? 161 GLY A CA  1 
ATOM   769 C C   . GLY A 1 97  ? 3.855   15.786  4.571   1.00 42.71 ? 161 GLY A C   1 
ATOM   770 O O   . GLY A 1 97  ? 3.918   16.017  3.355   1.00 40.59 ? 161 GLY A O   1 
ATOM   771 N N   . GLU A 1 98  ? 4.611   14.867  5.179   1.00 37.75 ? 162 GLU A N   1 
ATOM   772 C CA  . GLU A 1 98  ? 5.577   14.024  4.458   1.00 43.57 ? 162 GLU A CA  1 
ATOM   773 C C   . GLU A 1 98  ? 4.880   13.088  3.445   1.00 38.08 ? 162 GLU A C   1 
ATOM   774 O O   . GLU A 1 98  ? 5.424   12.770  2.388   1.00 37.02 ? 162 GLU A O   1 
ATOM   775 C CB  . GLU A 1 98  ? 6.381   13.196  5.460   1.00 41.11 ? 162 GLU A CB  1 
ATOM   776 C CG  . GLU A 1 98  ? 7.412   12.257  4.843   1.00 64.72 ? 162 GLU A CG  1 
ATOM   777 C CD  . GLU A 1 98  ? 8.090   11.364  5.881   1.00 68.85 ? 162 GLU A CD  1 
ATOM   778 O OE1 . GLU A 1 98  ? 8.507   11.893  6.936   1.00 81.33 ? 162 GLU A OE1 1 
ATOM   779 O OE2 . GLU A 1 98  ? 8.215   10.142  5.644   1.00 62.57 ? 162 GLU A OE2 1 
ATOM   780 N N   . LEU A 1 99  ? 3.675   12.649  3.783   1.00 32.78 ? 163 LEU A N   1 
ATOM   781 C CA  . LEU A 1 99  ? 2.902   11.781  2.909   1.00 39.61 ? 163 LEU A CA  1 
ATOM   782 C C   . LEU A 1 99  ? 2.638   12.531  1.594   1.00 32.97 ? 163 LEU A C   1 
ATOM   783 O O   . LEU A 1 99  ? 2.849   12.003  0.508   1.00 39.05 ? 163 LEU A O   1 
ATOM   784 C CB  . LEU A 1 99  ? 1.563   11.435  3.574   1.00 28.78 ? 163 LEU A CB  1 
ATOM   785 C CG  . LEU A 1 99  ? 0.870   10.118  3.205   1.00 40.35 ? 163 LEU A CG  1 
ATOM   786 C CD1 . LEU A 1 99  ? -0.609  10.309  3.382   1.00 31.24 ? 163 LEU A CD1 1 
ATOM   787 C CD2 . LEU A 1 99  ? 1.173   9.697   1.787   1.00 31.01 ? 163 LEU A CD2 1 
ATOM   788 N N   . GLN A 1 100 ? 2.176   13.771  1.707   1.00 42.42 ? 164 GLN A N   1 
ATOM   789 C CA  . GLN A 1 100 ? 1.883   14.588  0.536   1.00 47.65 ? 164 GLN A CA  1 
ATOM   790 C C   . GLN A 1 100 ? 3.132   14.837  -0.297  1.00 46.80 ? 164 GLN A C   1 
ATOM   791 O O   . GLN A 1 100 ? 3.103   14.733  -1.528  1.00 44.29 ? 164 GLN A O   1 
ATOM   792 C CB  . GLN A 1 100 ? 1.247   15.910  0.960   1.00 46.95 ? 164 GLN A CB  1 
ATOM   793 C CG  . GLN A 1 100 ? -0.082  15.730  1.677   1.00 49.11 ? 164 GLN A CG  1 
ATOM   794 C CD  . GLN A 1 100 ? 0.046   15.462  3.183   1.00 61.47 ? 164 GLN A CD  1 
ATOM   795 O OE1 . GLN A 1 100 ? 0.969   14.784  3.649   1.00 47.32 ? 164 GLN A OE1 1 
ATOM   796 N NE2 . GLN A 1 100 ? -0.906  15.986  3.944   1.00 52.27 ? 164 GLN A NE2 1 
ATOM   797 N N   . GLU A 1 101 ? 4.235   15.155  0.371   1.00 44.26 ? 165 GLU A N   1 
ATOM   798 C CA  . GLU A 1 101 ? 5.478   15.385  -0.343  1.00 43.47 ? 165 GLU A CA  1 
ATOM   799 C C   . GLU A 1 101 ? 5.814   14.175  -1.199  1.00 46.83 ? 165 GLU A C   1 
ATOM   800 O O   . GLU A 1 101 ? 6.144   14.316  -2.385  1.00 44.53 ? 165 GLU A O   1 
ATOM   801 C CB  . GLU A 1 101 ? 6.619   15.632  0.635   1.00 56.55 ? 165 GLU A CB  1 
ATOM   802 C CG  . GLU A 1 101 ? 6.719   17.061  1.137   1.00 74.02 ? 165 GLU A CG  1 
ATOM   803 C CD  . GLU A 1 101 ? 7.852   17.228  2.128   1.00 77.56 ? 165 GLU A CD  1 
ATOM   804 O OE1 . GLU A 1 101 ? 8.974   16.764  1.826   1.00 71.74 ? 165 GLU A OE1 1 
ATOM   805 O OE2 . GLU A 1 101 ? 7.618   17.820  3.204   1.00 82.59 ? 165 GLU A OE2 1 
ATOM   806 N N   . GLU A 1 102 ? 5.729   12.989  -0.588  1.00 40.20 ? 166 GLU A N   1 
ATOM   807 C CA  . GLU A 1 102 ? 6.031   11.736  -1.270  1.00 40.91 ? 166 GLU A CA  1 
ATOM   808 C C   . GLU A 1 102 ? 5.155   11.466  -2.477  1.00 35.72 ? 166 GLU A C   1 
ATOM   809 O O   . GLU A 1 102 ? 5.648   11.037  -3.525  1.00 35.58 ? 166 GLU A O   1 
ATOM   810 C CB  . GLU A 1 102 ? 5.915   10.555  -0.307  1.00 44.82 ? 166 GLU A CB  1 
ATOM   811 C CG  . GLU A 1 102 ? 7.237   10.128  0.277   1.00 57.71 ? 166 GLU A CG  1 
ATOM   812 C CD  . GLU A 1 102 ? 8.242   9.769   -0.794  1.00 63.11 ? 166 GLU A CD  1 
ATOM   813 O OE1 . GLU A 1 102 ? 8.018   8.777   -1.528  1.00 49.16 ? 166 GLU A OE1 1 
ATOM   814 O OE2 . GLU A 1 102 ? 9.256   10.488  -0.902  1.00 60.73 ? 166 GLU A OE2 1 
ATOM   815 N N   . VAL A 1 103 ? 3.858   11.698  -2.322  1.00 26.58 ? 167 VAL A N   1 
ATOM   816 C CA  . VAL A 1 103 ? 2.918   11.472  -3.407  1.00 33.21 ? 167 VAL A CA  1 
ATOM   817 C C   . VAL A 1 103 ? 3.209   12.417  -4.573  1.00 35.60 ? 167 VAL A C   1 
ATOM   818 O O   . VAL A 1 103 ? 3.267   11.983  -5.719  1.00 41.89 ? 167 VAL A O   1 
ATOM   819 C CB  . VAL A 1 103 ? 1.472   11.677  -2.934  1.00 35.68 ? 167 VAL A CB  1 
ATOM   820 C CG1 . VAL A 1 103 ? 0.527   11.588  -4.119  1.00 32.72 ? 167 VAL A CG1 1 
ATOM   821 C CG2 . VAL A 1 103 ? 1.108   10.623  -1.872  1.00 36.43 ? 167 VAL A CG2 1 
ATOM   822 N N   . GLU A 1 104 ? 3.395   13.700  -4.270  1.00 35.22 ? 168 GLU A N   1 
ATOM   823 C CA  . GLU A 1 104 ? 3.692   14.708  -5.286  1.00 42.64 ? 168 GLU A CA  1 
ATOM   824 C C   . GLU A 1 104 ? 4.931   14.302  -6.055  1.00 37.89 ? 168 GLU A C   1 
ATOM   825 O O   . GLU A 1 104 ? 4.931   14.278  -7.288  1.00 41.06 ? 168 GLU A O   1 
ATOM   826 C CB  . GLU A 1 104 ? 3.909   16.075  -4.633  1.00 47.67 ? 168 GLU A CB  1 
ATOM   827 C CG  . GLU A 1 104 ? 2.622   16.767  -4.193  1.00 63.46 ? 168 GLU A CG  1 
ATOM   828 C CD  . GLU A 1 104 ? 2.880   18.044  -3.400  1.00 74.73 ? 168 GLU A CD  1 
ATOM   829 O OE1 . GLU A 1 104 ? 3.952   18.665  -3.587  1.00 77.91 ? 168 GLU A OE1 1 
ATOM   830 O OE2 . GLU A 1 104 ? 2.001   18.431  -2.601  1.00 72.93 ? 168 GLU A OE2 1 
ATOM   831 N N   . LYS A 1 105 ? 5.991   13.978  -5.323  1.00 34.19 ? 169 LYS A N   1 
ATOM   832 C CA  . LYS A 1 105 ? 7.238   13.538  -5.937  1.00 37.75 ? 169 LYS A CA  1 
ATOM   833 C C   . LYS A 1 105 ? 6.950   12.392  -6.914  1.00 40.67 ? 169 LYS A C   1 
ATOM   834 O O   . LYS A 1 105 ? 7.452   12.377  -8.031  1.00 47.01 ? 169 LYS A O   1 
ATOM   835 C CB  . LYS A 1 105 ? 8.204   13.075  -4.842  1.00 52.92 ? 169 LYS A CB  1 
ATOM   836 C CG  . LYS A 1 105 ? 9.435   12.319  -5.332  1.00 64.35 ? 169 LYS A CG  1 
ATOM   837 C CD  . LYS A 1 105 ? 10.282  11.862  -4.147  1.00 68.45 ? 169 LYS A CD  1 
ATOM   838 C CE  . LYS A 1 105 ? 11.391  10.904  -4.568  1.00 69.12 ? 169 LYS A CE  1 
ATOM   839 N NZ  . LYS A 1 105 ? 12.158  10.399  -3.388  1.00 74.85 ? 169 LYS A NZ  1 
ATOM   840 N N   . ALA A 1 106 ? 6.116   11.448  -6.483  1.00 35.75 ? 170 ALA A N   1 
ATOM   841 C CA  . ALA A 1 106 ? 5.753   10.296  -7.297  1.00 41.32 ? 170 ALA A CA  1 
ATOM   842 C C   . ALA A 1 106 ? 4.957   10.690  -8.541  1.00 45.63 ? 170 ALA A C   1 
ATOM   843 O O   . ALA A 1 106 ? 5.270   10.265  -9.650  1.00 42.78 ? 170 ALA A O   1 
ATOM   844 C CB  . ALA A 1 106 ? 4.947   9.301   -6.459  1.00 35.51 ? 170 ALA A CB  1 
ATOM   845 N N   . MET A 1 107 ? 3.926   11.503  -8.337  1.00 36.04 ? 171 MET A N   1 
ATOM   846 C CA  . MET A 1 107 ? 3.061   11.968  -9.412  1.00 40.40 ? 171 MET A CA  1 
ATOM   847 C C   . MET A 1 107 ? 3.801   12.771  -10.479 1.00 38.54 ? 171 MET A C   1 
ATOM   848 O O   . MET A 1 107 ? 3.429   12.752  -11.652 1.00 44.54 ? 171 MET A O   1 
ATOM   849 C CB  . MET A 1 107 ? 1.960   12.841  -8.833  1.00 41.82 ? 171 MET A CB  1 
ATOM   850 C CG  . MET A 1 107 ? 0.598   12.483  -9.330  1.00 68.38 ? 171 MET A CG  1 
ATOM   851 S SD  . MET A 1 107 ? -0.036  11.130  -8.386  1.00 62.05 ? 171 MET A SD  1 
ATOM   852 C CE  . MET A 1 107 ? -0.806  12.055  -7.077  1.00 63.24 ? 171 MET A CE  1 
ATOM   853 N N   . CYS A 1 108 ? 4.850   13.471  -10.067 1.00 35.59 ? 172 CYS A N   1 
ATOM   854 C CA  . CYS A 1 108 ? 5.627   14.292  -10.980 1.00 44.04 ? 172 CYS A CA  1 
ATOM   855 C C   . CYS A 1 108 ? 6.809   13.627  -11.665 1.00 48.44 ? 172 CYS A C   1 
ATOM   856 O O   . CYS A 1 108 ? 7.455   14.251  -12.506 1.00 61.30 ? 172 CYS A O   1 
ATOM   857 C CB  . CYS A 1 108 ? 6.117   15.542  -10.258 1.00 43.23 ? 172 CYS A CB  1 
ATOM   858 S SG  . CYS A 1 108 ? 4.783   16.631  -9.741  1.00 41.28 ? 172 CYS A SG  1 
ATOM   859 N N   . SER A 1 109 ? 7.121   12.383  -11.321 1.00 54.18 ? 173 SER A N   1 
ATOM   860 C CA  . SER A 1 109 ? 8.243   11.734  -11.992 1.00 59.34 ? 173 SER A CA  1 
ATOM   861 C C   . SER A 1 109 ? 7.804   11.367  -13.411 1.00 57.97 ? 173 SER A C   1 
ATOM   862 O O   . SER A 1 109 ? 6.579   11.235  -13.635 1.00 60.39 ? 173 SER A O   1 
ATOM   863 C CB  . SER A 1 109 ? 8.678   10.475  -11.234 1.00 58.64 ? 173 SER A CB  1 
ATOM   864 O OG  . SER A 1 109 ? 7.645   9.506   -11.219 1.00 64.04 ? 173 SER A OG  1 
ATOM   865 O OXT . SER A 1 109 ? 8.680   11.216  -14.282 1.00 63.00 ? 173 SER A OXT 1 
HETATM 866 O O   . HOH B 2 .   ? 3.929   2.578   -6.006  1.00 29.34 ? 1   HOH A O   1 
HETATM 867 O O   . HOH B 2 .   ? 5.158   0.413   9.003   1.00 30.31 ? 2   HOH A O   1 
HETATM 868 O O   . HOH B 2 .   ? 3.049   1.506   10.187  1.00 31.31 ? 3   HOH A O   1 
HETATM 869 O O   . HOH B 2 .   ? 0.957   0.393   11.662  1.00 35.68 ? 4   HOH A O   1 
HETATM 870 O O   . HOH B 2 .   ? -8.961  -2.579  -7.252  1.00 38.13 ? 5   HOH A O   1 
HETATM 871 O O   . HOH B 2 .   ? -0.409  -1.472  8.851   1.00 38.34 ? 6   HOH A O   1 
HETATM 872 O O   . HOH B 2 .   ? -2.355  -2.069  10.352  1.00 37.43 ? 7   HOH A O   1 
HETATM 873 O O   . HOH B 2 .   ? 8.179   6.335   5.201   1.00 40.80 ? 8   HOH A O   1 
HETATM 874 O O   . HOH B 2 .   ? -12.465 -5.592  11.160  1.00 39.08 ? 9   HOH A O   1 
HETATM 875 O O   . HOH B 2 .   ? 7.679   5.535   -1.260  1.00 40.95 ? 10  HOH A O   1 
HETATM 876 O O   . HOH B 2 .   ? -6.147  -13.780 2.730   1.00 42.81 ? 11  HOH A O   1 
HETATM 877 O O   . HOH B 2 .   ? -1.639  5.972   -8.376  1.00 45.46 ? 12  HOH A O   1 
HETATM 878 O O   . HOH B 2 .   ? -6.200  -5.555  10.863  1.00 46.69 ? 13  HOH A O   1 
HETATM 879 O O   . HOH B 2 .   ? 5.993   8.730   9.193   1.00 45.02 ? 14  HOH A O   1 
HETATM 880 O O   . HOH B 2 .   ? -3.469  -4.446  11.190  1.00 46.24 ? 15  HOH A O   1 
HETATM 881 O O   . HOH B 2 .   ? -0.679  5.660   -11.685 1.00 46.02 ? 16  HOH A O   1 
HETATM 882 O O   . HOH B 2 .   ? -6.330  -3.526  7.843   1.00 45.01 ? 17  HOH A O   1 
HETATM 883 O O   . HOH B 2 .   ? 4.906   3.695   -9.108  1.00 46.62 ? 18  HOH A O   1 
HETATM 884 O O   . HOH B 2 .   ? 9.119   4.843   0.770   1.00 46.29 ? 19  HOH A O   1 
HETATM 885 O O   . HOH B 2 .   ? -16.006 -2.493  -4.218  1.00 47.94 ? 20  HOH A O   1 
HETATM 886 O O   . HOH B 2 .   ? 10.178  -1.247  -1.288  1.00 47.24 ? 21  HOH A O   1 
HETATM 887 O O   . HOH B 2 .   ? -8.325  -6.414  -5.063  1.00 49.55 ? 22  HOH A O   1 
HETATM 888 O O   . HOH B 2 .   ? -0.435  2.087   5.146   1.00 48.99 ? 23  HOH A O   1 
HETATM 889 O O   . HOH B 2 .   ? 10.202  -3.437  0.048   1.00 49.08 ? 24  HOH A O   1 
HETATM 890 O O   . HOH B 2 .   ? 9.827   -2.173  -4.261  1.00 50.61 ? 25  HOH A O   1 
HETATM 891 O O   . HOH B 2 .   ? -10.287 -13.582 4.430   1.00 48.07 ? 26  HOH A O   1 
HETATM 892 O O   . HOH B 2 .   ? -11.810 14.380  -1.439  1.00 49.86 ? 27  HOH A O   1 
HETATM 893 O O   . HOH B 2 .   ? -0.323  -0.238  16.374  1.00 50.57 ? 28  HOH A O   1 
HETATM 894 O O   . HOH B 2 .   ? -2.917  -9.468  10.601  1.00 52.02 ? 29  HOH A O   1 
HETATM 895 O O   . HOH B 2 .   ? 0.601   8.977   14.347  1.00 50.89 ? 30  HOH A O   1 
HETATM 896 O O   . HOH B 2 .   ? 3.802   -16.708 -0.524  1.00 52.21 ? 31  HOH A O   1 
HETATM 897 O O   . HOH B 2 .   ? 9.180   2.302   5.840   1.00 52.30 ? 32  HOH A O   1 
HETATM 898 O O   . HOH B 2 .   ? 0.299   -19.572 0.943   1.00 54.34 ? 33  HOH A O   1 
HETATM 899 O O   . HOH B 2 .   ? -8.945  11.665  7.783   1.00 54.94 ? 34  HOH A O   1 
HETATM 900 O O   . HOH B 2 .   ? 10.752  -2.519  2.661   1.00 53.34 ? 35  HOH A O   1 
HETATM 901 O O   . HOH B 2 .   ? -4.363  3.676   13.801  1.00 55.15 ? 36  HOH A O   1 
HETATM 902 O O   . HOH B 2 .   ? -11.620 11.307  3.430   1.00 53.80 ? 37  HOH A O   1 
HETATM 903 O O   . HOH B 2 .   ? 3.520   19.018  -0.541  1.00 53.87 ? 38  HOH A O   1 
HETATM 904 O O   . HOH B 2 .   ? 7.591   9.245   -4.652  1.00 54.07 ? 39  HOH A O   1 
HETATM 905 O O   . HOH B 2 .   ? -2.673  -2.980  -11.181 1.00 54.99 ? 40  HOH A O   1 
HETATM 906 O O   . HOH B 2 .   ? 7.646   7.542   -9.096  1.00 53.79 ? 41  HOH A O   1 
HETATM 907 O O   . HOH B 2 .   ? 7.450   12.690  -16.107 1.00 54.77 ? 42  HOH A O   1 
HETATM 908 O O   . HOH B 2 .   ? 0.278   16.529  -10.314 1.00 55.00 ? 43  HOH A O   1 
HETATM 909 O O   . HOH B 2 .   ? 9.054   13.750  2.235   1.00 56.36 ? 44  HOH A O   1 
HETATM 910 O O   . HOH B 2 .   ? 10.787  -1.432  -7.097  1.00 56.48 ? 45  HOH A O   1 
HETATM 911 O O   . HOH B 2 .   ? -18.094 -1.629  -5.312  1.00 56.10 ? 46  HOH A O   1 
HETATM 912 O O   . HOH B 2 .   ? 10.097  -18.716 -9.677  1.00 56.34 ? 47  HOH A O   1 
HETATM 913 O O   . HOH B 2 .   ? 7.152   2.764   -10.420 1.00 58.32 ? 48  HOH A O   1 
HETATM 914 O O   . HOH B 2 .   ? -4.753  -1.215  -15.588 1.00 58.09 ? 49  HOH A O   1 
HETATM 915 O O   . HOH B 2 .   ? -8.238  6.437   -7.184  1.00 57.11 ? 50  HOH A O   1 
HETATM 916 O O   . HOH B 2 .   ? -2.295  -13.874 10.421  1.00 58.61 ? 51  HOH A O   1 
HETATM 917 O O   . HOH B 2 .   ? -8.265  -2.531  -11.209 1.00 58.78 ? 52  HOH A O   1 
HETATM 918 O O   . HOH B 2 .   ? -14.437 -0.597  -3.856  1.00 59.02 ? 53  HOH A O   1 
HETATM 919 O O   . HOH B 2 .   ? -11.161 -3.309  12.833  1.00 60.87 ? 54  HOH A O   1 
HETATM 920 O O   . HOH B 2 .   ? -2.821  16.798  7.571   1.00 60.76 ? 55  HOH A O   1 
HETATM 921 O O   . HOH B 2 .   ? 6.680   12.054  8.922   1.00 59.91 ? 56  HOH A O   1 
HETATM 922 O O   . HOH B 2 .   ? -0.020  -13.523 11.431  1.00 58.29 ? 57  HOH A O   1 
HETATM 923 O O   . HOH B 2 .   ? 7.897   15.676  -15.771 1.00 61.15 ? 58  HOH A O   1 
HETATM 924 O O   . HOH B 2 .   ? 11.085  1.252   1.987   1.00 58.31 ? 59  HOH A O   1 
HETATM 925 O O   . HOH B 2 .   ? -3.269  -9.885  -7.830  1.00 61.80 ? 60  HOH A O   1 
HETATM 926 O O   . HOH B 2 .   ? 5.202   15.642  -15.077 1.00 61.80 ? 61  HOH A O   1 
HETATM 927 O O   . HOH B 2 .   ? 10.576  -17.927 -12.884 1.00 59.76 ? 62  HOH A O   1 
HETATM 928 O O   . HOH B 2 .   ? 10.754  2.076   -7.960  1.00 59.89 ? 63  HOH A O   1 
HETATM 929 O O   . HOH B 2 .   ? 3.531   15.558  14.270  1.00 61.61 ? 64  HOH A O   1 
HETATM 930 O O   . HOH B 2 .   ? 4.980   -2.450  -13.136 1.00 62.91 ? 174 HOH A O   1 
HETATM 931 O O   . HOH B 2 .   ? -7.063  3.014   12.218  1.00 59.55 ? 175 HOH A O   1 
HETATM 932 O O   . HOH B 2 .   ? 4.032   3.868   -12.262 1.00 62.75 ? 176 HOH A O   1 
HETATM 933 O O   . HOH B 2 .   ? 2.097   5.203   -13.571 1.00 62.82 ? 177 HOH A O   1 
HETATM 934 O O   . HOH B 2 .   ? -4.800  -8.855  -9.512  1.00 63.37 ? 178 HOH A O   1 
HETATM 935 O O   . HOH B 2 .   ? -5.163  2.384   -14.568 1.00 65.17 ? 179 HOH A O   1 
HETATM 936 O O   . HOH B 2 .   ? -10.831 16.379  -0.160  1.00 64.85 ? 180 HOH A O   1 
HETATM 937 O O   . HOH B 2 .   ? 13.061  -19.891 -2.387  1.00 64.29 ? 181 HOH A O   1 
HETATM 938 O O   . HOH B 2 .   ? -1.713  16.227  -3.644  1.00 67.46 ? 182 HOH A O   1 
HETATM 939 O O   . HOH B 2 .   ? -6.869  2.657   -10.366 1.00 65.57 ? 183 HOH A O   1 
HETATM 940 O O   . HOH B 2 .   ? -0.624  -15.147 9.083   1.00 67.71 ? 184 HOH A O   1 
HETATM 941 O O   . HOH B 2 .   ? 6.960   -9.983  8.137   1.00 70.43 ? 185 HOH A O   1 
HETATM 942 O O   . HOH B 2 .   ? -4.152  -0.781  -13.146 1.00 68.10 ? 186 HOH A O   1 
HETATM 943 O O   . HOH B 2 .   ? -1.459  2.758   -15.646 1.00 69.32 ? 187 HOH A O   1 
HETATM 944 O O   . HOH B 2 .   ? 3.391   18.518  2.375   1.00 70.54 ? 188 HOH A O   1 
HETATM 945 O O   . HOH B 2 .   ? 9.516   12.870  -0.194  1.00 68.05 ? 189 HOH A O   1 
HETATM 946 O O   . HOH B 2 .   ? 0.462   18.918  6.514   1.00 72.28 ? 190 HOH A O   1 
HETATM 947 O O   . HOH B 2 .   ? 2.582   20.431  6.280   1.00 73.80 ? 191 HOH A O   1 
HETATM 948 O O   . HOH B 2 .   ? 7.328   17.960  5.974   1.00 76.01 ? 192 HOH A O   1 
HETATM 949 O O   . HOH B 2 .   ? -2.542  -12.955 -7.782  1.00 79.53 ? 193 HOH A O   1 
# 
